data_7DU0
# 
_entry.id   7DU0 
# 
_audit_conform.dict_name       mmcif_pdbx.dic 
_audit_conform.dict_version    5.392 
_audit_conform.dict_location   http://mmcif.pdb.org/dictionaries/ascii/mmcif_pdbx.dic 
# 
loop_
_database_2.database_id 
_database_2.database_code 
_database_2.pdbx_database_accession 
_database_2.pdbx_DOI 
PDB   7DU0         pdb_00007du0 10.2210/pdb7du0/pdb 
WWPDB D_1300020142 ?            ?                   
# 
loop_
_pdbx_audit_revision_history.ordinal 
_pdbx_audit_revision_history.data_content_type 
_pdbx_audit_revision_history.major_revision 
_pdbx_audit_revision_history.minor_revision 
_pdbx_audit_revision_history.revision_date 
1 'Structure model' 1 0 2021-11-17 
2 'Structure model' 1 1 2024-05-29 
# 
_pdbx_audit_revision_details.ordinal             1 
_pdbx_audit_revision_details.revision_ordinal    1 
_pdbx_audit_revision_details.data_content_type   'Structure model' 
_pdbx_audit_revision_details.provider            repository 
_pdbx_audit_revision_details.type                'Initial release' 
_pdbx_audit_revision_details.description         ? 
_pdbx_audit_revision_details.details             ? 
# 
_pdbx_audit_revision_group.ordinal             1 
_pdbx_audit_revision_group.revision_ordinal    2 
_pdbx_audit_revision_group.data_content_type   'Structure model' 
_pdbx_audit_revision_group.group               'Data collection' 
# 
loop_
_pdbx_audit_revision_category.ordinal 
_pdbx_audit_revision_category.revision_ordinal 
_pdbx_audit_revision_category.data_content_type 
_pdbx_audit_revision_category.category 
1 2 'Structure model' chem_comp_atom 
2 2 'Structure model' chem_comp_bond 
# 
_pdbx_database_status.status_code                     REL 
_pdbx_database_status.status_code_sf                  REL 
_pdbx_database_status.status_code_mr                  ? 
_pdbx_database_status.entry_id                        7DU0 
_pdbx_database_status.recvd_initial_deposition_date   2021-01-07 
_pdbx_database_status.SG_entry                        N 
_pdbx_database_status.deposit_site                    PDBJ 
_pdbx_database_status.process_site                    PDBJ 
_pdbx_database_status.status_code_cs                  ? 
_pdbx_database_status.status_code_nmr_data            ? 
_pdbx_database_status.methods_development_category    ? 
_pdbx_database_status.pdb_format_compatible           Y 
# 
loop_
_audit_author.name 
_audit_author.pdbx_ordinal 
_audit_author.identifier_ORCID 
'Teng, G.' 1 ? 
'Yue, F.'  2 ? 
# 
_citation.abstract                  ? 
_citation.abstract_id_CAS           ? 
_citation.book_id_ISBN              ? 
_citation.book_publisher            ? 
_citation.book_publisher_city       ? 
_citation.book_title                ? 
_citation.coordinate_linkage        ? 
_citation.country                   UK 
_citation.database_id_Medline       ? 
_citation.details                   ? 
_citation.id                        primary 
_citation.journal_abbrev            'Nucleic Acids Res.' 
_citation.journal_id_ASTM           NARHAD 
_citation.journal_id_CSD            0389 
_citation.journal_id_ISSN           1362-4962 
_citation.journal_full              ? 
_citation.journal_issue             ? 
_citation.journal_volume            49 
_citation.language                  ? 
_citation.page_first                10178 
_citation.page_last                 10191 
_citation.title                     
'Insights into the dual functions of AcrIF14 during the inhibition of type I-F CRISPR-Cas surveillance complex.' 
_citation.year                      2021 
_citation.database_id_CSD           ? 
_citation.pdbx_database_id_DOI      10.1093/nar/gkab738 
_citation.pdbx_database_id_PubMed   34432044 
_citation.unpublished_flag          ? 
# 
loop_
_citation_author.citation_id 
_citation_author.name 
_citation_author.ordinal 
_citation_author.identifier_ORCID 
primary 'Liu, X.'   1  ?                   
primary 'Zhang, L.' 2  ?                   
primary 'Xiu, Y.'   3  ?                   
primary 'Gao, T.'   4  ?                   
primary 'Huang, L.' 5  ?                   
primary 'Xie, Y.'   6  ?                   
primary 'Yang, L.'  7  ?                   
primary 'Wang, W.'  8  ?                   
primary 'Wang, P.'  9  ?                   
primary 'Zhang, Y.' 10 ?                   
primary 'Yang, M.'  11 ?                   
primary 'Feng, Y.'  12 0000-0002-1576-1385 
# 
loop_
_entity.id 
_entity.type 
_entity.src_method 
_entity.pdbx_description 
_entity.formula_weight 
_entity.pdbx_number_of_molecules 
_entity.pdbx_ec 
_entity.pdbx_mutation 
_entity.pdbx_fragment 
_entity.details 
1 polymer man AcrIF14 14368.449 1  ? ? ? ? 
2 water   nat water   18.015    40 ? ? ? ? 
# 
_entity_poly.entity_id                      1 
_entity_poly.type                           'polypeptide(L)' 
_entity_poly.nstd_linkage                   no 
_entity_poly.nstd_monomer                   no 
_entity_poly.pdbx_seq_one_letter_code       
;AMKKIEMIEISQNRQNLTAFLHISEIKAINAKLADGVDVDKKSFDEICSIVLEQYQAKQISNKQASEIFETLAKANKSFK
IEKFRCSHGYNEIYKYSPDHEAYLFYCKGGQGQLNKLIAENGRFM
;
_entity_poly.pdbx_seq_one_letter_code_can   
;AMKKIEMIEISQNRQNLTAFLHISEIKAINAKLADGVDVDKKSFDEICSIVLEQYQAKQISNKQASEIFETLAKANKSFK
IEKFRCSHGYNEIYKYSPDHEAYLFYCKGGQGQLNKLIAENGRFM
;
_entity_poly.pdbx_strand_id                 A 
_entity_poly.pdbx_target_identifier         ? 
# 
_pdbx_entity_nonpoly.entity_id   2 
_pdbx_entity_nonpoly.name        water 
_pdbx_entity_nonpoly.comp_id     HOH 
# 
loop_
_entity_poly_seq.entity_id 
_entity_poly_seq.num 
_entity_poly_seq.mon_id 
_entity_poly_seq.hetero 
1 1   ALA n 
1 2   MET n 
1 3   LYS n 
1 4   LYS n 
1 5   ILE n 
1 6   GLU n 
1 7   MET n 
1 8   ILE n 
1 9   GLU n 
1 10  ILE n 
1 11  SER n 
1 12  GLN n 
1 13  ASN n 
1 14  ARG n 
1 15  GLN n 
1 16  ASN n 
1 17  LEU n 
1 18  THR n 
1 19  ALA n 
1 20  PHE n 
1 21  LEU n 
1 22  HIS n 
1 23  ILE n 
1 24  SER n 
1 25  GLU n 
1 26  ILE n 
1 27  LYS n 
1 28  ALA n 
1 29  ILE n 
1 30  ASN n 
1 31  ALA n 
1 32  LYS n 
1 33  LEU n 
1 34  ALA n 
1 35  ASP n 
1 36  GLY n 
1 37  VAL n 
1 38  ASP n 
1 39  VAL n 
1 40  ASP n 
1 41  LYS n 
1 42  LYS n 
1 43  SER n 
1 44  PHE n 
1 45  ASP n 
1 46  GLU n 
1 47  ILE n 
1 48  CYS n 
1 49  SER n 
1 50  ILE n 
1 51  VAL n 
1 52  LEU n 
1 53  GLU n 
1 54  GLN n 
1 55  TYR n 
1 56  GLN n 
1 57  ALA n 
1 58  LYS n 
1 59  GLN n 
1 60  ILE n 
1 61  SER n 
1 62  ASN n 
1 63  LYS n 
1 64  GLN n 
1 65  ALA n 
1 66  SER n 
1 67  GLU n 
1 68  ILE n 
1 69  PHE n 
1 70  GLU n 
1 71  THR n 
1 72  LEU n 
1 73  ALA n 
1 74  LYS n 
1 75  ALA n 
1 76  ASN n 
1 77  LYS n 
1 78  SER n 
1 79  PHE n 
1 80  LYS n 
1 81  ILE n 
1 82  GLU n 
1 83  LYS n 
1 84  PHE n 
1 85  ARG n 
1 86  CYS n 
1 87  SER n 
1 88  HIS n 
1 89  GLY n 
1 90  TYR n 
1 91  ASN n 
1 92  GLU n 
1 93  ILE n 
1 94  TYR n 
1 95  LYS n 
1 96  TYR n 
1 97  SER n 
1 98  PRO n 
1 99  ASP n 
1 100 HIS n 
1 101 GLU n 
1 102 ALA n 
1 103 TYR n 
1 104 LEU n 
1 105 PHE n 
1 106 TYR n 
1 107 CYS n 
1 108 LYS n 
1 109 GLY n 
1 110 GLY n 
1 111 GLN n 
1 112 GLY n 
1 113 GLN n 
1 114 LEU n 
1 115 ASN n 
1 116 LYS n 
1 117 LEU n 
1 118 ILE n 
1 119 ALA n 
1 120 GLU n 
1 121 ASN n 
1 122 GLY n 
1 123 ARG n 
1 124 PHE n 
1 125 MET n 
# 
_entity_src_gen.entity_id                          1 
_entity_src_gen.pdbx_src_id                        1 
_entity_src_gen.pdbx_alt_source_flag               sample 
_entity_src_gen.pdbx_seq_type                      'Biological sequence' 
_entity_src_gen.pdbx_beg_seq_num                   1 
_entity_src_gen.pdbx_end_seq_num                   125 
_entity_src_gen.gene_src_common_name               ? 
_entity_src_gen.gene_src_genus                     ? 
_entity_src_gen.pdbx_gene_src_gene                 ? 
_entity_src_gen.gene_src_species                   ? 
_entity_src_gen.gene_src_strain                    ? 
_entity_src_gen.gene_src_tissue                    ? 
_entity_src_gen.gene_src_tissue_fraction           ? 
_entity_src_gen.gene_src_details                   ? 
_entity_src_gen.pdbx_gene_src_fragment             ? 
_entity_src_gen.pdbx_gene_src_scientific_name      'Moraxella phage Mcat5' 
_entity_src_gen.pdbx_gene_src_ncbi_taxonomy_id     1647551 
_entity_src_gen.pdbx_gene_src_variant              ? 
_entity_src_gen.pdbx_gene_src_cell_line            ? 
_entity_src_gen.pdbx_gene_src_atcc                 ? 
_entity_src_gen.pdbx_gene_src_organ                ? 
_entity_src_gen.pdbx_gene_src_organelle            ? 
_entity_src_gen.pdbx_gene_src_cell                 ? 
_entity_src_gen.pdbx_gene_src_cellular_location    ? 
_entity_src_gen.host_org_common_name               ? 
_entity_src_gen.pdbx_host_org_scientific_name      'Escherichia coli' 
_entity_src_gen.pdbx_host_org_ncbi_taxonomy_id     562 
_entity_src_gen.host_org_genus                     ? 
_entity_src_gen.pdbx_host_org_gene                 ? 
_entity_src_gen.pdbx_host_org_organ                ? 
_entity_src_gen.host_org_species                   ? 
_entity_src_gen.pdbx_host_org_tissue               ? 
_entity_src_gen.pdbx_host_org_tissue_fraction      ? 
_entity_src_gen.pdbx_host_org_strain               ? 
_entity_src_gen.pdbx_host_org_variant              ? 
_entity_src_gen.pdbx_host_org_cell_line            ? 
_entity_src_gen.pdbx_host_org_atcc                 ? 
_entity_src_gen.pdbx_host_org_culture_collection   ? 
_entity_src_gen.pdbx_host_org_cell                 ? 
_entity_src_gen.pdbx_host_org_organelle            ? 
_entity_src_gen.pdbx_host_org_cellular_location    ? 
_entity_src_gen.pdbx_host_org_vector_type          ? 
_entity_src_gen.pdbx_host_org_vector               ? 
_entity_src_gen.host_org_details                   ? 
_entity_src_gen.expression_system_id               ? 
_entity_src_gen.plasmid_name                       ? 
_entity_src_gen.plasmid_details                    ? 
_entity_src_gen.pdbx_description                   ? 
# 
loop_
_chem_comp.id 
_chem_comp.type 
_chem_comp.mon_nstd_flag 
_chem_comp.name 
_chem_comp.pdbx_synonyms 
_chem_comp.formula 
_chem_comp.formula_weight 
ALA 'L-peptide linking' y ALANINE         ? 'C3 H7 N O2'     89.093  
ARG 'L-peptide linking' y ARGININE        ? 'C6 H15 N4 O2 1' 175.209 
ASN 'L-peptide linking' y ASPARAGINE      ? 'C4 H8 N2 O3'    132.118 
ASP 'L-peptide linking' y 'ASPARTIC ACID' ? 'C4 H7 N O4'     133.103 
CYS 'L-peptide linking' y CYSTEINE        ? 'C3 H7 N O2 S'   121.158 
GLN 'L-peptide linking' y GLUTAMINE       ? 'C5 H10 N2 O3'   146.144 
GLU 'L-peptide linking' y 'GLUTAMIC ACID' ? 'C5 H9 N O4'     147.129 
GLY 'peptide linking'   y GLYCINE         ? 'C2 H5 N O2'     75.067  
HIS 'L-peptide linking' y HISTIDINE       ? 'C6 H10 N3 O2 1' 156.162 
HOH non-polymer         . WATER           ? 'H2 O'           18.015  
ILE 'L-peptide linking' y ISOLEUCINE      ? 'C6 H13 N O2'    131.173 
LEU 'L-peptide linking' y LEUCINE         ? 'C6 H13 N O2'    131.173 
LYS 'L-peptide linking' y LYSINE          ? 'C6 H15 N2 O2 1' 147.195 
MET 'L-peptide linking' y METHIONINE      ? 'C5 H11 N O2 S'  149.211 
PHE 'L-peptide linking' y PHENYLALANINE   ? 'C9 H11 N O2'    165.189 
PRO 'L-peptide linking' y PROLINE         ? 'C5 H9 N O2'     115.130 
SER 'L-peptide linking' y SERINE          ? 'C3 H7 N O3'     105.093 
THR 'L-peptide linking' y THREONINE       ? 'C4 H9 N O3'     119.119 
TYR 'L-peptide linking' y TYROSINE        ? 'C9 H11 N O3'    181.189 
VAL 'L-peptide linking' y VALINE          ? 'C5 H11 N O2'    117.146 
# 
loop_
_pdbx_poly_seq_scheme.asym_id 
_pdbx_poly_seq_scheme.entity_id 
_pdbx_poly_seq_scheme.seq_id 
_pdbx_poly_seq_scheme.mon_id 
_pdbx_poly_seq_scheme.ndb_seq_num 
_pdbx_poly_seq_scheme.pdb_seq_num 
_pdbx_poly_seq_scheme.auth_seq_num 
_pdbx_poly_seq_scheme.pdb_mon_id 
_pdbx_poly_seq_scheme.auth_mon_id 
_pdbx_poly_seq_scheme.pdb_strand_id 
_pdbx_poly_seq_scheme.pdb_ins_code 
_pdbx_poly_seq_scheme.hetero 
A 1 1   ALA 1   0   0   ALA ALA A . n 
A 1 2   MET 2   1   1   MET MET A . n 
A 1 3   LYS 3   2   2   LYS LYS A . n 
A 1 4   LYS 4   3   3   LYS LYS A . n 
A 1 5   ILE 5   4   4   ILE ILE A . n 
A 1 6   GLU 6   5   5   GLU GLU A . n 
A 1 7   MET 7   6   6   MET MET A . n 
A 1 8   ILE 8   7   7   ILE ILE A . n 
A 1 9   GLU 9   8   8   GLU GLU A . n 
A 1 10  ILE 10  9   9   ILE ILE A . n 
A 1 11  SER 11  10  10  SER SER A . n 
A 1 12  GLN 12  11  11  GLN GLN A . n 
A 1 13  ASN 13  12  12  ASN ASN A . n 
A 1 14  ARG 14  13  13  ARG ARG A . n 
A 1 15  GLN 15  14  14  GLN GLN A . n 
A 1 16  ASN 16  15  15  ASN ASN A . n 
A 1 17  LEU 17  16  16  LEU LEU A . n 
A 1 18  THR 18  17  17  THR THR A . n 
A 1 19  ALA 19  18  18  ALA ALA A . n 
A 1 20  PHE 20  19  19  PHE PHE A . n 
A 1 21  LEU 21  20  20  LEU LEU A . n 
A 1 22  HIS 22  21  21  HIS HIS A . n 
A 1 23  ILE 23  22  22  ILE ILE A . n 
A 1 24  SER 24  23  23  SER SER A . n 
A 1 25  GLU 25  24  24  GLU GLU A . n 
A 1 26  ILE 26  25  25  ILE ILE A . n 
A 1 27  LYS 27  26  26  LYS LYS A . n 
A 1 28  ALA 28  27  27  ALA ALA A . n 
A 1 29  ILE 29  28  28  ILE ILE A . n 
A 1 30  ASN 30  29  29  ASN ASN A . n 
A 1 31  ALA 31  30  30  ALA ALA A . n 
A 1 32  LYS 32  31  31  LYS LYS A . n 
A 1 33  LEU 33  32  32  LEU LEU A . n 
A 1 34  ALA 34  33  33  ALA ALA A . n 
A 1 35  ASP 35  34  34  ASP ASP A . n 
A 1 36  GLY 36  35  35  GLY GLY A . n 
A 1 37  VAL 37  36  36  VAL VAL A . n 
A 1 38  ASP 38  37  37  ASP ASP A . n 
A 1 39  VAL 39  38  38  VAL VAL A . n 
A 1 40  ASP 40  39  39  ASP ASP A . n 
A 1 41  LYS 41  40  40  LYS LYS A . n 
A 1 42  LYS 42  41  41  LYS ALA A . n 
A 1 43  SER 43  42  42  SER SER A . n 
A 1 44  PHE 44  43  43  PHE PHE A . n 
A 1 45  ASP 45  44  44  ASP ASP A . n 
A 1 46  GLU 46  45  45  GLU GLU A . n 
A 1 47  ILE 47  46  46  ILE ILE A . n 
A 1 48  CYS 48  47  47  CYS CYS A . n 
A 1 49  SER 49  48  48  SER SER A . n 
A 1 50  ILE 50  49  49  ILE ILE A . n 
A 1 51  VAL 51  50  50  VAL VAL A . n 
A 1 52  LEU 52  51  51  LEU LEU A . n 
A 1 53  GLU 53  52  52  GLU GLU A . n 
A 1 54  GLN 54  53  53  GLN GLN A . n 
A 1 55  TYR 55  54  54  TYR TYR A . n 
A 1 56  GLN 56  55  55  GLN GLN A . n 
A 1 57  ALA 57  56  56  ALA ALA A . n 
A 1 58  LYS 58  57  57  LYS LYS A . n 
A 1 59  GLN 59  58  58  GLN GLN A . n 
A 1 60  ILE 60  59  59  ILE ILE A . n 
A 1 61  SER 61  60  60  SER SER A . n 
A 1 62  ASN 62  61  61  ASN ASN A . n 
A 1 63  LYS 63  62  62  LYS LYS A . n 
A 1 64  GLN 64  63  63  GLN GLN A . n 
A 1 65  ALA 65  64  64  ALA ALA A . n 
A 1 66  SER 66  65  65  SER SER A . n 
A 1 67  GLU 67  66  66  GLU GLU A . n 
A 1 68  ILE 68  67  67  ILE ILE A . n 
A 1 69  PHE 69  68  68  PHE PHE A . n 
A 1 70  GLU 70  69  69  GLU GLU A . n 
A 1 71  THR 71  70  70  THR THR A . n 
A 1 72  LEU 72  71  71  LEU LEU A . n 
A 1 73  ALA 73  72  72  ALA ALA A . n 
A 1 74  LYS 74  73  73  LYS LYS A . n 
A 1 75  ALA 75  74  74  ALA ALA A . n 
A 1 76  ASN 76  75  75  ASN ASN A . n 
A 1 77  LYS 77  76  76  LYS LYS A . n 
A 1 78  SER 78  77  77  SER SER A . n 
A 1 79  PHE 79  78  78  PHE PHE A . n 
A 1 80  LYS 80  79  79  LYS LYS A . n 
A 1 81  ILE 81  80  80  ILE ILE A . n 
A 1 82  GLU 82  81  81  GLU GLU A . n 
A 1 83  LYS 83  82  82  LYS LYS A . n 
A 1 84  PHE 84  83  83  PHE PHE A . n 
A 1 85  ARG 85  84  84  ARG ARG A . n 
A 1 86  CYS 86  85  85  CYS CYS A . n 
A 1 87  SER 87  86  86  SER SER A . n 
A 1 88  HIS 88  87  87  HIS HIS A . n 
A 1 89  GLY 89  88  88  GLY GLY A . n 
A 1 90  TYR 90  89  89  TYR TYR A . n 
A 1 91  ASN 91  90  90  ASN ASN A . n 
A 1 92  GLU 92  91  91  GLU GLU A . n 
A 1 93  ILE 93  92  92  ILE ILE A . n 
A 1 94  TYR 94  93  93  TYR TYR A . n 
A 1 95  LYS 95  94  94  LYS LYS A . n 
A 1 96  TYR 96  95  95  TYR TYR A . n 
A 1 97  SER 97  96  96  SER SER A . n 
A 1 98  PRO 98  97  97  PRO PRO A . n 
A 1 99  ASP 99  98  98  ASP ASP A . n 
A 1 100 HIS 100 99  99  HIS HIS A . n 
A 1 101 GLU 101 100 100 GLU GLU A . n 
A 1 102 ALA 102 101 101 ALA ALA A . n 
A 1 103 TYR 103 102 102 TYR TYR A . n 
A 1 104 LEU 104 103 103 LEU LEU A . n 
A 1 105 PHE 105 104 104 PHE PHE A . n 
A 1 106 TYR 106 105 105 TYR TYR A . n 
A 1 107 CYS 107 106 106 CYS CYS A . n 
A 1 108 LYS 108 107 107 LYS LYS A . n 
A 1 109 GLY 109 108 108 GLY GLY A . n 
A 1 110 GLY 110 109 109 GLY GLY A . n 
A 1 111 GLN 111 110 110 GLN GLN A . n 
A 1 112 GLY 112 111 111 GLY GLY A . n 
A 1 113 GLN 113 112 112 GLN GLN A . n 
A 1 114 LEU 114 113 113 LEU LEU A . n 
A 1 115 ASN 115 114 114 ASN ASN A . n 
A 1 116 LYS 116 115 115 LYS LYS A . n 
A 1 117 LEU 117 116 116 LEU LEU A . n 
A 1 118 ILE 118 117 117 ILE ILE A . n 
A 1 119 ALA 119 118 118 ALA ALA A . n 
A 1 120 GLU 120 119 119 GLU GLU A . n 
A 1 121 ASN 121 120 120 ASN ASN A . n 
A 1 122 GLY 122 121 121 GLY GLY A . n 
A 1 123 ARG 123 122 122 ARG ARG A . n 
A 1 124 PHE 124 123 123 PHE PHE A . n 
A 1 125 MET 125 124 124 MET MET A . n 
# 
loop_
_pdbx_nonpoly_scheme.asym_id 
_pdbx_nonpoly_scheme.entity_id 
_pdbx_nonpoly_scheme.mon_id 
_pdbx_nonpoly_scheme.ndb_seq_num 
_pdbx_nonpoly_scheme.pdb_seq_num 
_pdbx_nonpoly_scheme.auth_seq_num 
_pdbx_nonpoly_scheme.pdb_mon_id 
_pdbx_nonpoly_scheme.auth_mon_id 
_pdbx_nonpoly_scheme.pdb_strand_id 
_pdbx_nonpoly_scheme.pdb_ins_code 
B 2 HOH 1  201 3  HOH HOH A . 
B 2 HOH 2  202 30 HOH HOH A . 
B 2 HOH 3  203 13 HOH HOH A . 
B 2 HOH 4  204 9  HOH HOH A . 
B 2 HOH 5  205 22 HOH HOH A . 
B 2 HOH 6  206 15 HOH HOH A . 
B 2 HOH 7  207 31 HOH HOH A . 
B 2 HOH 8  208 42 HOH HOH A . 
B 2 HOH 9  209 10 HOH HOH A . 
B 2 HOH 10 210 33 HOH HOH A . 
B 2 HOH 11 211 17 HOH HOH A . 
B 2 HOH 12 212 35 HOH HOH A . 
B 2 HOH 13 213 36 HOH HOH A . 
B 2 HOH 14 214 38 HOH HOH A . 
B 2 HOH 15 215 4  HOH HOH A . 
B 2 HOH 16 216 34 HOH HOH A . 
B 2 HOH 17 217 14 HOH HOH A . 
B 2 HOH 18 218 5  HOH HOH A . 
B 2 HOH 19 219 1  HOH HOH A . 
B 2 HOH 20 220 2  HOH HOH A . 
B 2 HOH 21 221 25 HOH HOH A . 
B 2 HOH 22 222 11 HOH HOH A . 
B 2 HOH 23 223 44 HOH HOH A . 
B 2 HOH 24 224 12 HOH HOH A . 
B 2 HOH 25 225 24 HOH HOH A . 
B 2 HOH 26 226 21 HOH HOH A . 
B 2 HOH 27 227 18 HOH HOH A . 
B 2 HOH 28 228 41 HOH HOH A . 
B 2 HOH 29 229 6  HOH HOH A . 
B 2 HOH 30 230 7  HOH HOH A . 
B 2 HOH 31 231 32 HOH HOH A . 
B 2 HOH 32 232 16 HOH HOH A . 
B 2 HOH 33 233 19 HOH HOH A . 
B 2 HOH 34 234 8  HOH HOH A . 
B 2 HOH 35 235 26 HOH HOH A . 
B 2 HOH 36 236 40 HOH HOH A . 
B 2 HOH 37 237 20 HOH HOH A . 
B 2 HOH 38 238 37 HOH HOH A . 
B 2 HOH 39 239 29 HOH HOH A . 
B 2 HOH 40 240 39 HOH HOH A . 
# 
loop_
_pdbx_unobs_or_zero_occ_atoms.id 
_pdbx_unobs_or_zero_occ_atoms.PDB_model_num 
_pdbx_unobs_or_zero_occ_atoms.polymer_flag 
_pdbx_unobs_or_zero_occ_atoms.occupancy_flag 
_pdbx_unobs_or_zero_occ_atoms.auth_asym_id 
_pdbx_unobs_or_zero_occ_atoms.auth_comp_id 
_pdbx_unobs_or_zero_occ_atoms.auth_seq_id 
_pdbx_unobs_or_zero_occ_atoms.PDB_ins_code 
_pdbx_unobs_or_zero_occ_atoms.auth_atom_id 
_pdbx_unobs_or_zero_occ_atoms.label_alt_id 
_pdbx_unobs_or_zero_occ_atoms.label_asym_id 
_pdbx_unobs_or_zero_occ_atoms.label_comp_id 
_pdbx_unobs_or_zero_occ_atoms.label_seq_id 
_pdbx_unobs_or_zero_occ_atoms.label_atom_id 
1 1 Y 1 A LYS 41 ? CG ? A LYS 42 CG 
2 1 Y 1 A LYS 41 ? CD ? A LYS 42 CD 
3 1 Y 1 A LYS 41 ? CE ? A LYS 42 CE 
4 1 Y 1 A LYS 41 ? NZ ? A LYS 42 NZ 
# 
loop_
_software.citation_id 
_software.classification 
_software.compiler_name 
_software.compiler_version 
_software.contact_author 
_software.contact_author_email 
_software.date 
_software.description 
_software.dependencies 
_software.hardware 
_software.language 
_software.location 
_software.mods 
_software.name 
_software.os 
_software.os_version 
_software.type 
_software.version 
_software.pdbx_ordinal 
? refinement        ? ? ? ? ? ? ? ? ? ? ? PHENIX      ? ? ? 1.17.1_3660 1 
? 'data scaling'    ? ? ? ? ? ? ? ? ? ? ? SCALEPACK   ? ? ? .           2 
? 'data extraction' ? ? ? ? ? ? ? ? ? ? ? PDB_EXTRACT ? ? ? 3.27        3 
? 'data reduction'  ? ? ? ? ? ? ? ? ? ? ? HKL-2000    ? ? ? .           4 
? phasing           ? ? ? ? ? ? ? ? ? ? ? PHENIX      ? ? ? .           5 
# 
_cell.angle_alpha                  90.000 
_cell.angle_alpha_esd              ? 
_cell.angle_beta                   118.870 
_cell.angle_beta_esd               ? 
_cell.angle_gamma                  90.000 
_cell.angle_gamma_esd              ? 
_cell.entry_id                     7DU0 
_cell.details                      ? 
_cell.formula_units_Z              ? 
_cell.length_a                     67.234 
_cell.length_a_esd                 ? 
_cell.length_b                     34.929 
_cell.length_b_esd                 ? 
_cell.length_c                     67.354 
_cell.length_c_esd                 ? 
_cell.volume                       ? 
_cell.volume_esd                   ? 
_cell.Z_PDB                        4 
_cell.reciprocal_angle_alpha       ? 
_cell.reciprocal_angle_beta        ? 
_cell.reciprocal_angle_gamma       ? 
_cell.reciprocal_angle_alpha_esd   ? 
_cell.reciprocal_angle_beta_esd    ? 
_cell.reciprocal_angle_gamma_esd   ? 
_cell.reciprocal_length_a          ? 
_cell.reciprocal_length_b          ? 
_cell.reciprocal_length_c          ? 
_cell.reciprocal_length_a_esd      ? 
_cell.reciprocal_length_b_esd      ? 
_cell.reciprocal_length_c_esd      ? 
_cell.pdbx_unique_axis             ? 
# 
_symmetry.entry_id                         7DU0 
_symmetry.cell_setting                     ? 
_symmetry.Int_Tables_number                5 
_symmetry.space_group_name_Hall            ? 
_symmetry.space_group_name_H-M             'C 1 2 1' 
_symmetry.pdbx_full_space_group_name_H-M   ? 
# 
_exptl.absorpt_coefficient_mu     ? 
_exptl.absorpt_correction_T_max   ? 
_exptl.absorpt_correction_T_min   ? 
_exptl.absorpt_correction_type    ? 
_exptl.absorpt_process_details    ? 
_exptl.entry_id                   7DU0 
_exptl.crystals_number            1 
_exptl.details                    ? 
_exptl.method                     'X-RAY DIFFRACTION' 
_exptl.method_details             ? 
# 
_exptl_crystal.colour                      ? 
_exptl_crystal.density_diffrn              ? 
_exptl_crystal.density_Matthews            2.42 
_exptl_crystal.density_method              ? 
_exptl_crystal.density_percent_sol         49.17 
_exptl_crystal.description                 ? 
_exptl_crystal.F_000                       ? 
_exptl_crystal.id                          1 
_exptl_crystal.preparation                 ? 
_exptl_crystal.size_max                    ? 
_exptl_crystal.size_mid                    ? 
_exptl_crystal.size_min                    ? 
_exptl_crystal.size_rad                    ? 
_exptl_crystal.colour_lustre               ? 
_exptl_crystal.colour_modifier             ? 
_exptl_crystal.colour_primary              ? 
_exptl_crystal.density_meas                ? 
_exptl_crystal.density_meas_esd            ? 
_exptl_crystal.density_meas_gt             ? 
_exptl_crystal.density_meas_lt             ? 
_exptl_crystal.density_meas_temp           ? 
_exptl_crystal.density_meas_temp_esd       ? 
_exptl_crystal.density_meas_temp_gt        ? 
_exptl_crystal.density_meas_temp_lt        ? 
_exptl_crystal.pdbx_crystal_image_url      ? 
_exptl_crystal.pdbx_crystal_image_format   ? 
_exptl_crystal.pdbx_mosaicity              ? 
_exptl_crystal.pdbx_mosaicity_esd          ? 
# 
_exptl_crystal_grow.apparatus       ? 
_exptl_crystal_grow.atmosphere      ? 
_exptl_crystal_grow.crystal_id      1 
_exptl_crystal_grow.details         ? 
_exptl_crystal_grow.method          'VAPOR DIFFUSION' 
_exptl_crystal_grow.method_ref      ? 
_exptl_crystal_grow.pH              ? 
_exptl_crystal_grow.pressure        ? 
_exptl_crystal_grow.pressure_esd    ? 
_exptl_crystal_grow.seeding         ? 
_exptl_crystal_grow.seeding_ref     ? 
_exptl_crystal_grow.temp            293 
_exptl_crystal_grow.temp_details    ? 
_exptl_crystal_grow.temp_esd        ? 
_exptl_crystal_grow.time            ? 
_exptl_crystal_grow.pdbx_details    'PEG 3350, sodium chloride' 
_exptl_crystal_grow.pdbx_pH_range   ? 
# 
_diffrn.ambient_environment              ? 
_diffrn.ambient_temp                     100 
_diffrn.ambient_temp_details             ? 
_diffrn.ambient_temp_esd                 ? 
_diffrn.crystal_id                       1 
_diffrn.crystal_support                  ? 
_diffrn.crystal_treatment                ? 
_diffrn.details                          ? 
_diffrn.id                               1 
_diffrn.ambient_pressure                 ? 
_diffrn.ambient_pressure_esd             ? 
_diffrn.ambient_pressure_gt              ? 
_diffrn.ambient_pressure_lt              ? 
_diffrn.ambient_temp_gt                  ? 
_diffrn.ambient_temp_lt                  ? 
_diffrn.pdbx_serial_crystal_experiment   N 
# 
_diffrn_detector.details                      ? 
_diffrn_detector.detector                     PIXEL 
_diffrn_detector.diffrn_id                    1 
_diffrn_detector.type                         'DECTRIS EIGER X 16M' 
_diffrn_detector.area_resol_mean              ? 
_diffrn_detector.dtime                        ? 
_diffrn_detector.pdbx_frames_total            ? 
_diffrn_detector.pdbx_collection_time_total   ? 
_diffrn_detector.pdbx_collection_date         2019-10-12 
_diffrn_detector.pdbx_frequency               ? 
# 
_diffrn_radiation.collimation                      ? 
_diffrn_radiation.diffrn_id                        1 
_diffrn_radiation.filter_edge                      ? 
_diffrn_radiation.inhomogeneity                    ? 
_diffrn_radiation.monochromator                    ? 
_diffrn_radiation.polarisn_norm                    ? 
_diffrn_radiation.polarisn_ratio                   ? 
_diffrn_radiation.probe                            ? 
_diffrn_radiation.type                             ? 
_diffrn_radiation.xray_symbol                      ? 
_diffrn_radiation.wavelength_id                    1 
_diffrn_radiation.pdbx_monochromatic_or_laue_m_l   M 
_diffrn_radiation.pdbx_wavelength_list             ? 
_diffrn_radiation.pdbx_wavelength                  ? 
_diffrn_radiation.pdbx_diffrn_protocol             'SINGLE WAVELENGTH' 
_diffrn_radiation.pdbx_analyzer                    ? 
_diffrn_radiation.pdbx_scattering_type             x-ray 
# 
_diffrn_radiation_wavelength.id           1 
_diffrn_radiation_wavelength.wavelength   0.979 
_diffrn_radiation_wavelength.wt           1.0 
# 
_diffrn_source.current                     ? 
_diffrn_source.details                     ? 
_diffrn_source.diffrn_id                   1 
_diffrn_source.power                       ? 
_diffrn_source.size                        ? 
_diffrn_source.source                      SYNCHROTRON 
_diffrn_source.target                      ? 
_diffrn_source.type                        'SSRF BEAMLINE BL17U1' 
_diffrn_source.voltage                     ? 
_diffrn_source.take-off_angle              ? 
_diffrn_source.pdbx_wavelength_list        0.979 
_diffrn_source.pdbx_wavelength             ? 
_diffrn_source.pdbx_synchrotron_beamline   BL17U1 
_diffrn_source.pdbx_synchrotron_site       SSRF 
# 
_reflns.B_iso_Wilson_estimate            ? 
_reflns.entry_id                         7DU0 
_reflns.data_reduction_details           ? 
_reflns.data_reduction_method            ? 
_reflns.d_resolution_high                1.96 
_reflns.d_resolution_low                 50 
_reflns.details                          ? 
_reflns.limit_h_max                      ? 
_reflns.limit_h_min                      ? 
_reflns.limit_k_max                      ? 
_reflns.limit_k_min                      ? 
_reflns.limit_l_max                      ? 
_reflns.limit_l_min                      ? 
_reflns.number_all                       ? 
_reflns.number_obs                       17975 
_reflns.observed_criterion               ? 
_reflns.observed_criterion_F_max         ? 
_reflns.observed_criterion_F_min         ? 
_reflns.observed_criterion_I_max         ? 
_reflns.observed_criterion_I_min         ? 
_reflns.observed_criterion_sigma_F       ? 
_reflns.observed_criterion_sigma_I       ? 
_reflns.percent_possible_obs             95.2 
_reflns.R_free_details                   ? 
_reflns.Rmerge_F_all                     ? 
_reflns.Rmerge_F_obs                     ? 
_reflns.Friedel_coverage                 ? 
_reflns.number_gt                        ? 
_reflns.threshold_expression             ? 
_reflns.pdbx_redundancy                  5.0 
_reflns.pdbx_Rmerge_I_obs                ? 
_reflns.pdbx_Rmerge_I_all                ? 
_reflns.pdbx_Rsym_value                  ? 
_reflns.pdbx_netI_over_av_sigmaI         ? 
_reflns.pdbx_netI_over_sigmaI            24.5 
_reflns.pdbx_res_netI_over_av_sigmaI_2   ? 
_reflns.pdbx_res_netI_over_sigmaI_2      ? 
_reflns.pdbx_chi_squared                 ? 
_reflns.pdbx_scaling_rejects             ? 
_reflns.pdbx_d_res_high_opt              ? 
_reflns.pdbx_d_res_low_opt               ? 
_reflns.pdbx_d_res_opt_method            ? 
_reflns.phase_calculation_details        ? 
_reflns.pdbx_Rrim_I_all                  ? 
_reflns.pdbx_Rpim_I_all                  ? 
_reflns.pdbx_d_opt                       ? 
_reflns.pdbx_number_measured_all         ? 
_reflns.pdbx_diffrn_id                   1 
_reflns.pdbx_ordinal                     1 
_reflns.pdbx_CC_half                     0.992 
_reflns.pdbx_CC_star                     ? 
_reflns.pdbx_R_split                     ? 
# 
_reflns_shell.d_res_high                  1.96 
_reflns_shell.d_res_low                   2.05 
_reflns_shell.meanI_over_sigI_all         ? 
_reflns_shell.meanI_over_sigI_obs         ? 
_reflns_shell.number_measured_all         ? 
_reflns_shell.number_measured_obs         ? 
_reflns_shell.number_possible             ? 
_reflns_shell.number_unique_all           ? 
_reflns_shell.number_unique_obs           1782 
_reflns_shell.percent_possible_all        ? 
_reflns_shell.percent_possible_obs        ? 
_reflns_shell.Rmerge_F_all                ? 
_reflns_shell.Rmerge_F_obs                ? 
_reflns_shell.Rmerge_I_all                ? 
_reflns_shell.Rmerge_I_obs                ? 
_reflns_shell.meanI_over_sigI_gt          ? 
_reflns_shell.meanI_over_uI_all           ? 
_reflns_shell.meanI_over_uI_gt            ? 
_reflns_shell.number_measured_gt          ? 
_reflns_shell.number_unique_gt            ? 
_reflns_shell.percent_possible_gt         ? 
_reflns_shell.Rmerge_F_gt                 ? 
_reflns_shell.Rmerge_I_gt                 ? 
_reflns_shell.pdbx_redundancy             ? 
_reflns_shell.pdbx_Rsym_value             ? 
_reflns_shell.pdbx_chi_squared            ? 
_reflns_shell.pdbx_netI_over_sigmaI_all   ? 
_reflns_shell.pdbx_netI_over_sigmaI_obs   ? 
_reflns_shell.pdbx_Rrim_I_all             ? 
_reflns_shell.pdbx_Rpim_I_all             ? 
_reflns_shell.pdbx_rejects                ? 
_reflns_shell.pdbx_ordinal                1 
_reflns_shell.pdbx_diffrn_id              1 
_reflns_shell.pdbx_CC_half                0.655 
_reflns_shell.pdbx_CC_star                ? 
_reflns_shell.pdbx_R_split                ? 
# 
_refine.aniso_B[1][1]                            ? 
_refine.aniso_B[1][2]                            ? 
_refine.aniso_B[1][3]                            ? 
_refine.aniso_B[2][2]                            ? 
_refine.aniso_B[2][3]                            ? 
_refine.aniso_B[3][3]                            ? 
_refine.B_iso_max                                75.200 
_refine.B_iso_mean                               44.0493 
_refine.B_iso_min                                21.240 
_refine.correlation_coeff_Fo_to_Fc               ? 
_refine.correlation_coeff_Fo_to_Fc_free          ? 
_refine.details                                  ? 
_refine.diff_density_max                         ? 
_refine.diff_density_max_esd                     ? 
_refine.diff_density_min                         ? 
_refine.diff_density_min_esd                     ? 
_refine.diff_density_rms                         ? 
_refine.diff_density_rms_esd                     ? 
_refine.entry_id                                 7DU0 
_refine.pdbx_refine_id                           'X-RAY DIFFRACTION' 
_refine.ls_abs_structure_details                 ? 
_refine.ls_abs_structure_Flack                   ? 
_refine.ls_abs_structure_Flack_esd               ? 
_refine.ls_abs_structure_Rogers                  ? 
_refine.ls_abs_structure_Rogers_esd              ? 
_refine.ls_d_res_high                            1.9600 
_refine.ls_d_res_low                             29.9100 
_refine.ls_extinction_coef                       ? 
_refine.ls_extinction_coef_esd                   ? 
_refine.ls_extinction_expression                 ? 
_refine.ls_extinction_method                     ? 
_refine.ls_goodness_of_fit_all                   ? 
_refine.ls_goodness_of_fit_all_esd               ? 
_refine.ls_goodness_of_fit_obs                   ? 
_refine.ls_goodness_of_fit_obs_esd               ? 
_refine.ls_hydrogen_treatment                    ? 
_refine.ls_matrix_type                           ? 
_refine.ls_number_constraints                    ? 
_refine.ls_number_parameters                     ? 
_refine.ls_number_reflns_all                     ? 
_refine.ls_number_reflns_obs                     17975 
_refine.ls_number_reflns_R_free                  859 
_refine.ls_number_reflns_R_work                  17116 
_refine.ls_number_restraints                     ? 
_refine.ls_percent_reflns_obs                    93.7700 
_refine.ls_percent_reflns_R_free                 4.7800 
_refine.ls_R_factor_all                          ? 
_refine.ls_R_factor_obs                          0.2536 
_refine.ls_R_factor_R_free                       0.2952 
_refine.ls_R_factor_R_free_error                 ? 
_refine.ls_R_factor_R_free_error_details         ? 
_refine.ls_R_factor_R_work                       0.2516 
_refine.ls_R_Fsqd_factor_obs                     ? 
_refine.ls_R_I_factor_obs                        ? 
_refine.ls_redundancy_reflns_all                 ? 
_refine.ls_redundancy_reflns_obs                 ? 
_refine.ls_restrained_S_all                      ? 
_refine.ls_restrained_S_obs                      ? 
_refine.ls_shift_over_esd_max                    ? 
_refine.ls_shift_over_esd_mean                   ? 
_refine.ls_structure_factor_coef                 ? 
_refine.ls_weighting_details                     ? 
_refine.ls_weighting_scheme                      ? 
_refine.ls_wR_factor_all                         ? 
_refine.ls_wR_factor_obs                         ? 
_refine.ls_wR_factor_R_free                      ? 
_refine.ls_wR_factor_R_work                      ? 
_refine.occupancy_max                            ? 
_refine.occupancy_min                            ? 
_refine.solvent_model_details                    'FLAT BULK SOLVENT MODEL' 
_refine.solvent_model_param_bsol                 ? 
_refine.solvent_model_param_ksol                 ? 
_refine.pdbx_R_complete                          ? 
_refine.ls_R_factor_gt                           ? 
_refine.ls_goodness_of_fit_gt                    ? 
_refine.ls_goodness_of_fit_ref                   ? 
_refine.ls_shift_over_su_max                     ? 
_refine.ls_shift_over_su_max_lt                  ? 
_refine.ls_shift_over_su_mean                    ? 
_refine.ls_shift_over_su_mean_lt                 ? 
_refine.pdbx_ls_sigma_I                          ? 
_refine.pdbx_ls_sigma_F                          1.960 
_refine.pdbx_ls_sigma_Fsqd                       ? 
_refine.pdbx_data_cutoff_high_absF               ? 
_refine.pdbx_data_cutoff_high_rms_absF           ? 
_refine.pdbx_data_cutoff_low_absF                ? 
_refine.pdbx_isotropic_thermal_model             ? 
_refine.pdbx_ls_cross_valid_method               THROUGHOUT 
_refine.pdbx_method_to_determine_struct          SAD 
_refine.pdbx_starting_model                      ? 
_refine.pdbx_stereochemistry_target_values       ML 
_refine.pdbx_R_Free_selection_details            ? 
_refine.pdbx_stereochem_target_val_spec_case     ? 
_refine.pdbx_overall_ESU_R                       ? 
_refine.pdbx_overall_ESU_R_Free                  ? 
_refine.pdbx_solvent_vdw_probe_radii             1.1100 
_refine.pdbx_solvent_ion_probe_radii             ? 
_refine.pdbx_solvent_shrinkage_radii             0.9000 
_refine.pdbx_real_space_R                        ? 
_refine.pdbx_density_correlation                 ? 
_refine.pdbx_pd_number_of_powder_patterns        ? 
_refine.pdbx_pd_number_of_points                 ? 
_refine.pdbx_pd_meas_number_of_points            ? 
_refine.pdbx_pd_proc_ls_prof_R_factor            ? 
_refine.pdbx_pd_proc_ls_prof_wR_factor           ? 
_refine.pdbx_pd_Marquardt_correlation_coeff      ? 
_refine.pdbx_pd_Fsqrd_R_factor                   ? 
_refine.pdbx_pd_ls_matrix_band_width             ? 
_refine.pdbx_overall_phase_error                 33.1800 
_refine.pdbx_overall_SU_R_free_Cruickshank_DPI   ? 
_refine.pdbx_overall_SU_R_free_Blow_DPI          ? 
_refine.pdbx_overall_SU_R_Blow_DPI               ? 
_refine.pdbx_TLS_residual_ADP_flag               ? 
_refine.pdbx_diffrn_id                           1 
_refine.overall_SU_B                             ? 
_refine.overall_SU_ML                            0.1600 
_refine.overall_SU_R_Cruickshank_DPI             ? 
_refine.overall_SU_R_free                        ? 
_refine.overall_FOM_free_R_set                   ? 
_refine.overall_FOM_work_R_set                   ? 
_refine.pdbx_average_fsc_overall                 ? 
_refine.pdbx_average_fsc_work                    ? 
_refine.pdbx_average_fsc_free                    ? 
# 
_refine_hist.pdbx_refine_id                   'X-RAY DIFFRACTION' 
_refine_hist.cycle_id                         final 
_refine_hist.details                          ? 
_refine_hist.d_res_high                       1.9600 
_refine_hist.d_res_low                        29.9100 
_refine_hist.number_atoms_solvent             40 
_refine_hist.number_atoms_total               1043 
_refine_hist.number_reflns_all                ? 
_refine_hist.number_reflns_obs                ? 
_refine_hist.number_reflns_R_free             ? 
_refine_hist.number_reflns_R_work             ? 
_refine_hist.R_factor_all                     ? 
_refine_hist.R_factor_obs                     ? 
_refine_hist.R_factor_R_free                  ? 
_refine_hist.R_factor_R_work                  ? 
_refine_hist.pdbx_number_residues_total       125 
_refine_hist.pdbx_B_iso_mean_ligand           ? 
_refine_hist.pdbx_B_iso_mean_solvent          43.46 
_refine_hist.pdbx_number_atoms_protein        1003 
_refine_hist.pdbx_number_atoms_nucleic_acid   0 
_refine_hist.pdbx_number_atoms_ligand         0 
_refine_hist.pdbx_number_atoms_lipid          ? 
_refine_hist.pdbx_number_atoms_carb           ? 
_refine_hist.pdbx_pseudo_atom_details         ? 
# 
loop_
_refine_ls_shell.pdbx_refine_id 
_refine_ls_shell.d_res_high 
_refine_ls_shell.d_res_low 
_refine_ls_shell.number_reflns_all 
_refine_ls_shell.number_reflns_obs 
_refine_ls_shell.number_reflns_R_free 
_refine_ls_shell.number_reflns_R_work 
_refine_ls_shell.percent_reflns_obs 
_refine_ls_shell.percent_reflns_R_free 
_refine_ls_shell.R_factor_all 
_refine_ls_shell.R_factor_obs 
_refine_ls_shell.R_factor_R_free 
_refine_ls_shell.R_factor_R_free_error 
_refine_ls_shell.R_factor_R_work 
_refine_ls_shell.redundancy_reflns_all 
_refine_ls_shell.redundancy_reflns_obs 
_refine_ls_shell.wR_factor_all 
_refine_ls_shell.wR_factor_obs 
_refine_ls_shell.wR_factor_R_free 
_refine_ls_shell.wR_factor_R_work 
_refine_ls_shell.pdbx_R_complete 
_refine_ls_shell.pdbx_total_number_of_bins_used 
_refine_ls_shell.pdbx_phase_error 
_refine_ls_shell.pdbx_fsc_work 
_refine_ls_shell.pdbx_fsc_free 
'X-RAY DIFFRACTION' 1.9600 2.0900  2777 . 133 2644 87.0000 . . . 0.2646 0.0000 0.2895 . . . . . . . 6 . . . 
'X-RAY DIFFRACTION' 2.0900 2.2500  3114 . 149 2965 97.0000 . . . 0.3188 0.0000 0.2825 . . . . . . . 6 . . . 
'X-RAY DIFFRACTION' 2.2500 2.4700  3148 . 146 3002 99.0000 . . . 0.3542 0.0000 0.2950 . . . . . . . 6 . . . 
'X-RAY DIFFRACTION' 2.4700 2.8300  3109 . 157 2952 97.0000 . . . 0.3742 0.0000 0.2840 . . . . . . . 6 . . . 
'X-RAY DIFFRACTION' 2.8300 3.5600  2914 . 150 2764 91.0000 . . . 0.2698 0.0000 0.2563 . . . . . . . 6 . . . 
'X-RAY DIFFRACTION' 3.5700 29.9100 2913 . 124 2789 91.0000 . . . 0.2647 0.0000 0.2183 . . . . . . . 6 . . . 
# 
_struct.entry_id                     7DU0 
_struct.title                        'Structure of an type I-F anti-crispr protein' 
_struct.pdbx_model_details           ? 
_struct.pdbx_formula_weight          ? 
_struct.pdbx_formula_weight_method   ? 
_struct.pdbx_model_type_details      ? 
_struct.pdbx_CASP_flag               N 
# 
_struct_keywords.entry_id        7DU0 
_struct_keywords.text            'monomer, two-domain, VIRAL PROTEIN' 
_struct_keywords.pdbx_keywords   'VIRAL PROTEIN' 
# 
loop_
_struct_asym.id 
_struct_asym.pdbx_blank_PDB_chainid_flag 
_struct_asym.pdbx_modified 
_struct_asym.entity_id 
_struct_asym.details 
A N N 1 ? 
B N N 2 ? 
# 
_struct_ref.id                         1 
_struct_ref.db_name                    UNP 
_struct_ref.db_code                    A0A0R6PCL0_9CAUD 
_struct_ref.pdbx_db_accession          A0A0R6PCL0 
_struct_ref.pdbx_db_isoform            ? 
_struct_ref.entity_id                  1 
_struct_ref.pdbx_seq_one_letter_code   
;MKKIEMIEISQNRQNLTAFLHISEIKAINAKLADGVDVDKKSFDEICSIVLEQYQAKQISNKQASEIFETLAKANKSFKI
EKFRCSHGYNEIYKYSPDHEAYLFYCKGGQGQLNKLIAENGRFM
;
_struct_ref.pdbx_align_begin           1 
# 
_struct_ref_seq.align_id                      1 
_struct_ref_seq.ref_id                        1 
_struct_ref_seq.pdbx_PDB_id_code              7DU0 
_struct_ref_seq.pdbx_strand_id                A 
_struct_ref_seq.seq_align_beg                 2 
_struct_ref_seq.pdbx_seq_align_beg_ins_code   ? 
_struct_ref_seq.seq_align_end                 125 
_struct_ref_seq.pdbx_seq_align_end_ins_code   ? 
_struct_ref_seq.pdbx_db_accession             A0A0R6PCL0 
_struct_ref_seq.db_align_beg                  1 
_struct_ref_seq.pdbx_db_align_beg_ins_code    ? 
_struct_ref_seq.db_align_end                  124 
_struct_ref_seq.pdbx_db_align_end_ins_code    ? 
_struct_ref_seq.pdbx_auth_seq_align_beg       1 
_struct_ref_seq.pdbx_auth_seq_align_end       124 
# 
_struct_ref_seq_dif.align_id                     1 
_struct_ref_seq_dif.pdbx_pdb_id_code             7DU0 
_struct_ref_seq_dif.mon_id                       ALA 
_struct_ref_seq_dif.pdbx_pdb_strand_id           A 
_struct_ref_seq_dif.seq_num                      1 
_struct_ref_seq_dif.pdbx_pdb_ins_code            ? 
_struct_ref_seq_dif.pdbx_seq_db_name             UNP 
_struct_ref_seq_dif.pdbx_seq_db_accession_code   A0A0R6PCL0 
_struct_ref_seq_dif.db_mon_id                    ? 
_struct_ref_seq_dif.pdbx_seq_db_seq_num          ? 
_struct_ref_seq_dif.details                      'expression tag' 
_struct_ref_seq_dif.pdbx_auth_seq_num            0 
_struct_ref_seq_dif.pdbx_ordinal                 1 
# 
_pdbx_struct_assembly.id                   1 
_pdbx_struct_assembly.details              author_defined_assembly 
_pdbx_struct_assembly.method_details       ? 
_pdbx_struct_assembly.oligomeric_details   monomeric 
_pdbx_struct_assembly.oligomeric_count     1 
# 
_pdbx_struct_assembly_gen.assembly_id       1 
_pdbx_struct_assembly_gen.oper_expression   1 
_pdbx_struct_assembly_gen.asym_id_list      A,B 
# 
_pdbx_struct_assembly_auth_evidence.id                     1 
_pdbx_struct_assembly_auth_evidence.assembly_id            1 
_pdbx_struct_assembly_auth_evidence.experimental_support   'gel filtration' 
_pdbx_struct_assembly_auth_evidence.details                ? 
# 
_pdbx_struct_oper_list.id                   1 
_pdbx_struct_oper_list.type                 'identity operation' 
_pdbx_struct_oper_list.name                 1_555 
_pdbx_struct_oper_list.symmetry_operation   x,y,z 
_pdbx_struct_oper_list.matrix[1][1]         1.0000000000 
_pdbx_struct_oper_list.matrix[1][2]         0.0000000000 
_pdbx_struct_oper_list.matrix[1][3]         0.0000000000 
_pdbx_struct_oper_list.vector[1]            0.0000000000 
_pdbx_struct_oper_list.matrix[2][1]         0.0000000000 
_pdbx_struct_oper_list.matrix[2][2]         1.0000000000 
_pdbx_struct_oper_list.matrix[2][3]         0.0000000000 
_pdbx_struct_oper_list.vector[2]            0.0000000000 
_pdbx_struct_oper_list.matrix[3][1]         0.0000000000 
_pdbx_struct_oper_list.matrix[3][2]         0.0000000000 
_pdbx_struct_oper_list.matrix[3][3]         1.0000000000 
_pdbx_struct_oper_list.vector[3]            0.0000000000 
# 
loop_
_struct_conf.conf_type_id 
_struct_conf.id 
_struct_conf.pdbx_PDB_helix_id 
_struct_conf.beg_label_comp_id 
_struct_conf.beg_label_asym_id 
_struct_conf.beg_label_seq_id 
_struct_conf.pdbx_beg_PDB_ins_code 
_struct_conf.end_label_comp_id 
_struct_conf.end_label_asym_id 
_struct_conf.end_label_seq_id 
_struct_conf.pdbx_end_PDB_ins_code 
_struct_conf.beg_auth_comp_id 
_struct_conf.beg_auth_asym_id 
_struct_conf.beg_auth_seq_id 
_struct_conf.end_auth_comp_id 
_struct_conf.end_auth_asym_id 
_struct_conf.end_auth_seq_id 
_struct_conf.pdbx_PDB_helix_class 
_struct_conf.details 
_struct_conf.pdbx_PDB_helix_length 
HELX_P HELX_P1 AA1 LYS A 3   ? ARG A 14  ? LYS A 2   ARG A 13  1 ? 12 
HELX_P HELX_P2 AA2 HIS A 22  ? LYS A 32  ? HIS A 21  LYS A 31  1 ? 11 
HELX_P HELX_P3 AA3 SER A 43  ? ALA A 57  ? SER A 42  ALA A 56  1 ? 15 
HELX_P HELX_P4 AA4 SER A 61  ? ASN A 76  ? SER A 60  ASN A 75  1 ? 16 
HELX_P HELX_P5 AA5 GLY A 110 ? GLY A 122 ? GLY A 109 GLY A 121 1 ? 13 
# 
_struct_conf_type.id          HELX_P 
_struct_conf_type.criteria    ? 
_struct_conf_type.reference   ? 
# 
_struct_sheet.id               AA1 
_struct_sheet.type             ? 
_struct_sheet.number_strands   3 
_struct_sheet.details          ? 
# 
loop_
_struct_sheet_order.sheet_id 
_struct_sheet_order.range_id_1 
_struct_sheet_order.range_id_2 
_struct_sheet_order.offset 
_struct_sheet_order.sense 
AA1 1 2 ? anti-parallel 
AA1 2 3 ? anti-parallel 
# 
loop_
_struct_sheet_range.sheet_id 
_struct_sheet_range.id 
_struct_sheet_range.beg_label_comp_id 
_struct_sheet_range.beg_label_asym_id 
_struct_sheet_range.beg_label_seq_id 
_struct_sheet_range.pdbx_beg_PDB_ins_code 
_struct_sheet_range.end_label_comp_id 
_struct_sheet_range.end_label_asym_id 
_struct_sheet_range.end_label_seq_id 
_struct_sheet_range.pdbx_end_PDB_ins_code 
_struct_sheet_range.beg_auth_comp_id 
_struct_sheet_range.beg_auth_asym_id 
_struct_sheet_range.beg_auth_seq_id 
_struct_sheet_range.end_auth_comp_id 
_struct_sheet_range.end_auth_asym_id 
_struct_sheet_range.end_auth_seq_id 
AA1 1 PHE A 84  ? SER A 87  ? PHE A 83  SER A 86  
AA1 2 GLU A 92  ? TYR A 96  ? GLU A 91  TYR A 95  
AA1 3 TYR A 103 ? LYS A 108 ? TYR A 102 LYS A 107 
# 
loop_
_pdbx_struct_sheet_hbond.sheet_id 
_pdbx_struct_sheet_hbond.range_id_1 
_pdbx_struct_sheet_hbond.range_id_2 
_pdbx_struct_sheet_hbond.range_1_label_atom_id 
_pdbx_struct_sheet_hbond.range_1_label_comp_id 
_pdbx_struct_sheet_hbond.range_1_label_asym_id 
_pdbx_struct_sheet_hbond.range_1_label_seq_id 
_pdbx_struct_sheet_hbond.range_1_PDB_ins_code 
_pdbx_struct_sheet_hbond.range_1_auth_atom_id 
_pdbx_struct_sheet_hbond.range_1_auth_comp_id 
_pdbx_struct_sheet_hbond.range_1_auth_asym_id 
_pdbx_struct_sheet_hbond.range_1_auth_seq_id 
_pdbx_struct_sheet_hbond.range_2_label_atom_id 
_pdbx_struct_sheet_hbond.range_2_label_comp_id 
_pdbx_struct_sheet_hbond.range_2_label_asym_id 
_pdbx_struct_sheet_hbond.range_2_label_seq_id 
_pdbx_struct_sheet_hbond.range_2_PDB_ins_code 
_pdbx_struct_sheet_hbond.range_2_auth_atom_id 
_pdbx_struct_sheet_hbond.range_2_auth_comp_id 
_pdbx_struct_sheet_hbond.range_2_auth_asym_id 
_pdbx_struct_sheet_hbond.range_2_auth_seq_id 
AA1 1 2 N ARG A 85 ? N ARG A 84 O TYR A 94  ? O TYR A 93  
AA1 2 3 N ILE A 93 ? N ILE A 92 O CYS A 107 ? O CYS A 106 
# 
loop_
_pdbx_validate_torsion.id 
_pdbx_validate_torsion.PDB_model_num 
_pdbx_validate_torsion.auth_comp_id 
_pdbx_validate_torsion.auth_asym_id 
_pdbx_validate_torsion.auth_seq_id 
_pdbx_validate_torsion.PDB_ins_code 
_pdbx_validate_torsion.label_alt_id 
_pdbx_validate_torsion.phi 
_pdbx_validate_torsion.psi 
1 1 ASP A 39 ? ? 179.96 136.79 
2 1 LYS A 57 ? ? -62.36 60.62  
# 
loop_
_chem_comp_atom.comp_id 
_chem_comp_atom.atom_id 
_chem_comp_atom.type_symbol 
_chem_comp_atom.pdbx_aromatic_flag 
_chem_comp_atom.pdbx_stereo_config 
_chem_comp_atom.pdbx_ordinal 
ALA N    N N N 1   
ALA CA   C N S 2   
ALA C    C N N 3   
ALA O    O N N 4   
ALA CB   C N N 5   
ALA OXT  O N N 6   
ALA H    H N N 7   
ALA H2   H N N 8   
ALA HA   H N N 9   
ALA HB1  H N N 10  
ALA HB2  H N N 11  
ALA HB3  H N N 12  
ALA HXT  H N N 13  
ARG N    N N N 14  
ARG CA   C N S 15  
ARG C    C N N 16  
ARG O    O N N 17  
ARG CB   C N N 18  
ARG CG   C N N 19  
ARG CD   C N N 20  
ARG NE   N N N 21  
ARG CZ   C N N 22  
ARG NH1  N N N 23  
ARG NH2  N N N 24  
ARG OXT  O N N 25  
ARG H    H N N 26  
ARG H2   H N N 27  
ARG HA   H N N 28  
ARG HB2  H N N 29  
ARG HB3  H N N 30  
ARG HG2  H N N 31  
ARG HG3  H N N 32  
ARG HD2  H N N 33  
ARG HD3  H N N 34  
ARG HE   H N N 35  
ARG HH11 H N N 36  
ARG HH12 H N N 37  
ARG HH21 H N N 38  
ARG HH22 H N N 39  
ARG HXT  H N N 40  
ASN N    N N N 41  
ASN CA   C N S 42  
ASN C    C N N 43  
ASN O    O N N 44  
ASN CB   C N N 45  
ASN CG   C N N 46  
ASN OD1  O N N 47  
ASN ND2  N N N 48  
ASN OXT  O N N 49  
ASN H    H N N 50  
ASN H2   H N N 51  
ASN HA   H N N 52  
ASN HB2  H N N 53  
ASN HB3  H N N 54  
ASN HD21 H N N 55  
ASN HD22 H N N 56  
ASN HXT  H N N 57  
ASP N    N N N 58  
ASP CA   C N S 59  
ASP C    C N N 60  
ASP O    O N N 61  
ASP CB   C N N 62  
ASP CG   C N N 63  
ASP OD1  O N N 64  
ASP OD2  O N N 65  
ASP OXT  O N N 66  
ASP H    H N N 67  
ASP H2   H N N 68  
ASP HA   H N N 69  
ASP HB2  H N N 70  
ASP HB3  H N N 71  
ASP HD2  H N N 72  
ASP HXT  H N N 73  
CYS N    N N N 74  
CYS CA   C N R 75  
CYS C    C N N 76  
CYS O    O N N 77  
CYS CB   C N N 78  
CYS SG   S N N 79  
CYS OXT  O N N 80  
CYS H    H N N 81  
CYS H2   H N N 82  
CYS HA   H N N 83  
CYS HB2  H N N 84  
CYS HB3  H N N 85  
CYS HG   H N N 86  
CYS HXT  H N N 87  
GLN N    N N N 88  
GLN CA   C N S 89  
GLN C    C N N 90  
GLN O    O N N 91  
GLN CB   C N N 92  
GLN CG   C N N 93  
GLN CD   C N N 94  
GLN OE1  O N N 95  
GLN NE2  N N N 96  
GLN OXT  O N N 97  
GLN H    H N N 98  
GLN H2   H N N 99  
GLN HA   H N N 100 
GLN HB2  H N N 101 
GLN HB3  H N N 102 
GLN HG2  H N N 103 
GLN HG3  H N N 104 
GLN HE21 H N N 105 
GLN HE22 H N N 106 
GLN HXT  H N N 107 
GLU N    N N N 108 
GLU CA   C N S 109 
GLU C    C N N 110 
GLU O    O N N 111 
GLU CB   C N N 112 
GLU CG   C N N 113 
GLU CD   C N N 114 
GLU OE1  O N N 115 
GLU OE2  O N N 116 
GLU OXT  O N N 117 
GLU H    H N N 118 
GLU H2   H N N 119 
GLU HA   H N N 120 
GLU HB2  H N N 121 
GLU HB3  H N N 122 
GLU HG2  H N N 123 
GLU HG3  H N N 124 
GLU HE2  H N N 125 
GLU HXT  H N N 126 
GLY N    N N N 127 
GLY CA   C N N 128 
GLY C    C N N 129 
GLY O    O N N 130 
GLY OXT  O N N 131 
GLY H    H N N 132 
GLY H2   H N N 133 
GLY HA2  H N N 134 
GLY HA3  H N N 135 
GLY HXT  H N N 136 
HIS N    N N N 137 
HIS CA   C N S 138 
HIS C    C N N 139 
HIS O    O N N 140 
HIS CB   C N N 141 
HIS CG   C Y N 142 
HIS ND1  N Y N 143 
HIS CD2  C Y N 144 
HIS CE1  C Y N 145 
HIS NE2  N Y N 146 
HIS OXT  O N N 147 
HIS H    H N N 148 
HIS H2   H N N 149 
HIS HA   H N N 150 
HIS HB2  H N N 151 
HIS HB3  H N N 152 
HIS HD1  H N N 153 
HIS HD2  H N N 154 
HIS HE1  H N N 155 
HIS HE2  H N N 156 
HIS HXT  H N N 157 
HOH O    O N N 158 
HOH H1   H N N 159 
HOH H2   H N N 160 
ILE N    N N N 161 
ILE CA   C N S 162 
ILE C    C N N 163 
ILE O    O N N 164 
ILE CB   C N S 165 
ILE CG1  C N N 166 
ILE CG2  C N N 167 
ILE CD1  C N N 168 
ILE OXT  O N N 169 
ILE H    H N N 170 
ILE H2   H N N 171 
ILE HA   H N N 172 
ILE HB   H N N 173 
ILE HG12 H N N 174 
ILE HG13 H N N 175 
ILE HG21 H N N 176 
ILE HG22 H N N 177 
ILE HG23 H N N 178 
ILE HD11 H N N 179 
ILE HD12 H N N 180 
ILE HD13 H N N 181 
ILE HXT  H N N 182 
LEU N    N N N 183 
LEU CA   C N S 184 
LEU C    C N N 185 
LEU O    O N N 186 
LEU CB   C N N 187 
LEU CG   C N N 188 
LEU CD1  C N N 189 
LEU CD2  C N N 190 
LEU OXT  O N N 191 
LEU H    H N N 192 
LEU H2   H N N 193 
LEU HA   H N N 194 
LEU HB2  H N N 195 
LEU HB3  H N N 196 
LEU HG   H N N 197 
LEU HD11 H N N 198 
LEU HD12 H N N 199 
LEU HD13 H N N 200 
LEU HD21 H N N 201 
LEU HD22 H N N 202 
LEU HD23 H N N 203 
LEU HXT  H N N 204 
LYS N    N N N 205 
LYS CA   C N S 206 
LYS C    C N N 207 
LYS O    O N N 208 
LYS CB   C N N 209 
LYS CG   C N N 210 
LYS CD   C N N 211 
LYS CE   C N N 212 
LYS NZ   N N N 213 
LYS OXT  O N N 214 
LYS H    H N N 215 
LYS H2   H N N 216 
LYS HA   H N N 217 
LYS HB2  H N N 218 
LYS HB3  H N N 219 
LYS HG2  H N N 220 
LYS HG3  H N N 221 
LYS HD2  H N N 222 
LYS HD3  H N N 223 
LYS HE2  H N N 224 
LYS HE3  H N N 225 
LYS HZ1  H N N 226 
LYS HZ2  H N N 227 
LYS HZ3  H N N 228 
LYS HXT  H N N 229 
MET N    N N N 230 
MET CA   C N S 231 
MET C    C N N 232 
MET O    O N N 233 
MET CB   C N N 234 
MET CG   C N N 235 
MET SD   S N N 236 
MET CE   C N N 237 
MET OXT  O N N 238 
MET H    H N N 239 
MET H2   H N N 240 
MET HA   H N N 241 
MET HB2  H N N 242 
MET HB3  H N N 243 
MET HG2  H N N 244 
MET HG3  H N N 245 
MET HE1  H N N 246 
MET HE2  H N N 247 
MET HE3  H N N 248 
MET HXT  H N N 249 
PHE N    N N N 250 
PHE CA   C N S 251 
PHE C    C N N 252 
PHE O    O N N 253 
PHE CB   C N N 254 
PHE CG   C Y N 255 
PHE CD1  C Y N 256 
PHE CD2  C Y N 257 
PHE CE1  C Y N 258 
PHE CE2  C Y N 259 
PHE CZ   C Y N 260 
PHE OXT  O N N 261 
PHE H    H N N 262 
PHE H2   H N N 263 
PHE HA   H N N 264 
PHE HB2  H N N 265 
PHE HB3  H N N 266 
PHE HD1  H N N 267 
PHE HD2  H N N 268 
PHE HE1  H N N 269 
PHE HE2  H N N 270 
PHE HZ   H N N 271 
PHE HXT  H N N 272 
PRO N    N N N 273 
PRO CA   C N S 274 
PRO C    C N N 275 
PRO O    O N N 276 
PRO CB   C N N 277 
PRO CG   C N N 278 
PRO CD   C N N 279 
PRO OXT  O N N 280 
PRO H    H N N 281 
PRO HA   H N N 282 
PRO HB2  H N N 283 
PRO HB3  H N N 284 
PRO HG2  H N N 285 
PRO HG3  H N N 286 
PRO HD2  H N N 287 
PRO HD3  H N N 288 
PRO HXT  H N N 289 
SER N    N N N 290 
SER CA   C N S 291 
SER C    C N N 292 
SER O    O N N 293 
SER CB   C N N 294 
SER OG   O N N 295 
SER OXT  O N N 296 
SER H    H N N 297 
SER H2   H N N 298 
SER HA   H N N 299 
SER HB2  H N N 300 
SER HB3  H N N 301 
SER HG   H N N 302 
SER HXT  H N N 303 
THR N    N N N 304 
THR CA   C N S 305 
THR C    C N N 306 
THR O    O N N 307 
THR CB   C N R 308 
THR OG1  O N N 309 
THR CG2  C N N 310 
THR OXT  O N N 311 
THR H    H N N 312 
THR H2   H N N 313 
THR HA   H N N 314 
THR HB   H N N 315 
THR HG1  H N N 316 
THR HG21 H N N 317 
THR HG22 H N N 318 
THR HG23 H N N 319 
THR HXT  H N N 320 
TYR N    N N N 321 
TYR CA   C N S 322 
TYR C    C N N 323 
TYR O    O N N 324 
TYR CB   C N N 325 
TYR CG   C Y N 326 
TYR CD1  C Y N 327 
TYR CD2  C Y N 328 
TYR CE1  C Y N 329 
TYR CE2  C Y N 330 
TYR CZ   C Y N 331 
TYR OH   O N N 332 
TYR OXT  O N N 333 
TYR H    H N N 334 
TYR H2   H N N 335 
TYR HA   H N N 336 
TYR HB2  H N N 337 
TYR HB3  H N N 338 
TYR HD1  H N N 339 
TYR HD2  H N N 340 
TYR HE1  H N N 341 
TYR HE2  H N N 342 
TYR HH   H N N 343 
TYR HXT  H N N 344 
VAL N    N N N 345 
VAL CA   C N S 346 
VAL C    C N N 347 
VAL O    O N N 348 
VAL CB   C N N 349 
VAL CG1  C N N 350 
VAL CG2  C N N 351 
VAL OXT  O N N 352 
VAL H    H N N 353 
VAL H2   H N N 354 
VAL HA   H N N 355 
VAL HB   H N N 356 
VAL HG11 H N N 357 
VAL HG12 H N N 358 
VAL HG13 H N N 359 
VAL HG21 H N N 360 
VAL HG22 H N N 361 
VAL HG23 H N N 362 
VAL HXT  H N N 363 
# 
loop_
_chem_comp_bond.comp_id 
_chem_comp_bond.atom_id_1 
_chem_comp_bond.atom_id_2 
_chem_comp_bond.value_order 
_chem_comp_bond.pdbx_aromatic_flag 
_chem_comp_bond.pdbx_stereo_config 
_chem_comp_bond.pdbx_ordinal 
ALA N   CA   sing N N 1   
ALA N   H    sing N N 2   
ALA N   H2   sing N N 3   
ALA CA  C    sing N N 4   
ALA CA  CB   sing N N 5   
ALA CA  HA   sing N N 6   
ALA C   O    doub N N 7   
ALA C   OXT  sing N N 8   
ALA CB  HB1  sing N N 9   
ALA CB  HB2  sing N N 10  
ALA CB  HB3  sing N N 11  
ALA OXT HXT  sing N N 12  
ARG N   CA   sing N N 13  
ARG N   H    sing N N 14  
ARG N   H2   sing N N 15  
ARG CA  C    sing N N 16  
ARG CA  CB   sing N N 17  
ARG CA  HA   sing N N 18  
ARG C   O    doub N N 19  
ARG C   OXT  sing N N 20  
ARG CB  CG   sing N N 21  
ARG CB  HB2  sing N N 22  
ARG CB  HB3  sing N N 23  
ARG CG  CD   sing N N 24  
ARG CG  HG2  sing N N 25  
ARG CG  HG3  sing N N 26  
ARG CD  NE   sing N N 27  
ARG CD  HD2  sing N N 28  
ARG CD  HD3  sing N N 29  
ARG NE  CZ   sing N N 30  
ARG NE  HE   sing N N 31  
ARG CZ  NH1  sing N N 32  
ARG CZ  NH2  doub N N 33  
ARG NH1 HH11 sing N N 34  
ARG NH1 HH12 sing N N 35  
ARG NH2 HH21 sing N N 36  
ARG NH2 HH22 sing N N 37  
ARG OXT HXT  sing N N 38  
ASN N   CA   sing N N 39  
ASN N   H    sing N N 40  
ASN N   H2   sing N N 41  
ASN CA  C    sing N N 42  
ASN CA  CB   sing N N 43  
ASN CA  HA   sing N N 44  
ASN C   O    doub N N 45  
ASN C   OXT  sing N N 46  
ASN CB  CG   sing N N 47  
ASN CB  HB2  sing N N 48  
ASN CB  HB3  sing N N 49  
ASN CG  OD1  doub N N 50  
ASN CG  ND2  sing N N 51  
ASN ND2 HD21 sing N N 52  
ASN ND2 HD22 sing N N 53  
ASN OXT HXT  sing N N 54  
ASP N   CA   sing N N 55  
ASP N   H    sing N N 56  
ASP N   H2   sing N N 57  
ASP CA  C    sing N N 58  
ASP CA  CB   sing N N 59  
ASP CA  HA   sing N N 60  
ASP C   O    doub N N 61  
ASP C   OXT  sing N N 62  
ASP CB  CG   sing N N 63  
ASP CB  HB2  sing N N 64  
ASP CB  HB3  sing N N 65  
ASP CG  OD1  doub N N 66  
ASP CG  OD2  sing N N 67  
ASP OD2 HD2  sing N N 68  
ASP OXT HXT  sing N N 69  
CYS N   CA   sing N N 70  
CYS N   H    sing N N 71  
CYS N   H2   sing N N 72  
CYS CA  C    sing N N 73  
CYS CA  CB   sing N N 74  
CYS CA  HA   sing N N 75  
CYS C   O    doub N N 76  
CYS C   OXT  sing N N 77  
CYS CB  SG   sing N N 78  
CYS CB  HB2  sing N N 79  
CYS CB  HB3  sing N N 80  
CYS SG  HG   sing N N 81  
CYS OXT HXT  sing N N 82  
GLN N   CA   sing N N 83  
GLN N   H    sing N N 84  
GLN N   H2   sing N N 85  
GLN CA  C    sing N N 86  
GLN CA  CB   sing N N 87  
GLN CA  HA   sing N N 88  
GLN C   O    doub N N 89  
GLN C   OXT  sing N N 90  
GLN CB  CG   sing N N 91  
GLN CB  HB2  sing N N 92  
GLN CB  HB3  sing N N 93  
GLN CG  CD   sing N N 94  
GLN CG  HG2  sing N N 95  
GLN CG  HG3  sing N N 96  
GLN CD  OE1  doub N N 97  
GLN CD  NE2  sing N N 98  
GLN NE2 HE21 sing N N 99  
GLN NE2 HE22 sing N N 100 
GLN OXT HXT  sing N N 101 
GLU N   CA   sing N N 102 
GLU N   H    sing N N 103 
GLU N   H2   sing N N 104 
GLU CA  C    sing N N 105 
GLU CA  CB   sing N N 106 
GLU CA  HA   sing N N 107 
GLU C   O    doub N N 108 
GLU C   OXT  sing N N 109 
GLU CB  CG   sing N N 110 
GLU CB  HB2  sing N N 111 
GLU CB  HB3  sing N N 112 
GLU CG  CD   sing N N 113 
GLU CG  HG2  sing N N 114 
GLU CG  HG3  sing N N 115 
GLU CD  OE1  doub N N 116 
GLU CD  OE2  sing N N 117 
GLU OE2 HE2  sing N N 118 
GLU OXT HXT  sing N N 119 
GLY N   CA   sing N N 120 
GLY N   H    sing N N 121 
GLY N   H2   sing N N 122 
GLY CA  C    sing N N 123 
GLY CA  HA2  sing N N 124 
GLY CA  HA3  sing N N 125 
GLY C   O    doub N N 126 
GLY C   OXT  sing N N 127 
GLY OXT HXT  sing N N 128 
HIS N   CA   sing N N 129 
HIS N   H    sing N N 130 
HIS N   H2   sing N N 131 
HIS CA  C    sing N N 132 
HIS CA  CB   sing N N 133 
HIS CA  HA   sing N N 134 
HIS C   O    doub N N 135 
HIS C   OXT  sing N N 136 
HIS CB  CG   sing N N 137 
HIS CB  HB2  sing N N 138 
HIS CB  HB3  sing N N 139 
HIS CG  ND1  sing Y N 140 
HIS CG  CD2  doub Y N 141 
HIS ND1 CE1  doub Y N 142 
HIS ND1 HD1  sing N N 143 
HIS CD2 NE2  sing Y N 144 
HIS CD2 HD2  sing N N 145 
HIS CE1 NE2  sing Y N 146 
HIS CE1 HE1  sing N N 147 
HIS NE2 HE2  sing N N 148 
HIS OXT HXT  sing N N 149 
HOH O   H1   sing N N 150 
HOH O   H2   sing N N 151 
ILE N   CA   sing N N 152 
ILE N   H    sing N N 153 
ILE N   H2   sing N N 154 
ILE CA  C    sing N N 155 
ILE CA  CB   sing N N 156 
ILE CA  HA   sing N N 157 
ILE C   O    doub N N 158 
ILE C   OXT  sing N N 159 
ILE CB  CG1  sing N N 160 
ILE CB  CG2  sing N N 161 
ILE CB  HB   sing N N 162 
ILE CG1 CD1  sing N N 163 
ILE CG1 HG12 sing N N 164 
ILE CG1 HG13 sing N N 165 
ILE CG2 HG21 sing N N 166 
ILE CG2 HG22 sing N N 167 
ILE CG2 HG23 sing N N 168 
ILE CD1 HD11 sing N N 169 
ILE CD1 HD12 sing N N 170 
ILE CD1 HD13 sing N N 171 
ILE OXT HXT  sing N N 172 
LEU N   CA   sing N N 173 
LEU N   H    sing N N 174 
LEU N   H2   sing N N 175 
LEU CA  C    sing N N 176 
LEU CA  CB   sing N N 177 
LEU CA  HA   sing N N 178 
LEU C   O    doub N N 179 
LEU C   OXT  sing N N 180 
LEU CB  CG   sing N N 181 
LEU CB  HB2  sing N N 182 
LEU CB  HB3  sing N N 183 
LEU CG  CD1  sing N N 184 
LEU CG  CD2  sing N N 185 
LEU CG  HG   sing N N 186 
LEU CD1 HD11 sing N N 187 
LEU CD1 HD12 sing N N 188 
LEU CD1 HD13 sing N N 189 
LEU CD2 HD21 sing N N 190 
LEU CD2 HD22 sing N N 191 
LEU CD2 HD23 sing N N 192 
LEU OXT HXT  sing N N 193 
LYS N   CA   sing N N 194 
LYS N   H    sing N N 195 
LYS N   H2   sing N N 196 
LYS CA  C    sing N N 197 
LYS CA  CB   sing N N 198 
LYS CA  HA   sing N N 199 
LYS C   O    doub N N 200 
LYS C   OXT  sing N N 201 
LYS CB  CG   sing N N 202 
LYS CB  HB2  sing N N 203 
LYS CB  HB3  sing N N 204 
LYS CG  CD   sing N N 205 
LYS CG  HG2  sing N N 206 
LYS CG  HG3  sing N N 207 
LYS CD  CE   sing N N 208 
LYS CD  HD2  sing N N 209 
LYS CD  HD3  sing N N 210 
LYS CE  NZ   sing N N 211 
LYS CE  HE2  sing N N 212 
LYS CE  HE3  sing N N 213 
LYS NZ  HZ1  sing N N 214 
LYS NZ  HZ2  sing N N 215 
LYS NZ  HZ3  sing N N 216 
LYS OXT HXT  sing N N 217 
MET N   CA   sing N N 218 
MET N   H    sing N N 219 
MET N   H2   sing N N 220 
MET CA  C    sing N N 221 
MET CA  CB   sing N N 222 
MET CA  HA   sing N N 223 
MET C   O    doub N N 224 
MET C   OXT  sing N N 225 
MET CB  CG   sing N N 226 
MET CB  HB2  sing N N 227 
MET CB  HB3  sing N N 228 
MET CG  SD   sing N N 229 
MET CG  HG2  sing N N 230 
MET CG  HG3  sing N N 231 
MET SD  CE   sing N N 232 
MET CE  HE1  sing N N 233 
MET CE  HE2  sing N N 234 
MET CE  HE3  sing N N 235 
MET OXT HXT  sing N N 236 
PHE N   CA   sing N N 237 
PHE N   H    sing N N 238 
PHE N   H2   sing N N 239 
PHE CA  C    sing N N 240 
PHE CA  CB   sing N N 241 
PHE CA  HA   sing N N 242 
PHE C   O    doub N N 243 
PHE C   OXT  sing N N 244 
PHE CB  CG   sing N N 245 
PHE CB  HB2  sing N N 246 
PHE CB  HB3  sing N N 247 
PHE CG  CD1  doub Y N 248 
PHE CG  CD2  sing Y N 249 
PHE CD1 CE1  sing Y N 250 
PHE CD1 HD1  sing N N 251 
PHE CD2 CE2  doub Y N 252 
PHE CD2 HD2  sing N N 253 
PHE CE1 CZ   doub Y N 254 
PHE CE1 HE1  sing N N 255 
PHE CE2 CZ   sing Y N 256 
PHE CE2 HE2  sing N N 257 
PHE CZ  HZ   sing N N 258 
PHE OXT HXT  sing N N 259 
PRO N   CA   sing N N 260 
PRO N   CD   sing N N 261 
PRO N   H    sing N N 262 
PRO CA  C    sing N N 263 
PRO CA  CB   sing N N 264 
PRO CA  HA   sing N N 265 
PRO C   O    doub N N 266 
PRO C   OXT  sing N N 267 
PRO CB  CG   sing N N 268 
PRO CB  HB2  sing N N 269 
PRO CB  HB3  sing N N 270 
PRO CG  CD   sing N N 271 
PRO CG  HG2  sing N N 272 
PRO CG  HG3  sing N N 273 
PRO CD  HD2  sing N N 274 
PRO CD  HD3  sing N N 275 
PRO OXT HXT  sing N N 276 
SER N   CA   sing N N 277 
SER N   H    sing N N 278 
SER N   H2   sing N N 279 
SER CA  C    sing N N 280 
SER CA  CB   sing N N 281 
SER CA  HA   sing N N 282 
SER C   O    doub N N 283 
SER C   OXT  sing N N 284 
SER CB  OG   sing N N 285 
SER CB  HB2  sing N N 286 
SER CB  HB3  sing N N 287 
SER OG  HG   sing N N 288 
SER OXT HXT  sing N N 289 
THR N   CA   sing N N 290 
THR N   H    sing N N 291 
THR N   H2   sing N N 292 
THR CA  C    sing N N 293 
THR CA  CB   sing N N 294 
THR CA  HA   sing N N 295 
THR C   O    doub N N 296 
THR C   OXT  sing N N 297 
THR CB  OG1  sing N N 298 
THR CB  CG2  sing N N 299 
THR CB  HB   sing N N 300 
THR OG1 HG1  sing N N 301 
THR CG2 HG21 sing N N 302 
THR CG2 HG22 sing N N 303 
THR CG2 HG23 sing N N 304 
THR OXT HXT  sing N N 305 
TYR N   CA   sing N N 306 
TYR N   H    sing N N 307 
TYR N   H2   sing N N 308 
TYR CA  C    sing N N 309 
TYR CA  CB   sing N N 310 
TYR CA  HA   sing N N 311 
TYR C   O    doub N N 312 
TYR C   OXT  sing N N 313 
TYR CB  CG   sing N N 314 
TYR CB  HB2  sing N N 315 
TYR CB  HB3  sing N N 316 
TYR CG  CD1  doub Y N 317 
TYR CG  CD2  sing Y N 318 
TYR CD1 CE1  sing Y N 319 
TYR CD1 HD1  sing N N 320 
TYR CD2 CE2  doub Y N 321 
TYR CD2 HD2  sing N N 322 
TYR CE1 CZ   doub Y N 323 
TYR CE1 HE1  sing N N 324 
TYR CE2 CZ   sing Y N 325 
TYR CE2 HE2  sing N N 326 
TYR CZ  OH   sing N N 327 
TYR OH  HH   sing N N 328 
TYR OXT HXT  sing N N 329 
VAL N   CA   sing N N 330 
VAL N   H    sing N N 331 
VAL N   H2   sing N N 332 
VAL CA  C    sing N N 333 
VAL CA  CB   sing N N 334 
VAL CA  HA   sing N N 335 
VAL C   O    doub N N 336 
VAL C   OXT  sing N N 337 
VAL CB  CG1  sing N N 338 
VAL CB  CG2  sing N N 339 
VAL CB  HB   sing N N 340 
VAL CG1 HG11 sing N N 341 
VAL CG1 HG12 sing N N 342 
VAL CG1 HG13 sing N N 343 
VAL CG2 HG21 sing N N 344 
VAL CG2 HG22 sing N N 345 
VAL CG2 HG23 sing N N 346 
VAL OXT HXT  sing N N 347 
# 
_pdbx_audit_support.funding_organization   'National Science Foundation (NSF, China)' 
_pdbx_audit_support.country                China 
_pdbx_audit_support.grant_number           31822012 
_pdbx_audit_support.ordinal                1 
# 
_atom_sites.entry_id                    7DU0 
_atom_sites.Cartn_transf_matrix[1][1]   ? 
_atom_sites.Cartn_transf_matrix[1][2]   ? 
_atom_sites.Cartn_transf_matrix[1][3]   ? 
_atom_sites.Cartn_transf_matrix[2][1]   ? 
_atom_sites.Cartn_transf_matrix[2][2]   ? 
_atom_sites.Cartn_transf_matrix[2][3]   ? 
_atom_sites.Cartn_transf_matrix[3][1]   ? 
_atom_sites.Cartn_transf_matrix[3][2]   ? 
_atom_sites.Cartn_transf_matrix[3][3]   ? 
_atom_sites.Cartn_transf_vector[1]      ? 
_atom_sites.Cartn_transf_vector[2]      ? 
_atom_sites.Cartn_transf_vector[3]      ? 
_atom_sites.fract_transf_matrix[1][1]   -0.00069865 
_atom_sites.fract_transf_matrix[1][2]   0.00670004 
_atom_sites.fract_transf_matrix[1][3]   -0.01559168 
_atom_sites.fract_transf_matrix[2][1]   0.02831726 
_atom_sites.fract_transf_matrix[2][2]   -0.00326620 
_atom_sites.fract_transf_matrix[2][3]   -0.00267242 
_atom_sites.fract_transf_matrix[3][1]   -0.00243836 
_atom_sites.fract_transf_matrix[3][2]   -0.01030763 
_atom_sites.fract_transf_matrix[3][3]   -0.01323930 
_atom_sites.fract_transf_vector[1]      0.042842 
_atom_sites.fract_transf_vector[2]      -0.155370 
_atom_sites.fract_transf_vector[3]      -0.188432 
_atom_sites.solution_primary            ? 
_atom_sites.solution_secondary          ? 
_atom_sites.solution_hydrogens          ? 
_atom_sites.special_details             ? 
# 
loop_
_atom_type.symbol 
C 
N 
O 
S 
# 
loop_
_atom_site.group_PDB 
_atom_site.id 
_atom_site.type_symbol 
_atom_site.label_atom_id 
_atom_site.label_alt_id 
_atom_site.label_comp_id 
_atom_site.label_asym_id 
_atom_site.label_entity_id 
_atom_site.label_seq_id 
_atom_site.pdbx_PDB_ins_code 
_atom_site.Cartn_x 
_atom_site.Cartn_y 
_atom_site.Cartn_z 
_atom_site.occupancy 
_atom_site.B_iso_or_equiv 
_atom_site.pdbx_formal_charge 
_atom_site.auth_seq_id 
_atom_site.auth_comp_id 
_atom_site.auth_asym_id 
_atom_site.auth_atom_id 
_atom_site.pdbx_PDB_model_num 
ATOM   1    N N   . ALA A 1 1   ? -15.064 -2.923  8.267   1.00 57.48 ? 0   ALA A N   1 
ATOM   2    C CA  . ALA A 1 1   ? -14.916 -4.310  7.842   1.00 53.30 ? 0   ALA A CA  1 
ATOM   3    C C   . ALA A 1 1   ? -14.154 -4.410  6.521   1.00 54.16 ? 0   ALA A C   1 
ATOM   4    O O   . ALA A 1 1   ? -14.708 -4.824  5.501   1.00 58.75 ? 0   ALA A O   1 
ATOM   5    C CB  . ALA A 1 1   ? -16.279 -4.976  7.726   1.00 60.02 ? 0   ALA A CB  1 
ATOM   6    N N   . MET A 1 2   ? -12.881 -4.021  6.557   1.00 47.03 ? 1   MET A N   1 
ATOM   7    C CA  . MET A 1 2   ? -11.982 -4.134  5.417   1.00 39.77 ? 1   MET A CA  1 
ATOM   8    C C   . MET A 1 2   ? -11.194 -5.434  5.536   1.00 38.92 ? 1   MET A C   1 
ATOM   9    O O   . MET A 1 2   ? -10.747 -5.802  6.626   1.00 37.23 ? 1   MET A O   1 
ATOM   10   C CB  . MET A 1 2   ? -11.053 -2.912  5.371   1.00 39.73 ? 1   MET A CB  1 
ATOM   11   C CG  . MET A 1 2   ? -10.153 -2.769  4.164   1.00 39.83 ? 1   MET A CG  1 
ATOM   12   S SD  . MET A 1 2   ? -8.747  -1.663  4.490   1.00 31.30 ? 1   MET A SD  1 
ATOM   13   C CE  . MET A 1 2   ? -9.541  -0.327  5.381   1.00 39.03 ? 1   MET A CE  1 
ATOM   14   N N   . LYS A 1 3   ? -11.053 -6.147  4.421   1.00 33.11 ? 2   LYS A N   1 
ATOM   15   C CA  . LYS A 1 3   ? -10.317 -7.403  4.439   1.00 33.75 ? 2   LYS A CA  1 
ATOM   16   C C   . LYS A 1 3   ? -8.825  -7.148  4.617   1.00 35.95 ? 2   LYS A C   1 
ATOM   17   O O   . LYS A 1 3   ? -8.302  -6.092  4.248   1.00 31.84 ? 2   LYS A O   1 
ATOM   18   C CB  . LYS A 1 3   ? -10.563 -8.189  3.154   1.00 37.56 ? 2   LYS A CB  1 
ATOM   19   C CG  . LYS A 1 3   ? -12.017 -8.196  2.710   1.00 39.73 ? 2   LYS A CG  1 
ATOM   20   C CD  . LYS A 1 3   ? -12.369 -9.481  1.985   1.00 43.93 ? 2   LYS A CD  1 
ATOM   21   C CE  . LYS A 1 3   ? -12.584 -10.622 2.967   1.00 44.39 ? 2   LYS A CE  1 
ATOM   22   N NZ  . LYS A 1 3   ? -13.272 -11.772 2.323   1.00 40.36 ? 2   LYS A NZ  1 
ATOM   23   N N   . LYS A 1 4   ? -8.132  -8.141  5.184   1.00 32.17 ? 3   LYS A N   1 
ATOM   24   C CA  . LYS A 1 4   ? -6.701  -7.979  5.416   1.00 37.61 ? 3   LYS A CA  1 
ATOM   25   C C   . LYS A 1 4   ? -5.932  -7.882  4.105   1.00 34.53 ? 3   LYS A C   1 
ATOM   26   O O   . LYS A 1 4   ? -4.849  -7.287  4.066   1.00 27.29 ? 3   LYS A O   1 
ATOM   27   C CB  . LYS A 1 4   ? -6.167  -9.127  6.274   1.00 35.47 ? 3   LYS A CB  1 
ATOM   28   C CG  . LYS A 1 4   ? -6.135  -10.472 5.583   1.00 40.48 ? 3   LYS A CG  1 
ATOM   29   C CD  . LYS A 1 4   ? -4.726  -10.796 5.114   1.00 45.81 ? 3   LYS A CD  1 
ATOM   30   C CE  . LYS A 1 4   ? -4.716  -12.066 4.308   1.00 47.25 ? 3   LYS A CE  1 
ATOM   31   N NZ  . LYS A 1 4   ? -3.737  -12.052 3.187   1.00 43.32 ? 3   LYS A NZ  1 
ATOM   32   N N   . ILE A 1 5   ? -6.473  -8.449  3.023   1.00 29.14 ? 4   ILE A N   1 
ATOM   33   C CA  . ILE A 1 5   ? -5.859  -8.274  1.710   1.00 30.93 ? 4   ILE A CA  1 
ATOM   34   C C   . ILE A 1 5   ? -5.869  -6.801  1.316   1.00 31.01 ? 4   ILE A C   1 
ATOM   35   O O   . ILE A 1 5   ? -4.914  -6.294  0.713   1.00 24.42 ? 4   ILE A O   1 
ATOM   36   C CB  . ILE A 1 5   ? -6.572  -9.156  0.667   1.00 36.31 ? 4   ILE A CB  1 
ATOM   37   C CG1 . ILE A 1 5   ? -5.932  -8.990  -0.712  1.00 38.12 ? 4   ILE A CG1 1 
ATOM   38   C CG2 . ILE A 1 5   ? -8.060  -8.846  0.609   1.00 36.08 ? 4   ILE A CG2 1 
ATOM   39   C CD1 . ILE A 1 5   ? -4.785  -9.951  -0.956  1.00 45.15 ? 4   ILE A CD1 1 
ATOM   40   N N   . GLU A 1 6   ? -6.927  -6.078  1.693   1.00 28.18 ? 5   GLU A N   1 
ATOM   41   C CA  . GLU A 1 6   ? -7.002  -4.655  1.382   1.00 31.31 ? 5   GLU A CA  1 
ATOM   42   C C   . GLU A 1 6   ? -6.083  -3.839  2.289   1.00 31.25 ? 5   GLU A C   1 
ATOM   43   O O   . GLU A 1 6   ? -5.494  -2.839  1.851   1.00 28.95 ? 5   GLU A O   1 
ATOM   44   C CB  . GLU A 1 6   ? -8.451  -4.181  1.490   1.00 28.04 ? 5   GLU A CB  1 
ATOM   45   C CG  . GLU A 1 6   ? -9.352  -4.706  0.379   1.00 29.62 ? 5   GLU A CG  1 
ATOM   46   C CD  . GLU A 1 6   ? -10.829 -4.619  0.719   1.00 32.51 ? 5   GLU A CD  1 
ATOM   47   O OE1 . GLU A 1 6   ? -11.204 -4.910  1.875   1.00 32.77 ? 5   GLU A OE1 1 
ATOM   48   O OE2 . GLU A 1 6   ? -11.622 -4.260  -0.176  1.00 34.91 ? 5   GLU A OE2 1 
ATOM   49   N N   . MET A 1 7   ? -5.936  -4.256  3.551   1.00 27.73 ? 6   MET A N   1 
ATOM   50   C CA  . MET A 1 7   ? -4.940  -3.635  4.420   1.00 31.11 ? 6   MET A CA  1 
ATOM   51   C C   . MET A 1 7   ? -3.540  -3.791  3.835   1.00 31.57 ? 6   MET A C   1 
ATOM   52   O O   . MET A 1 7   ? -2.769  -2.826  3.762   1.00 29.40 ? 6   MET A O   1 
ATOM   53   C CB  . MET A 1 7   ? -5.003  -4.248  5.822   1.00 32.25 ? 6   MET A CB  1 
ATOM   54   C CG  . MET A 1 7   ? -6.311  -4.020  6.576   1.00 33.45 ? 6   MET A CG  1 
ATOM   55   S SD  . MET A 1 7   ? -6.558  -5.209  7.921   1.00 38.59 ? 6   MET A SD  1 
ATOM   56   C CE  . MET A 1 7   ? -5.070  -5.016  8.886   1.00 46.04 ? 6   MET A CE  1 
ATOM   57   N N   . ILE A 1 8   ? -3.202  -5.008  3.401   1.00 28.45 ? 7   ILE A N   1 
ATOM   58   C CA  . ILE A 1 8   ? -1.881  -5.275  2.835   1.00 31.63 ? 7   ILE A CA  1 
ATOM   59   C C   . ILE A 1 8   ? -1.674  -4.483  1.549   1.00 29.15 ? 7   ILE A C   1 
ATOM   60   O O   . ILE A 1 8   ? -0.578  -3.977  1.287   1.00 29.84 ? 7   ILE A O   1 
ATOM   61   C CB  . ILE A 1 8   ? -1.698  -6.788  2.609   1.00 30.63 ? 7   ILE A CB  1 
ATOM   62   C CG1 . ILE A 1 8   ? -1.622  -7.528  3.946   1.00 32.11 ? 7   ILE A CG1 1 
ATOM   63   C CG2 . ILE A 1 8   ? -0.445  -7.070  1.790   1.00 32.60 ? 7   ILE A CG2 1 
ATOM   64   C CD1 . ILE A 1 8   ? -1.618  -9.030  3.803   1.00 35.61 ? 7   ILE A CD1 1 
ATOM   65   N N   . GLU A 1 9   ? -2.716  -4.364  0.721   1.00 29.50 ? 8   GLU A N   1 
ATOM   66   C CA  . GLU A 1 9   ? -2.581  -3.581  -0.504  1.00 28.06 ? 8   GLU A CA  1 
ATOM   67   C C   . GLU A 1 9   ? -2.334  -2.109  -0.192  1.00 26.37 ? 8   GLU A C   1 
ATOM   68   O O   . GLU A 1 9   ? -1.486  -1.468  -0.826  1.00 28.02 ? 8   GLU A O   1 
ATOM   69   C CB  . GLU A 1 9   ? -3.822  -3.753  -1.382  1.00 29.80 ? 8   GLU A CB  1 
ATOM   70   C CG  . GLU A 1 9   ? -3.872  -2.830  -2.598  1.00 30.08 ? 8   GLU A CG  1 
ATOM   71   C CD  . GLU A 1 9   ? -2.825  -3.167  -3.653  1.00 36.38 ? 8   GLU A CD  1 
ATOM   72   O OE1 . GLU A 1 9   ? -2.151  -4.211  -3.530  1.00 37.72 ? 8   GLU A OE1 1 
ATOM   73   O OE2 . GLU A 1 9   ? -2.675  -2.378  -4.610  1.00 40.65 ? 8   GLU A OE2 1 
ATOM   74   N N   . ILE A 1 10  ? -3.058  -1.555  0.787   1.00 25.66 ? 9   ILE A N   1 
ATOM   75   C CA  . ILE A 1 10  ? -2.782  -0.186  1.218   1.00 29.07 ? 9   ILE A CA  1 
ATOM   76   C C   . ILE A 1 10  ? -1.335  -0.050  1.670   1.00 29.72 ? 9   ILE A C   1 
ATOM   77   O O   . ILE A 1 10  ? -0.647  0.920   1.327   1.00 31.33 ? 9   ILE A O   1 
ATOM   78   C CB  . ILE A 1 10  ? -3.759  0.237   2.330   1.00 28.64 ? 9   ILE A CB  1 
ATOM   79   C CG1 . ILE A 1 10  ? -5.159  0.446   1.761   1.00 26.64 ? 9   ILE A CG1 1 
ATOM   80   C CG2 . ILE A 1 10  ? -3.265  1.508   3.027   1.00 28.80 ? 9   ILE A CG2 1 
ATOM   81   C CD1 . ILE A 1 10  ? -6.204  0.702   2.825   1.00 31.02 ? 9   ILE A CD1 1 
ATOM   82   N N   . SER A 1 11  ? -0.843  -1.029  2.433   1.00 30.44 ? 10  SER A N   1 
ATOM   83   C CA  . SER A 1 11  ? 0.533   -0.951  2.918   1.00 28.38 ? 10  SER A CA  1 
ATOM   84   C C   . SER A 1 11  ? 1.543   -1.076  1.785   1.00 33.08 ? 10  SER A C   1 
ATOM   85   O O   . SER A 1 11  ? 2.654   -0.542  1.887   1.00 35.35 ? 10  SER A O   1 
ATOM   86   C CB  . SER A 1 11  ? 0.786   -2.030  3.973   1.00 35.67 ? 10  SER A CB  1 
ATOM   87   O OG  . SER A 1 11  ? 1.106   -3.276  3.378   1.00 29.18 ? 10  SER A OG  1 
ATOM   88   N N   . GLN A 1 12  ? 1.183   -1.763  0.700   1.00 26.57 ? 11  GLN A N   1 
ATOM   89   C CA  . GLN A 1 12  ? 2.139   -2.063  -0.360  1.00 29.77 ? 11  GLN A CA  1 
ATOM   90   C C   . GLN A 1 12  ? 2.143   -1.066  -1.516  1.00 30.91 ? 11  GLN A C   1 
ATOM   91   O O   . GLN A 1 12  ? 3.165   -0.948  -2.196  1.00 29.12 ? 11  GLN A O   1 
ATOM   92   C CB  . GLN A 1 12  ? 1.882   -3.467  -0.919  1.00 32.91 ? 11  GLN A CB  1 
ATOM   93   C CG  . GLN A 1 12  ? 2.476   -4.589  -0.072  1.00 30.84 ? 11  GLN A CG  1 
ATOM   94   C CD  . GLN A 1 12  ? 2.275   -5.956  -0.694  1.00 41.27 ? 11  GLN A CD  1 
ATOM   95   O OE1 . GLN A 1 12  ? 1.566   -6.099  -1.691  1.00 44.16 ? 11  GLN A OE1 1 
ATOM   96   N NE2 . GLN A 1 12  ? 2.899   -6.973  -0.105  1.00 42.84 ? 11  GLN A NE2 1 
ATOM   97   N N   . ASN A 1 13  ? 1.048   -0.351  -1.778  1.00 24.18 ? 12  ASN A N   1 
ATOM   98   C CA  . ASN A 1 13  ? 0.986   0.490   -2.972  1.00 31.12 ? 12  ASN A CA  1 
ATOM   99   C C   . ASN A 1 13  ? 1.251   1.970   -2.705  1.00 26.92 ? 12  ASN A C   1 
ATOM   100  O O   . ASN A 1 13  ? 1.162   2.780   -3.636  1.00 27.21 ? 12  ASN A O   1 
ATOM   101  C CB  . ASN A 1 13  ? -0.369  0.314   -3.685  1.00 29.86 ? 12  ASN A CB  1 
ATOM   102  C CG  . ASN A 1 13  ? -1.552  0.825   -2.873  1.00 27.09 ? 12  ASN A CG  1 
ATOM   103  O OD1 . ASN A 1 13  ? -1.392  1.496   -1.856  1.00 27.11 ? 12  ASN A OD1 1 
ATOM   104  N ND2 . ASN A 1 13  ? -2.759  0.503   -3.332  1.00 29.70 ? 12  ASN A ND2 1 
ATOM   105  N N   . ARG A 1 14  ? 1.583   2.345   -1.474  1.00 26.67 ? 13  ARG A N   1 
ATOM   106  C CA  . ARG A 1 14  ? 1.812   3.739   -1.125  1.00 30.16 ? 13  ARG A CA  1 
ATOM   107  C C   . ARG A 1 14  ? 3.246   3.931   -0.655  1.00 32.46 ? 13  ARG A C   1 
ATOM   108  O O   . ARG A 1 14  ? 3.832   3.049   -0.022  1.00 28.38 ? 13  ARG A O   1 
ATOM   109  C CB  . ARG A 1 14  ? 0.846   4.206   -0.036  1.00 26.50 ? 13  ARG A CB  1 
ATOM   110  C CG  . ARG A 1 14  ? -0.562  4.485   -0.542  1.00 29.52 ? 13  ARG A CG  1 
ATOM   111  C CD  . ARG A 1 14  ? -1.538  4.528   0.611   1.00 29.87 ? 13  ARG A CD  1 
ATOM   112  N NE  . ARG A 1 14  ? -2.858  5.006   0.211   1.00 32.86 ? 13  ARG A NE  1 
ATOM   113  C CZ  . ARG A 1 14  ? -3.792  4.235   -0.331  1.00 34.33 ? 13  ARG A CZ  1 
ATOM   114  N NH1 . ARG A 1 14  ? -3.547  2.951   -0.550  1.00 25.47 ? 13  ARG A NH1 1 
ATOM   115  N NH2 . ARG A 1 14  ? -4.972  4.748   -0.657  1.00 29.96 ? 13  ARG A NH2 1 
ATOM   116  N N   . GLN A 1 15  ? 3.800   5.097   -0.969  1.00 33.11 ? 14  GLN A N   1 
ATOM   117  C CA  . GLN A 1 15  ? 5.171   5.401   -0.593  1.00 32.91 ? 14  GLN A CA  1 
ATOM   118  C C   . GLN A 1 15  ? 5.298   5.533   0.921   1.00 32.69 ? 14  GLN A C   1 
ATOM   119  O O   . GLN A 1 15  ? 4.333   5.837   1.626   1.00 33.05 ? 14  GLN A O   1 
ATOM   120  C CB  . GLN A 1 15  ? 5.634   6.690   -1.276  1.00 33.08 ? 14  GLN A CB  1 
ATOM   121  C CG  . GLN A 1 15  ? 5.966   6.531   -2.754  1.00 33.45 ? 14  GLN A CG  1 
ATOM   122  C CD  . GLN A 1 15  ? 6.076   7.867   -3.468  1.00 39.03 ? 14  GLN A CD  1 
ATOM   123  O OE1 . GLN A 1 15  ? 6.756   8.776   -2.995  1.00 39.84 ? 14  GLN A OE1 1 
ATOM   124  N NE2 . GLN A 1 15  ? 5.405   7.992   -4.609  1.00 37.63 ? 14  GLN A NE2 1 
ATOM   125  N N   . ASN A 1 16  ? 6.508   5.289   1.419   1.00 38.30 ? 15  ASN A N   1 
ATOM   126  C CA  . ASN A 1 16  ? 6.783   5.346   2.853   1.00 41.99 ? 15  ASN A CA  1 
ATOM   127  C C   . ASN A 1 16  ? 6.925   6.806   3.260   1.00 45.11 ? 15  ASN A C   1 
ATOM   128  O O   . ASN A 1 16  ? 7.989   7.409   3.099   1.00 51.13 ? 15  ASN A O   1 
ATOM   129  C CB  . ASN A 1 16  ? 8.039   4.551   3.190   1.00 45.10 ? 15  ASN A CB  1 
ATOM   130  C CG  . ASN A 1 16  ? 8.235   4.383   4.681   1.00 49.68 ? 15  ASN A CG  1 
ATOM   131  O OD1 . ASN A 1 16  ? 7.307   4.588   5.463   1.00 48.63 ? 15  ASN A OD1 1 
ATOM   132  N ND2 . ASN A 1 16  ? 9.445   4.007   5.083   1.00 53.72 ? 15  ASN A ND2 1 
ATOM   133  N N   . LEU A 1 17  ? 5.853   7.379   3.794   1.00 38.09 ? 16  LEU A N   1 
ATOM   134  C CA  . LEU A 1 17  ? 5.848   8.781   4.180   1.00 46.17 ? 16  LEU A CA  1 
ATOM   135  C C   . LEU A 1 17  ? 6.254   8.944   5.639   1.00 49.84 ? 16  LEU A C   1 
ATOM   136  O O   . LEU A 1 17  ? 6.014   8.071   6.478   1.00 46.56 ? 16  LEU A O   1 
ATOM   137  C CB  . LEU A 1 17  ? 4.468   9.403   3.957   1.00 41.70 ? 16  LEU A CB  1 
ATOM   138  C CG  . LEU A 1 17  ? 3.953   9.459   2.517   1.00 42.37 ? 16  LEU A CG  1 
ATOM   139  C CD1 . LEU A 1 17  ? 2.797   10.439  2.402   1.00 41.63 ? 16  LEU A CD1 1 
ATOM   140  C CD2 . LEU A 1 17  ? 5.069   9.828   1.552   1.00 39.77 ? 16  LEU A CD2 1 
ATOM   141  N N   . THR A 1 18  ? 6.888   10.077  5.926   1.00 48.67 ? 17  THR A N   1 
ATOM   142  C CA  . THR A 1 18  ? 7.210   10.492  7.281   1.00 51.12 ? 17  THR A CA  1 
ATOM   143  C C   . THR A 1 18  ? 6.532   11.824  7.563   1.00 52.47 ? 17  THR A C   1 
ATOM   144  O O   . THR A 1 18  ? 6.341   12.642  6.658   1.00 59.92 ? 17  THR A O   1 
ATOM   145  C CB  . THR A 1 18  ? 8.726   10.624  7.489   1.00 57.55 ? 17  THR A CB  1 
ATOM   146  O OG1 . THR A 1 18  ? 9.248   11.623  6.603   1.00 57.58 ? 17  THR A OG1 1 
ATOM   147  C CG2 . THR A 1 18  ? 9.422   9.298   7.216   1.00 55.03 ? 17  THR A CG2 1 
ATOM   148  N N   . ALA A 1 19  ? 6.162   12.029  8.829   1.00 53.94 ? 18  ALA A N   1 
ATOM   149  C CA  . ALA A 1 19  ? 5.487   13.253  9.266   1.00 55.58 ? 18  ALA A CA  1 
ATOM   150  C C   . ALA A 1 19  ? 4.255   13.543  8.411   1.00 57.33 ? 18  ALA A C   1 
ATOM   151  O O   . ALA A 1 19  ? 3.986   14.686  8.034   1.00 57.33 ? 18  ALA A O   1 
ATOM   152  C CB  . ALA A 1 19  ? 6.446   14.444  9.260   1.00 55.42 ? 18  ALA A CB  1 
ATOM   153  N N   . PHE A 1 20  ? 3.502   12.491  8.096   1.00 55.38 ? 19  PHE A N   1 
ATOM   154  C CA  . PHE A 1 20  ? 2.303   12.612  7.280   1.00 50.39 ? 19  PHE A CA  1 
ATOM   155  C C   . PHE A 1 20  ? 1.020   12.571  8.094   1.00 51.15 ? 19  PHE A C   1 
ATOM   156  O O   . PHE A 1 20  ? -0.046  12.891  7.556   1.00 50.25 ? 19  PHE A O   1 
ATOM   157  C CB  . PHE A 1 20  ? 2.269   11.502  6.223   1.00 52.13 ? 19  PHE A CB  1 
ATOM   158  C CG  . PHE A 1 20  ? 1.962   10.140  6.785   1.00 47.62 ? 19  PHE A CG  1 
ATOM   159  C CD1 . PHE A 1 20  ? 2.926   9.431   7.484   1.00 49.18 ? 19  PHE A CD1 1 
ATOM   160  C CD2 . PHE A 1 20  ? 0.712   9.568   6.609   1.00 47.17 ? 19  PHE A CD2 1 
ATOM   161  C CE1 . PHE A 1 20  ? 2.649   8.177   8.001   1.00 47.32 ? 19  PHE A CE1 1 
ATOM   162  C CE2 . PHE A 1 20  ? 0.429   8.317   7.121   1.00 44.24 ? 19  PHE A CE2 1 
ATOM   163  C CZ  . PHE A 1 20  ? 1.398   7.621   7.819   1.00 43.25 ? 19  PHE A CZ  1 
ATOM   164  N N   . LEU A 1 21  ? 1.092   12.190  9.365   1.00 53.08 ? 20  LEU A N   1 
ATOM   165  C CA  . LEU A 1 21  ? -0.087  12.050  10.208  1.00 55.34 ? 20  LEU A CA  1 
ATOM   166  C C   . LEU A 1 21  ? -0.199  13.253  11.135  1.00 60.33 ? 20  LEU A C   1 
ATOM   167  O O   . LEU A 1 21  ? 0.696   13.501  11.952  1.00 57.47 ? 20  LEU A O   1 
ATOM   168  C CB  . LEU A 1 21  ? -0.026  10.759  11.022  1.00 52.79 ? 20  LEU A CB  1 
ATOM   169  C CG  . LEU A 1 21  ? -0.512  9.464   10.371  1.00 49.67 ? 20  LEU A CG  1 
ATOM   170  C CD1 . LEU A 1 21  ? -0.362  8.315   11.351  1.00 53.97 ? 20  LEU A CD1 1 
ATOM   171  C CD2 . LEU A 1 21  ? -1.954  9.591   9.905   1.00 51.56 ? 20  LEU A CD2 1 
ATOM   172  N N   . HIS A 1 22  ? -1.294  13.997  11.000  1.00 60.34 ? 21  HIS A N   1 
ATOM   173  C CA  . HIS A 1 22  ? -1.618  15.025  11.976  1.00 64.94 ? 21  HIS A CA  1 
ATOM   174  C C   . HIS A 1 22  ? -1.790  14.386  13.348  1.00 66.54 ? 21  HIS A C   1 
ATOM   175  O O   . HIS A 1 22  ? -2.171  13.218  13.471  1.00 63.76 ? 21  HIS A O   1 
ATOM   176  C CB  . HIS A 1 22  ? -2.889  15.770  11.564  1.00 63.13 ? 21  HIS A CB  1 
ATOM   177  C CG  . HIS A 1 22  ? -3.216  16.944  12.435  1.00 65.74 ? 21  HIS A CG  1 
ATOM   178  N ND1 . HIS A 1 22  ? -4.456  17.124  13.009  1.00 65.23 ? 21  HIS A ND1 1 
ATOM   179  C CD2 . HIS A 1 22  ? -2.462  17.997  12.831  1.00 66.72 ? 21  HIS A CD2 1 
ATOM   180  C CE1 . HIS A 1 22  ? -4.454  18.240  13.717  1.00 67.57 ? 21  HIS A CE1 1 
ATOM   181  N NE2 . HIS A 1 22  ? -3.256  18.788  13.627  1.00 69.39 ? 21  HIS A NE2 1 
ATOM   182  N N   . ILE A 1 23  ? -1.489  15.161  14.391  1.00 65.74 ? 22  ILE A N   1 
ATOM   183  C CA  . ILE A 1 23  ? -1.481  14.597  15.737  1.00 64.54 ? 22  ILE A CA  1 
ATOM   184  C C   . ILE A 1 23  ? -2.870  14.092  16.117  1.00 64.27 ? 22  ILE A C   1 
ATOM   185  O O   . ILE A 1 23  ? -3.001  13.124  16.879  1.00 66.30 ? 22  ILE A O   1 
ATOM   186  C CB  . ILE A 1 23  ? -0.936  15.619  16.752  1.00 66.66 ? 22  ILE A CB  1 
ATOM   187  C CG1 . ILE A 1 23  ? 0.420   16.170  16.290  1.00 68.54 ? 22  ILE A CG1 1 
ATOM   188  C CG2 . ILE A 1 23  ? -0.773  14.966  18.116  1.00 65.62 ? 22  ILE A CG2 1 
ATOM   189  C CD1 . ILE A 1 23  ? 0.340   17.426  15.430  1.00 65.24 ? 22  ILE A CD1 1 
ATOM   190  N N   . SER A 1 24  ? -3.924  14.722  15.595  1.00 61.33 ? 23  SER A N   1 
ATOM   191  C CA  . SER A 1 24  ? -5.267  14.161  15.708  1.00 62.62 ? 23  SER A CA  1 
ATOM   192  C C   . SER A 1 24  ? -5.276  12.685  15.329  1.00 65.42 ? 23  SER A C   1 
ATOM   193  O O   . SER A 1 24  ? -5.690  11.819  16.111  1.00 65.21 ? 23  SER A O   1 
ATOM   194  C CB  . SER A 1 24  ? -6.235  14.950  14.820  1.00 65.46 ? 23  SER A CB  1 
ATOM   195  O OG  . SER A 1 24  ? -5.743  15.086  13.493  1.00 66.14 ? 23  SER A OG  1 
ATOM   196  N N   . GLU A 1 25  ? -4.787  12.382  14.127  1.00 62.40 ? 24  GLU A N   1 
ATOM   197  C CA  . GLU A 1 25  ? -4.860  11.016  13.632  1.00 61.87 ? 24  GLU A CA  1 
ATOM   198  C C   . GLU A 1 25  ? -3.955  10.086  14.426  1.00 61.25 ? 24  GLU A C   1 
ATOM   199  O O   . GLU A 1 25  ? -4.291  8.914   14.632  1.00 60.48 ? 24  GLU A O   1 
ATOM   200  C CB  . GLU A 1 25  ? -4.511  10.991  12.150  1.00 63.03 ? 24  GLU A CB  1 
ATOM   201  C CG  . GLU A 1 25  ? -5.550  11.691  11.300  1.00 65.60 ? 24  GLU A CG  1 
ATOM   202  C CD  . GLU A 1 25  ? -4.967  12.285  10.042  1.00 60.32 ? 24  GLU A CD  1 
ATOM   203  O OE1 . GLU A 1 25  ? -3.736  12.482  9.997   1.00 65.47 ? 24  GLU A OE1 1 
ATOM   204  O OE2 . GLU A 1 25  ? -5.742  12.565  9.104   1.00 64.28 ? 24  GLU A OE2 1 
ATOM   205  N N   . ILE A 1 26  ? -2.820  10.593  14.914  1.00 58.92 ? 25  ILE A N   1 
ATOM   206  C CA  . ILE A 1 26  ? -1.919  9.728   15.666  1.00 60.67 ? 25  ILE A CA  1 
ATOM   207  C C   . ILE A 1 26  ? -2.533  9.354   17.011  1.00 63.44 ? 25  ILE A C   1 
ATOM   208  O O   . ILE A 1 26  ? -2.449  8.195   17.433  1.00 61.33 ? 25  ILE A O   1 
ATOM   209  C CB  . ILE A 1 26  ? -0.525  10.368  15.817  1.00 63.03 ? 25  ILE A CB  1 
ATOM   210  C CG1 . ILE A 1 26  ? -0.541  11.623  16.691  1.00 65.61 ? 25  ILE A CG1 1 
ATOM   211  C CG2 . ILE A 1 26  ? 0.053   10.687  14.461  1.00 62.34 ? 25  ILE A CG2 1 
ATOM   212  C CD1 . ILE A 1 26  ? 0.175   11.458  18.019  1.00 68.08 ? 25  ILE A CD1 1 
ATOM   213  N N   . LYS A 1 27  ? -3.188  10.299  17.700  1.00 63.28 ? 26  LYS A N   1 
ATOM   214  C CA  . LYS A 1 27  ? -3.822  9.886   18.949  1.00 64.40 ? 26  LYS A CA  1 
ATOM   215  C C   . LYS A 1 27  ? -5.051  9.022   18.700  1.00 61.43 ? 26  LYS A C   1 
ATOM   216  O O   . LYS A 1 27  ? -5.308  8.099   19.484  1.00 59.39 ? 26  LYS A O   1 
ATOM   217  C CB  . LYS A 1 27  ? -4.188  11.085  19.844  1.00 63.92 ? 26  LYS A CB  1 
ATOM   218  C CG  . LYS A 1 27  ? -4.876  12.244  19.178  1.00 68.97 ? 26  LYS A CG  1 
ATOM   219  C CD  . LYS A 1 27  ? -6.383  12.061  19.105  1.00 65.07 ? 26  LYS A CD  1 
ATOM   220  C CE  . LYS A 1 27  ? -7.040  13.377  18.727  1.00 66.20 ? 26  LYS A CE  1 
ATOM   221  N NZ  . LYS A 1 27  ? -8.377  13.185  18.103  1.00 70.14 ? 26  LYS A NZ  1 
ATOM   222  N N   . ALA A 1 28  ? -5.794  9.273   17.617  1.00 61.43 ? 27  ALA A N   1 
ATOM   223  C CA  . ALA A 1 28  ? -6.932  8.414   17.308  1.00 57.58 ? 27  ALA A CA  1 
ATOM   224  C C   . ALA A 1 28  ? -6.480  6.989   17.012  1.00 59.75 ? 27  ALA A C   1 
ATOM   225  O O   . ALA A 1 28  ? -7.163  6.022   17.373  1.00 59.86 ? 27  ALA A O   1 
ATOM   226  C CB  . ALA A 1 28  ? -7.724  8.985   16.132  1.00 59.69 ? 27  ALA A CB  1 
ATOM   227  N N   . ILE A 1 29  ? -5.326  6.835   16.357  1.00 57.02 ? 28  ILE A N   1 
ATOM   228  C CA  . ILE A 1 29  ? -4.804  5.502   16.079  1.00 57.19 ? 28  ILE A CA  1 
ATOM   229  C C   . ILE A 1 29  ? -4.273  4.860   17.354  1.00 58.38 ? 28  ILE A C   1 
ATOM   230  O O   . ILE A 1 29  ? -4.469  3.661   17.588  1.00 57.88 ? 28  ILE A O   1 
ATOM   231  C CB  . ILE A 1 29  ? -3.728  5.568   14.979  1.00 54.42 ? 28  ILE A CB  1 
ATOM   232  C CG1 . ILE A 1 29  ? -4.363  5.943   13.640  1.00 52.61 ? 28  ILE A CG1 1 
ATOM   233  C CG2 . ILE A 1 29  ? -2.989  4.239   14.864  1.00 52.74 ? 28  ILE A CG2 1 
ATOM   234  C CD1 . ILE A 1 29  ? -3.354  6.190   12.537  1.00 50.22 ? 28  ILE A CD1 1 
ATOM   235  N N   . ASN A 1 30  ? -3.597  5.645   18.202  1.00 59.66 ? 29  ASN A N   1 
ATOM   236  C CA  . ASN A 1 30  ? -3.106  5.121   19.473  1.00 61.76 ? 29  ASN A CA  1 
ATOM   237  C C   . ASN A 1 30  ? -4.250  4.602   20.333  1.00 61.51 ? 29  ASN A C   1 
ATOM   238  O O   . ASN A 1 30  ? -4.117  3.568   21.000  1.00 61.51 ? 29  ASN A O   1 
ATOM   239  C CB  . ASN A 1 30  ? -2.321  6.200   20.218  1.00 63.18 ? 29  ASN A CB  1 
ATOM   240  C CG  . ASN A 1 30  ? -1.066  6.611   19.484  1.00 64.20 ? 29  ASN A CG  1 
ATOM   241  O OD1 . ASN A 1 30  ? -0.466  5.809   18.774  1.00 65.57 ? 29  ASN A OD1 1 
ATOM   242  N ND2 . ASN A 1 30  ? -0.665  7.868   19.645  1.00 65.48 ? 29  ASN A ND2 1 
ATOM   243  N N   . ALA A 1 31  ? -5.386  5.302   20.327  1.00 58.94 ? 30  ALA A N   1 
ATOM   244  C CA  . ALA A 1 31  ? -6.550  4.816   21.053  1.00 59.01 ? 30  ALA A CA  1 
ATOM   245  C C   . ALA A 1 31  ? -7.057  3.489   20.501  1.00 63.19 ? 30  ALA A C   1 
ATOM   246  O O   . ALA A 1 31  ? -7.722  2.742   21.227  1.00 65.23 ? 30  ALA A O   1 
ATOM   247  C CB  . ALA A 1 31  ? -7.665  5.863   21.019  1.00 59.73 ? 30  ALA A CB  1 
ATOM   248  N N   . LYS A 1 32  ? -6.747  3.172   19.243  1.00 60.18 ? 31  LYS A N   1 
ATOM   249  C CA  . LYS A 1 32  ? -7.219  1.956   18.596  1.00 58.42 ? 31  LYS A CA  1 
ATOM   250  C C   . LYS A 1 32  ? -6.129  0.896   18.463  1.00 61.97 ? 31  LYS A C   1 
ATOM   251  O O   . LYS A 1 32  ? -6.243  0.002   17.618  1.00 62.93 ? 31  LYS A O   1 
ATOM   252  C CB  . LYS A 1 32  ? -7.799  2.285   17.218  1.00 57.20 ? 31  LYS A CB  1 
ATOM   253  C CG  . LYS A 1 32  ? -8.950  3.282   17.242  1.00 58.89 ? 31  LYS A CG  1 
ATOM   254  C CD  . LYS A 1 32  ? -9.404  3.649   15.836  1.00 56.35 ? 31  LYS A CD  1 
ATOM   255  C CE  . LYS A 1 32  ? -10.516 4.688   15.872  1.00 57.43 ? 31  LYS A CE  1 
ATOM   256  N NZ  . LYS A 1 32  ? -10.637 5.442   14.592  1.00 55.54 ? 31  LYS A NZ  1 
ATOM   257  N N   . LEU A 1 33  ? -5.082  0.966   19.284  1.00 61.62 ? 32  LEU A N   1 
ATOM   258  C CA  . LEU A 1 33  ? -3.958  0.046   19.184  1.00 61.84 ? 32  LEU A CA  1 
ATOM   259  C C   . LEU A 1 33  ? -3.714  -0.632  20.524  1.00 63.20 ? 32  LEU A C   1 
ATOM   260  O O   . LEU A 1 33  ? -3.934  -0.042  21.586  1.00 65.11 ? 32  LEU A O   1 
ATOM   261  C CB  . LEU A 1 33  ? -2.691  0.777   18.711  1.00 62.27 ? 32  LEU A CB  1 
ATOM   262  C CG  . LEU A 1 33  ? -2.650  1.035   17.202  1.00 58.47 ? 32  LEU A CG  1 
ATOM   263  C CD1 . LEU A 1 33  ? -1.287  1.548   16.762  1.00 56.61 ? 32  LEU A CD1 1 
ATOM   264  C CD2 . LEU A 1 33  ? -3.017  -0.234  16.445  1.00 54.77 ? 32  LEU A CD2 1 
ATOM   265  N N   . ALA A 1 34  ? -3.072  -1.772  20.516  1.00 62.79 ? 33  ALA A N   1 
ATOM   266  C CA  . ALA A 1 34  ? -2.738  -2.458  21.747  1.00 66.40 ? 33  ALA A CA  1 
ATOM   267  C C   . ALA A 1 34  ? -1.316  -2.135  22.289  1.00 70.21 ? 33  ALA A C   1 
ATOM   268  O O   . ALA A 1 34  ? -0.541  -1.515  21.604  1.00 68.77 ? 33  ALA A O   1 
ATOM   269  C CB  . ALA A 1 34  ? -2.912  -3.948  21.552  1.00 62.21 ? 33  ALA A CB  1 
ATOM   270  N N   . ASP A 1 35  ? -1.044  -2.475  23.541  1.00 70.99 ? 34  ASP A N   1 
ATOM   271  C CA  . ASP A 1 35  ? 0.275   -2.339  24.195  1.00 72.55 ? 34  ASP A CA  1 
ATOM   272  C C   . ASP A 1 35  ? 0.966   -1.011  24.336  1.00 71.97 ? 34  ASP A C   1 
ATOM   273  O O   . ASP A 1 35  ? 2.198   -0.926  24.306  1.00 70.28 ? 34  ASP A O   1 
ATOM   274  C CB  . ASP A 1 35  ? 1.273   -3.275  23.563  1.00 73.10 ? 34  ASP A CB  1 
ATOM   275  C CG  . ASP A 1 35  ? 0.741   -4.609  23.425  1.00 72.93 ? 34  ASP A CG  1 
ATOM   276  O OD1 . ASP A 1 35  ? 0.421   -5.199  24.481  1.00 74.90 ? 34  ASP A OD1 1 
ATOM   277  O OD2 . ASP A 1 35  ? 0.624   -5.062  22.278  1.00 70.56 ? 34  ASP A OD2 1 
ATOM   278  N N   . GLY A 1 36  ? 0.206   0.041   24.433  1.00 69.68 ? 35  GLY A N   1 
ATOM   279  C CA  . GLY A 1 36  ? 0.828   1.327   24.614  1.00 71.47 ? 35  GLY A CA  1 
ATOM   280  C C   . GLY A 1 36  ? 1.496   1.870   23.387  1.00 70.70 ? 35  GLY A C   1 
ATOM   281  O O   . GLY A 1 36  ? 2.103   2.912   23.453  1.00 66.17 ? 35  GLY A O   1 
ATOM   282  N N   . VAL A 1 37  ? 1.372   1.150   22.268  1.00 70.60 ? 36  VAL A N   1 
ATOM   283  C CA  . VAL A 1 37  ? 1.902   1.609   20.989  1.00 68.33 ? 36  VAL A CA  1 
ATOM   284  C C   . VAL A 1 37  ? 1.577   3.085   20.805  1.00 67.01 ? 36  VAL A C   1 
ATOM   285  O O   . VAL A 1 37  ? 0.479   3.547   21.135  1.00 66.90 ? 36  VAL A O   1 
ATOM   286  C CB  . VAL A 1 37  ? 1.338   0.767   19.830  1.00 66.20 ? 36  VAL A CB  1 
ATOM   287  C CG1 . VAL A 1 37  ? 1.855   1.275   18.486  1.00 66.46 ? 36  VAL A CG1 1 
ATOM   288  C CG2 . VAL A 1 37  ? 1.674   -0.705  20.013  1.00 65.22 ? 36  VAL A CG2 1 
ATOM   289  N N   . ASP A 1 38  ? 2.548   3.841   20.304  1.00 66.02 ? 37  ASP A N   1 
ATOM   290  C CA  . ASP A 1 38  ? 2.367   5.258   20.013  1.00 67.25 ? 37  ASP A CA  1 
ATOM   291  C C   . ASP A 1 38  ? 2.870   5.519   18.601  1.00 67.41 ? 37  ASP A C   1 
ATOM   292  O O   . ASP A 1 38  ? 4.078   5.454   18.347  1.00 63.57 ? 37  ASP A O   1 
ATOM   293  C CB  . ASP A 1 38  ? 3.100   6.137   21.026  1.00 68.51 ? 37  ASP A CB  1 
ATOM   294  C CG  . ASP A 1 38  ? 2.899   7.617   20.762  1.00 69.81 ? 37  ASP A CG  1 
ATOM   295  O OD1 . ASP A 1 38  ? 3.781   8.417   21.135  1.00 69.54 ? 37  ASP A OD1 1 
ATOM   296  O OD2 . ASP A 1 38  ? 1.856   7.976   20.179  1.00 71.06 ? 37  ASP A OD2 1 
ATOM   297  N N   . VAL A 1 39  ? 1.950   5.801   17.685  1.00 66.25 ? 38  VAL A N   1 
ATOM   298  C CA  . VAL A 1 39  ? 2.321   6.156   16.319  1.00 63.35 ? 38  VAL A CA  1 
ATOM   299  C C   . VAL A 1 39  ? 2.629   7.650   16.288  1.00 68.10 ? 38  VAL A C   1 
ATOM   300  O O   . VAL A 1 39  ? 1.735   8.487   16.419  1.00 71.07 ? 38  VAL A O   1 
ATOM   301  C CB  . VAL A 1 39  ? 1.232   5.773   15.308  1.00 62.15 ? 38  VAL A CB  1 
ATOM   302  C CG1 . VAL A 1 39  ? 1.138   4.262   15.198  1.00 59.53 ? 38  VAL A CG1 1 
ATOM   303  C CG2 . VAL A 1 39  ? -0.131  6.335   15.702  1.00 62.96 ? 38  VAL A CG2 1 
ATOM   304  N N   . ASP A 1 40  ? 3.910   7.981   16.161  1.00 68.40 ? 39  ASP A N   1 
ATOM   305  C CA  . ASP A 1 40  ? 4.396   9.350   16.029  1.00 69.25 ? 39  ASP A CA  1 
ATOM   306  C C   . ASP A 1 40  ? 5.907   9.282   15.910  1.00 69.02 ? 39  ASP A C   1 
ATOM   307  O O   . ASP A 1 40  ? 6.553   8.523   16.641  1.00 71.29 ? 39  ASP A O   1 
ATOM   308  C CB  . ASP A 1 40  ? 3.990   10.231  17.212  1.00 69.14 ? 39  ASP A CB  1 
ATOM   309  C CG  . ASP A 1 40  ? 4.395   11.679  17.016  1.00 74.23 ? 39  ASP A CG  1 
ATOM   310  O OD1 . ASP A 1 40  ? 5.120   12.221  17.877  1.00 74.86 ? 39  ASP A OD1 1 
ATOM   311  O OD2 . ASP A 1 40  ? 3.994   12.272  15.991  1.00 70.28 ? 39  ASP A OD2 1 
ATOM   312  N N   . LYS A 1 41  ? 6.476   10.063  14.994  1.00 69.12 ? 40  LYS A N   1 
ATOM   313  C CA  . LYS A 1 41  ? 7.847   9.870   14.528  1.00 68.84 ? 40  LYS A CA  1 
ATOM   314  C C   . LYS A 1 41  ? 8.050   8.466   13.967  1.00 65.86 ? 40  LYS A C   1 
ATOM   315  O O   . LYS A 1 41  ? 9.177   7.962   13.930  1.00 69.69 ? 40  LYS A O   1 
ATOM   316  C CB  . LYS A 1 41  ? 8.869   10.158  15.636  1.00 72.27 ? 40  LYS A CB  1 
ATOM   317  C CG  . LYS A 1 41  ? 8.737   11.536  16.262  1.00 73.44 ? 40  LYS A CG  1 
ATOM   318  C CD  . LYS A 1 41  ? 10.085  12.065  16.710  1.00 75.20 ? 40  LYS A CD  1 
ATOM   319  C CE  . LYS A 1 41  ? 9.932   13.150  17.765  1.00 72.96 ? 40  LYS A CE  1 
ATOM   320  N NZ  . LYS A 1 41  ? 10.228  12.648  19.136  1.00 67.22 ? 40  LYS A NZ  1 
ATOM   321  N N   . LYS A 1 42  ? 6.964   7.824   13.538  1.00 66.96 ? 41  LYS A N   1 
ATOM   322  C CA  . LYS A 1 42  ? 6.995   6.501   12.936  1.00 59.55 ? 41  LYS A CA  1 
ATOM   323  C C   . LYS A 1 42  ? 6.531   6.599   11.490  1.00 56.85 ? 41  LYS A C   1 
ATOM   324  O O   . LYS A 1 42  ? 5.599   7.349   11.177  1.00 54.93 ? 41  LYS A O   1 
ATOM   325  C CB  . LYS A 1 42  ? 6.113   5.514   13.708  1.00 60.47 ? 41  LYS A CB  1 
ATOM   326  N N   . SER A 1 43  ? 7.182   5.841   10.616  1.00 55.54 ? 42  SER A N   1 
ATOM   327  C CA  . SER A 1 43  ? 6.914   5.932   9.192   1.00 50.22 ? 42  SER A CA  1 
ATOM   328  C C   . SER A 1 43  ? 5.618   5.206   8.833   1.00 49.60 ? 42  SER A C   1 
ATOM   329  O O   . SER A 1 43  ? 5.054   4.445   9.625   1.00 47.85 ? 42  SER A O   1 
ATOM   330  C CB  . SER A 1 43  ? 8.089   5.365   8.396   1.00 50.32 ? 42  SER A CB  1 
ATOM   331  O OG  . SER A 1 43  ? 8.282   3.987   8.668   1.00 49.25 ? 42  SER A OG  1 
ATOM   332  N N   . PHE A 1 44  ? 5.142   5.466   7.612   1.00 46.41 ? 43  PHE A N   1 
ATOM   333  C CA  . PHE A 1 44  ? 3.963   4.772   7.103   1.00 45.26 ? 43  PHE A CA  1 
ATOM   334  C C   . PHE A 1 44  ? 4.187   3.265   7.083   1.00 43.43 ? 43  PHE A C   1 
ATOM   335  O O   . PHE A 1 44  ? 3.331   2.489   7.529   1.00 45.19 ? 43  PHE A O   1 
ATOM   336  C CB  . PHE A 1 44  ? 3.620   5.300   5.706   1.00 42.31 ? 43  PHE A CB  1 
ATOM   337  C CG  . PHE A 1 44  ? 2.594   4.479   4.969   1.00 38.44 ? 43  PHE A CG  1 
ATOM   338  C CD1 . PHE A 1 44  ? 1.241   4.659   5.207   1.00 41.15 ? 43  PHE A CD1 1 
ATOM   339  C CD2 . PHE A 1 44  ? 2.982   3.542   4.023   1.00 35.00 ? 43  PHE A CD2 1 
ATOM   340  C CE1 . PHE A 1 44  ? 0.295   3.912   4.526   1.00 34.44 ? 43  PHE A CE1 1 
ATOM   341  C CE2 . PHE A 1 44  ? 2.041   2.789   3.339   1.00 35.93 ? 43  PHE A CE2 1 
ATOM   342  C CZ  . PHE A 1 44  ? 0.695   2.974   3.592   1.00 28.31 ? 43  PHE A CZ  1 
ATOM   343  N N   . ASP A 1 45  ? 5.346   2.835   6.575   1.00 41.48 ? 44  ASP A N   1 
ATOM   344  C CA  . ASP A 1 45  ? 5.678   1.414   6.565   1.00 46.04 ? 44  ASP A CA  1 
ATOM   345  C C   . ASP A 1 45  ? 5.685   0.839   7.974   1.00 49.31 ? 44  ASP A C   1 
ATOM   346  O O   . ASP A 1 45  ? 5.180   -0.265  8.204   1.00 46.16 ? 44  ASP A O   1 
ATOM   347  C CB  . ASP A 1 45  ? 7.039   1.191   5.905   1.00 41.09 ? 44  ASP A CB  1 
ATOM   348  C CG  . ASP A 1 45  ? 6.983   1.281   4.397   1.00 48.35 ? 44  ASP A CG  1 
ATOM   349  O OD1 . ASP A 1 45  ? 5.896   1.571   3.853   1.00 46.75 ? 44  ASP A OD1 1 
ATOM   350  O OD2 . ASP A 1 45  ? 8.034   1.067   3.754   1.00 49.12 ? 44  ASP A OD2 1 
ATOM   351  N N   . GLU A 1 46  ? 6.255   1.574   8.932   1.00 48.26 ? 45  GLU A N   1 
ATOM   352  C CA  . GLU A 1 46  ? 6.320   1.075   10.302  1.00 49.32 ? 45  GLU A CA  1 
ATOM   353  C C   . GLU A 1 46  ? 4.928   0.927   10.903  1.00 47.33 ? 45  GLU A C   1 
ATOM   354  O O   . GLU A 1 46  ? 4.640   -0.065  11.582  1.00 44.11 ? 45  GLU A O   1 
ATOM   355  C CB  . GLU A 1 46  ? 7.182   2.000   11.159  1.00 50.69 ? 45  GLU A CB  1 
ATOM   356  C CG  . GLU A 1 46  ? 8.674   1.725   11.059  1.00 51.56 ? 45  GLU A CG  1 
ATOM   357  C CD  . GLU A 1 46  ? 9.515   2.888   11.547  1.00 60.06 ? 45  GLU A CD  1 
ATOM   358  O OE1 . GLU A 1 46  ? 8.940   3.845   12.110  1.00 54.92 ? 45  GLU A OE1 1 
ATOM   359  O OE2 . GLU A 1 46  ? 10.752  2.849   11.365  1.00 56.82 ? 45  GLU A OE2 1 
ATOM   360  N N   . ILE A 1 47  ? 4.048   1.899   10.661  1.00 46.48 ? 46  ILE A N   1 
ATOM   361  C CA  . ILE A 1 47  ? 2.701   1.832   11.223  1.00 45.02 ? 46  ILE A CA  1 
ATOM   362  C C   . ILE A 1 47  ? 1.923   0.681   10.602  1.00 46.87 ? 46  ILE A C   1 
ATOM   363  O O   . ILE A 1 47  ? 1.210   -0.055  11.299  1.00 43.58 ? 46  ILE A O   1 
ATOM   364  C CB  . ILE A 1 47  ? 1.978   3.177   11.032  1.00 47.23 ? 46  ILE A CB  1 
ATOM   365  C CG1 . ILE A 1 47  ? 2.691   4.269   11.828  1.00 47.73 ? 46  ILE A CG1 1 
ATOM   366  C CG2 . ILE A 1 47  ? 0.520   3.067   11.450  1.00 42.95 ? 46  ILE A CG2 1 
ATOM   367  C CD1 . ILE A 1 47  ? 2.108   5.644   11.631  1.00 48.00 ? 46  ILE A CD1 1 
ATOM   368  N N   . CYS A 1 48  ? 2.042   0.509   9.284   1.00 41.10 ? 47  CYS A N   1 
ATOM   369  C CA  . CYS A 1 48  ? 1.368   -0.605  8.628   1.00 40.91 ? 47  CYS A CA  1 
ATOM   370  C C   . CYS A 1 48  ? 1.888   -1.936  9.153   1.00 45.76 ? 47  CYS A C   1 
ATOM   371  O O   . CYS A 1 48  ? 1.102   -2.853  9.426   1.00 45.14 ? 47  CYS A O   1 
ATOM   372  C CB  . CYS A 1 48  ? 1.560   -0.507  7.117   1.00 39.19 ? 47  CYS A CB  1 
ATOM   373  S SG  . CYS A 1 48  ? 0.663   0.863   6.343   1.00 38.01 ? 47  CYS A SG  1 
ATOM   374  N N   . SER A 1 49  ? 3.211   -2.062  9.297   1.00 43.80 ? 48  SER A N   1 
ATOM   375  C CA  . SER A 1 49  ? 3.796   -3.246  9.921   1.00 47.77 ? 48  SER A CA  1 
ATOM   376  C C   . SER A 1 49  ? 3.177   -3.509  11.289  1.00 47.01 ? 48  SER A C   1 
ATOM   377  O O   . SER A 1 49  ? 2.732   -4.627  11.577  1.00 52.15 ? 48  SER A O   1 
ATOM   378  C CB  . SER A 1 49  ? 5.312   -3.074  10.053  1.00 46.01 ? 48  SER A CB  1 
ATOM   379  O OG  . SER A 1 49  ? 5.954   -4.330  10.228  1.00 52.84 ? 48  SER A OG  1 
ATOM   380  N N   . ILE A 1 50  ? 3.149   -2.481  12.143  1.00 47.32 ? 49  ILE A N   1 
ATOM   381  C CA  . ILE A 1 50  ? 2.642   -2.629  13.507  1.00 46.05 ? 49  ILE A CA  1 
ATOM   382  C C   . ILE A 1 50  ? 1.204   -3.119  13.487  1.00 46.81 ? 49  ILE A C   1 
ATOM   383  O O   . ILE A 1 50  ? 0.841   -4.069  14.191  1.00 48.62 ? 49  ILE A O   1 
ATOM   384  C CB  . ILE A 1 50  ? 2.760   -1.298  14.272  1.00 45.47 ? 49  ILE A CB  1 
ATOM   385  C CG1 . ILE A 1 50  ? 4.218   -0.965  14.571  1.00 48.21 ? 49  ILE A CG1 1 
ATOM   386  C CG2 . ILE A 1 50  ? 1.955   -1.357  15.566  1.00 48.02 ? 49  ILE A CG2 1 
ATOM   387  C CD1 . ILE A 1 50  ? 4.474   0.520   14.776  1.00 46.83 ? 49  ILE A CD1 1 
ATOM   388  N N   . VAL A 1 51  ? 0.359   -2.469  12.684  1.00 47.49 ? 50  VAL A N   1 
ATOM   389  C CA  . VAL A 1 51  ? -1.064  -2.789  12.683  1.00 45.49 ? 50  VAL A CA  1 
ATOM   390  C C   . VAL A 1 51  ? -1.300  -4.190  12.136  1.00 46.93 ? 50  VAL A C   1 
ATOM   391  O O   . VAL A 1 51  ? -2.123  -4.945  12.667  1.00 47.53 ? 50  VAL A O   1 
ATOM   392  C CB  . VAL A 1 51  ? -1.854  -1.730  11.891  1.00 44.04 ? 50  VAL A CB  1 
ATOM   393  C CG1 . VAL A 1 51  ? -3.319  -2.130  11.774  1.00 42.36 ? 50  VAL A CG1 1 
ATOM   394  C CG2 . VAL A 1 51  ? -1.726  -0.370  12.555  1.00 44.34 ? 50  VAL A CG2 1 
ATOM   395  N N   . LEU A 1 52  ? -0.570  -4.575  11.086  1.00 45.56 ? 51  LEU A N   1 
ATOM   396  C CA  . LEU A 1 52  ? -0.779  -5.899  10.514  1.00 46.52 ? 51  LEU A CA  1 
ATOM   397  C C   . LEU A 1 52  ? -0.304  -6.995  11.461  1.00 51.80 ? 51  LEU A C   1 
ATOM   398  O O   . LEU A 1 52  ? -0.967  -8.028  11.600  1.00 48.70 ? 51  LEU A O   1 
ATOM   399  C CB  . LEU A 1 52  ? -0.088  -6.005  9.156   1.00 47.82 ? 51  LEU A CB  1 
ATOM   400  C CG  . LEU A 1 52  ? -0.902  -5.386  8.015   1.00 43.58 ? 51  LEU A CG  1 
ATOM   401  C CD1 . LEU A 1 52  ? -0.021  -5.017  6.835   1.00 40.09 ? 51  LEU A CD1 1 
ATOM   402  C CD2 . LEU A 1 52  ? -2.018  -6.327  7.581   1.00 39.76 ? 51  LEU A CD2 1 
ATOM   403  N N   . GLU A 1 53  ? 0.834   -6.788  12.131  1.00 53.40 ? 52  GLU A N   1 
ATOM   404  C CA  . GLU A 1 53  ? 1.283   -7.774  13.110  1.00 53.26 ? 52  GLU A CA  1 
ATOM   405  C C   . GLU A 1 53  ? 0.306   -7.868  14.277  1.00 51.82 ? 52  GLU A C   1 
ATOM   406  O O   . GLU A 1 53  ? -0.030  -8.968  14.731  1.00 54.01 ? 52  GLU A O   1 
ATOM   407  C CB  . GLU A 1 53  ? 2.686   -7.427  13.609  1.00 53.50 ? 52  GLU A CB  1 
ATOM   408  C CG  . GLU A 1 53  ? 3.263   -8.448  14.581  1.00 59.99 ? 52  GLU A CG  1 
ATOM   409  C CD  . GLU A 1 53  ? 4.477   -7.927  15.325  1.00 64.50 ? 52  GLU A CD  1 
ATOM   410  O OE1 . GLU A 1 53  ? 4.376   -6.847  15.945  1.00 67.40 ? 52  GLU A OE1 1 
ATOM   411  O OE2 . GLU A 1 53  ? 5.530   -8.598  15.294  1.00 69.35 ? 52  GLU A OE2 1 
ATOM   412  N N   . GLN A 1 54  ? -0.171  -6.720  14.764  1.00 51.10 ? 53  GLN A N   1 
ATOM   413  C CA  . GLN A 1 54  ? -1.157  -6.683  15.834  1.00 51.41 ? 53  GLN A CA  1 
ATOM   414  C C   . GLN A 1 54  ? -2.497  -7.268  15.408  1.00 55.36 ? 53  GLN A C   1 
ATOM   415  O O   . GLN A 1 54  ? -3.325  -7.584  16.268  1.00 57.04 ? 53  GLN A O   1 
ATOM   416  C CB  . GLN A 1 54  ? -1.341  -5.236  16.292  1.00 50.97 ? 53  GLN A CB  1 
ATOM   417  C CG  . GLN A 1 54  ? -1.782  -5.054  17.727  1.00 56.93 ? 53  GLN A CG  1 
ATOM   418  C CD  . GLN A 1 54  ? -1.403  -3.690  18.269  1.00 54.29 ? 53  GLN A CD  1 
ATOM   419  O OE1 . GLN A 1 54  ? -2.247  -2.804  18.397  1.00 58.88 ? 53  GLN A OE1 1 
ATOM   420  N NE2 . GLN A 1 54  ? -0.127  -3.514  18.592  1.00 54.51 ? 53  GLN A NE2 1 
ATOM   421  N N   . TYR A 1 55  ? -2.739  -7.386  14.104  1.00 51.83 ? 54  TYR A N   1 
ATOM   422  C CA  . TYR A 1 55  ? -3.988  -7.946  13.603  1.00 51.93 ? 54  TYR A CA  1 
ATOM   423  C C   . TYR A 1 55  ? -3.905  -9.450  13.364  1.00 53.74 ? 54  TYR A C   1 
ATOM   424  O O   . TYR A 1 55  ? -4.874  -10.169 13.635  1.00 53.80 ? 54  TYR A O   1 
ATOM   425  C CB  . TYR A 1 55  ? -4.392  -7.228  12.314  1.00 48.82 ? 54  TYR A CB  1 
ATOM   426  C CG  . TYR A 1 55  ? -5.719  -7.671  11.749  1.00 45.89 ? 54  TYR A CG  1 
ATOM   427  C CD1 . TYR A 1 55  ? -6.881  -7.582  12.505  1.00 50.82 ? 54  TYR A CD1 1 
ATOM   428  C CD2 . TYR A 1 55  ? -5.811  -8.174  10.459  1.00 43.65 ? 54  TYR A CD2 1 
ATOM   429  C CE1 . TYR A 1 55  ? -8.098  -7.987  11.992  1.00 52.20 ? 54  TYR A CE1 1 
ATOM   430  C CE2 . TYR A 1 55  ? -7.024  -8.578  9.935   1.00 47.96 ? 54  TYR A CE2 1 
ATOM   431  C CZ  . TYR A 1 55  ? -8.165  -8.484  10.707  1.00 52.79 ? 54  TYR A CZ  1 
ATOM   432  O OH  . TYR A 1 55  ? -9.376  -8.889  10.189  1.00 52.73 ? 54  TYR A OH  1 
ATOM   433  N N   . GLN A 1 56  ? -2.769  -9.943  12.853  1.00 53.85 ? 55  GLN A N   1 
ATOM   434  C CA  . GLN A 1 56  ? -2.610  -11.381 12.638  1.00 52.26 ? 55  GLN A CA  1 
ATOM   435  C C   . GLN A 1 56  ? -2.767  -12.144 13.948  1.00 58.66 ? 55  GLN A C   1 
ATOM   436  O O   . GLN A 1 56  ? -3.587  -13.064 14.053  1.00 57.15 ? 55  GLN A O   1 
ATOM   437  C CB  . GLN A 1 56  ? -1.251  -11.675 12.000  1.00 51.97 ? 55  GLN A CB  1 
ATOM   438  C CG  . GLN A 1 56  ? -0.999  -10.947 10.685  1.00 48.26 ? 55  GLN A CG  1 
ATOM   439  C CD  . GLN A 1 56  ? -1.108  -11.851 9.475   1.00 43.67 ? 55  GLN A CD  1 
ATOM   440  O OE1 . GLN A 1 56  ? -2.047  -12.635 9.351   1.00 50.48 ? 55  GLN A OE1 1 
ATOM   441  N NE2 . GLN A 1 56  ? -0.143  -11.742 8.571   1.00 45.87 ? 55  GLN A NE2 1 
ATOM   442  N N   . ALA A 1 57  ? -1.981  -11.780 14.958  1.00 57.38 ? 56  ALA A N   1 
ATOM   443  C CA  . ALA A 1 57  ? -2.281  -12.189 16.322  1.00 60.12 ? 56  ALA A CA  1 
ATOM   444  C C   . ALA A 1 57  ? -3.456  -11.359 16.820  1.00 57.01 ? 56  ALA A C   1 
ATOM   445  O O   . ALA A 1 57  ? -3.382  -10.129 16.840  1.00 64.42 ? 56  ALA A O   1 
ATOM   446  C CB  . ALA A 1 57  ? -1.061  -12.001 17.217  1.00 56.76 ? 56  ALA A CB  1 
ATOM   447  N N   . LYS A 1 58  ? -4.543  -12.023 17.212  1.00 62.30 ? 57  LYS A N   1 
ATOM   448  C CA  . LYS A 1 58  ? -5.800  -11.336 17.498  1.00 60.99 ? 57  LYS A CA  1 
ATOM   449  C C   . LYS A 1 58  ? -5.690  -10.347 18.657  1.00 58.10 ? 57  LYS A C   1 
ATOM   450  O O   . LYS A 1 58  ? -6.399  -10.480 19.659  1.00 63.24 ? 57  LYS A O   1 
ATOM   451  C CB  . LYS A 1 58  ? -6.901  -12.360 17.789  1.00 60.52 ? 57  LYS A CB  1 
ATOM   452  C CG  . LYS A 1 58  ? -7.104  -13.383 16.682  1.00 62.14 ? 57  LYS A CG  1 
ATOM   453  C CD  . LYS A 1 58  ? -7.425  -14.760 17.247  1.00 60.05 ? 57  LYS A CD  1 
ATOM   454  C CE  . LYS A 1 58  ? -6.168  -15.458 17.749  1.00 63.30 ? 57  LYS A CE  1 
ATOM   455  N NZ  . LYS A 1 58  ? -5.127  -15.574 16.689  1.00 63.01 ? 57  LYS A NZ  1 
ATOM   456  N N   . GLN A 1 59  ? -4.826  -9.339  18.522  1.00 56.39 ? 58  GLN A N   1 
ATOM   457  C CA  . GLN A 1 59  ? -4.661  -8.327  19.559  1.00 58.41 ? 58  GLN A CA  1 
ATOM   458  C C   . GLN A 1 59  ? -5.607  -7.145  19.392  1.00 57.53 ? 58  GLN A C   1 
ATOM   459  O O   . GLN A 1 59  ? -6.036  -6.561  20.393  1.00 61.36 ? 58  GLN A O   1 
ATOM   460  C CB  . GLN A 1 59  ? -3.217  -7.816  19.582  1.00 57.81 ? 58  GLN A CB  1 
ATOM   461  C CG  . GLN A 1 59  ? -2.160  -8.907  19.500  1.00 57.32 ? 58  GLN A CG  1 
ATOM   462  C CD  . GLN A 1 59  ? -0.754  -8.372  19.705  1.00 61.15 ? 58  GLN A CD  1 
ATOM   463  O OE1 . GLN A 1 59  ? -0.534  -7.467  20.509  1.00 64.77 ? 58  GLN A OE1 1 
ATOM   464  N NE2 . GLN A 1 59  ? 0.205   -8.928  18.971  1.00 60.67 ? 58  GLN A NE2 1 
ATOM   465  N N   . ILE A 1 60  ? -5.937  -6.772  18.156  1.00 56.48 ? 59  ILE A N   1 
ATOM   466  C CA  . ILE A 1 60  ? -6.884  -5.698  17.893  1.00 52.05 ? 59  ILE A CA  1 
ATOM   467  C C   . ILE A 1 60  ? -7.991  -6.234  16.996  1.00 49.66 ? 59  ILE A C   1 
ATOM   468  O O   . ILE A 1 60  ? -7.819  -7.214  16.267  1.00 51.06 ? 59  ILE A O   1 
ATOM   469  C CB  . ILE A 1 60  ? -6.217  -4.461  17.255  1.00 52.91 ? 59  ILE A CB  1 
ATOM   470  C CG1 . ILE A 1 60  ? -5.375  -4.866  16.044  1.00 53.88 ? 59  ILE A CG1 1 
ATOM   471  C CG2 . ILE A 1 60  ? -5.375  -3.719  18.280  1.00 55.26 ? 59  ILE A CG2 1 
ATOM   472  C CD1 . ILE A 1 60  ? -5.112  -3.725  15.079  1.00 51.50 ? 59  ILE A CD1 1 
ATOM   473  N N   . SER A 1 61  ? -9.140  -5.567  17.054  1.00 49.58 ? 60  SER A N   1 
ATOM   474  C CA  . SER A 1 61  ? -10.316 -6.009  16.321  1.00 53.46 ? 60  SER A CA  1 
ATOM   475  C C   . SER A 1 61  ? -10.190 -5.686  14.834  1.00 56.22 ? 60  SER A C   1 
ATOM   476  O O   . SER A 1 61  ? -9.412  -4.822  14.420  1.00 49.59 ? 60  SER A O   1 
ATOM   477  C CB  . SER A 1 61  ? -11.576 -5.356  16.887  1.00 53.18 ? 60  SER A CB  1 
ATOM   478  O OG  . SER A 1 61  ? -12.691 -5.602  16.050  1.00 58.09 ? 60  SER A OG  1 
ATOM   479  N N   . ASN A 1 62  ? -10.981 -6.400  14.027  1.00 55.39 ? 61  ASN A N   1 
ATOM   480  C CA  . ASN A 1 62  ? -10.996 -6.140  12.592  1.00 53.81 ? 61  ASN A CA  1 
ATOM   481  C C   . ASN A 1 62  ? -11.499 -4.735  12.296  1.00 55.25 ? 61  ASN A C   1 
ATOM   482  O O   . ASN A 1 62  ? -10.952 -4.041  11.430  1.00 51.13 ? 61  ASN A O   1 
ATOM   483  C CB  . ASN A 1 62  ? -11.859 -7.180  11.875  1.00 57.31 ? 61  ASN A CB  1 
ATOM   484  C CG  . ASN A 1 62  ? -12.045 -6.869  10.399  1.00 55.06 ? 61  ASN A CG  1 
ATOM   485  O OD1 . ASN A 1 62  ? -13.108 -6.410  9.979   1.00 61.82 ? 61  ASN A OD1 1 
ATOM   486  N ND2 . ASN A 1 62  ? -11.010 -7.121  9.605   1.00 50.80 ? 61  ASN A ND2 1 
ATOM   487  N N   . LYS A 1 63  ? -12.536 -4.294  13.013  1.00 54.65 ? 62  LYS A N   1 
ATOM   488  C CA  . LYS A 1 63  ? -13.049 -2.943  12.812  1.00 57.13 ? 62  LYS A CA  1 
ATOM   489  C C   . LYS A 1 63  ? -12.001 -1.899  13.174  1.00 53.37 ? 62  LYS A C   1 
ATOM   490  O O   . LYS A 1 63  ? -11.859 -0.887  12.480  1.00 52.15 ? 62  LYS A O   1 
ATOM   491  C CB  . LYS A 1 63  ? -14.325 -2.736  13.628  1.00 57.44 ? 62  LYS A CB  1 
ATOM   492  C CG  . LYS A 1 63  ? -15.434 -2.033  12.862  1.00 64.43 ? 62  LYS A CG  1 
ATOM   493  C CD  . LYS A 1 63  ? -16.786 -2.231  13.530  1.00 65.49 ? 62  LYS A CD  1 
ATOM   494  C CE  . LYS A 1 63  ? -16.802 -1.648  14.933  1.00 68.05 ? 62  LYS A CE  1 
ATOM   495  N NZ  . LYS A 1 63  ? -17.850 -2.278  15.784  1.00 65.00 ? 62  LYS A NZ  1 
ATOM   496  N N   . GLN A 1 64  ? -11.241 -2.137  14.244  1.00 53.76 ? 63  GLN A N   1 
ATOM   497  C CA  . GLN A 1 64  ? -10.214 -1.181  14.648  1.00 51.78 ? 63  GLN A CA  1 
ATOM   498  C C   . GLN A 1 64  ? -9.095  -1.102  13.616  1.00 49.32 ? 63  GLN A C   1 
ATOM   499  O O   . GLN A 1 64  ? -8.702  -0.006  13.196  1.00 48.35 ? 63  GLN A O   1 
ATOM   500  C CB  . GLN A 1 64  ? -9.658  -1.559  16.021  1.00 54.69 ? 63  GLN A CB  1 
ATOM   501  C CG  . GLN A 1 64  ? -10.530 -1.115  17.184  1.00 56.44 ? 63  GLN A CG  1 
ATOM   502  C CD  . GLN A 1 64  ? -10.068 -1.687  18.509  1.00 58.49 ? 63  GLN A CD  1 
ATOM   503  O OE1 . GLN A 1 64  ? -9.724  -2.866  18.603  1.00 58.69 ? 63  GLN A OE1 1 
ATOM   504  N NE2 . GLN A 1 64  ? -10.056 -0.853  19.543  1.00 58.98 ? 63  GLN A NE2 1 
ATOM   505  N N   . ALA A 1 65  ? -8.559  -2.257  13.208  1.00 48.53 ? 64  ALA A N   1 
ATOM   506  C CA  . ALA A 1 65  ? -7.508  -2.270  12.196  1.00 48.74 ? 64  ALA A CA  1 
ATOM   507  C C   . ALA A 1 65  ? -7.986  -1.630  10.901  1.00 46.33 ? 64  ALA A C   1 
ATOM   508  O O   . ALA A 1 65  ? -7.225  -0.926  10.225  1.00 45.53 ? 64  ALA A O   1 
ATOM   509  C CB  . ALA A 1 65  ? -7.042  -3.703  11.941  1.00 45.47 ? 64  ALA A CB  1 
ATOM   510  N N   . SER A 1 66  ? -9.258  -1.842  10.556  1.00 46.99 ? 65  SER A N   1 
ATOM   511  C CA  . SER A 1 66  ? -9.798  -1.298  9.318   1.00 44.63 ? 65  SER A CA  1 
ATOM   512  C C   . SER A 1 66  ? -9.962  0.214   9.409   1.00 46.65 ? 65  SER A C   1 
ATOM   513  O O   . SER A 1 66  ? -9.686  0.930   8.443   1.00 45.30 ? 65  SER A O   1 
ATOM   514  C CB  . SER A 1 66  ? -11.129 -1.975  9.000   1.00 46.12 ? 65  SER A CB  1 
ATOM   515  O OG  . SER A 1 66  ? -10.925 -3.242  8.395   1.00 49.69 ? 65  SER A OG  1 
ATOM   516  N N   . GLU A 1 67  ? -10.398 0.721   10.567  1.00 43.94 ? 66  GLU A N   1 
ATOM   517  C CA  . GLU A 1 67  ? -10.470 2.167   10.761  1.00 46.36 ? 66  GLU A CA  1 
ATOM   518  C C   . GLU A 1 67  ? -9.084  2.798   10.694  1.00 44.19 ? 66  GLU A C   1 
ATOM   519  O O   . GLU A 1 67  ? -8.904  3.863   10.091  1.00 43.80 ? 66  GLU A O   1 
ATOM   520  C CB  . GLU A 1 67  ? -11.145 2.487   12.097  1.00 49.65 ? 66  GLU A CB  1 
ATOM   521  C CG  . GLU A 1 67  ? -12.635 2.175   12.137  1.00 54.40 ? 66  GLU A CG  1 
ATOM   522  C CD  . GLU A 1 67  ? -13.238 2.339   13.523  1.00 61.23 ? 66  GLU A CD  1 
ATOM   523  O OE1 . GLU A 1 67  ? -12.474 2.329   14.513  1.00 61.73 ? 66  GLU A OE1 1 
ATOM   524  O OE2 . GLU A 1 67  ? -14.475 2.473   13.626  1.00 65.82 ? 66  GLU A OE2 1 
ATOM   525  N N   . ILE A 1 68  ? -8.090  2.148   11.303  1.00 41.83 ? 67  ILE A N   1 
ATOM   526  C CA  . ILE A 1 68  ? -6.725  2.668   11.263  1.00 46.06 ? 67  ILE A CA  1 
ATOM   527  C C   . ILE A 1 68  ? -6.215  2.707   9.828   1.00 41.19 ? 67  ILE A C   1 
ATOM   528  O O   . ILE A 1 68  ? -5.603  3.691   9.393   1.00 42.45 ? 67  ILE A O   1 
ATOM   529  C CB  . ILE A 1 68  ? -5.803  1.827   12.164  1.00 46.32 ? 67  ILE A CB  1 
ATOM   530  C CG1 . ILE A 1 68  ? -6.241  1.937   13.624  1.00 48.60 ? 67  ILE A CG1 1 
ATOM   531  C CG2 . ILE A 1 68  ? -4.351  2.258   11.998  1.00 48.89 ? 67  ILE A CG2 1 
ATOM   532  C CD1 . ILE A 1 68  ? -5.856  0.739   14.455  1.00 52.24 ? 67  ILE A CD1 1 
ATOM   533  N N   . PHE A 1 69  ? -6.461  1.639   9.068   1.00 42.25 ? 68  PHE A N   1 
ATOM   534  C CA  . PHE A 1 69  ? -5.999  1.616   7.686   1.00 41.12 ? 68  PHE A CA  1 
ATOM   535  C C   . PHE A 1 69  ? -6.777  2.593   6.815   1.00 40.02 ? 68  PHE A C   1 
ATOM   536  O O   . PHE A 1 69  ? -6.232  3.112   5.838   1.00 39.40 ? 68  PHE A O   1 
ATOM   537  C CB  . PHE A 1 69  ? -6.082  0.199   7.125   1.00 37.35 ? 68  PHE A CB  1 
ATOM   538  C CG  . PHE A 1 69  ? -4.781  -0.538  7.185   1.00 37.64 ? 68  PHE A CG  1 
ATOM   539  C CD1 . PHE A 1 69  ? -3.817  -0.342  6.210   1.00 31.97 ? 68  PHE A CD1 1 
ATOM   540  C CD2 . PHE A 1 69  ? -4.508  -1.405  8.227   1.00 37.06 ? 68  PHE A CD2 1 
ATOM   541  C CE1 . PHE A 1 69  ? -2.613  -1.014  6.266   1.00 31.45 ? 68  PHE A CE1 1 
ATOM   542  C CE2 . PHE A 1 69  ? -3.304  -2.076  8.286   1.00 38.86 ? 68  PHE A CE2 1 
ATOM   543  C CZ  . PHE A 1 69  ? -2.356  -1.880  7.304   1.00 37.03 ? 68  PHE A CZ  1 
ATOM   544  N N   . GLU A 1 70  ? -8.034  2.875   7.158   1.00 40.34 ? 69  GLU A N   1 
ATOM   545  C CA  . GLU A 1 70  ? -8.774  3.907   6.443   1.00 43.21 ? 69  GLU A CA  1 
ATOM   546  C C   . GLU A 1 70  ? -8.179  5.284   6.705   1.00 44.21 ? 69  GLU A C   1 
ATOM   547  O O   . GLU A 1 70  ? -8.033  6.091   5.780   1.00 43.73 ? 69  GLU A O   1 
ATOM   548  C CB  . GLU A 1 70  ? -10.248 3.872   6.844   1.00 41.92 ? 69  GLU A CB  1 
ATOM   549  C CG  . GLU A 1 70  ? -11.203 4.216   5.716   1.00 50.51 ? 69  GLU A CG  1 
ATOM   550  C CD  . GLU A 1 70  ? -12.649 4.265   6.172   1.00 56.67 ? 69  GLU A CD  1 
ATOM   551  O OE1 . GLU A 1 70  ? -13.220 5.375   6.225   1.00 56.90 ? 69  GLU A OE1 1 
ATOM   552  O OE2 . GLU A 1 70  ? -13.210 3.192   6.479   1.00 58.05 ? 69  GLU A OE2 1 
ATOM   553  N N   . THR A 1 71  ? -7.821  5.566   7.961   1.00 45.03 ? 70  THR A N   1 
ATOM   554  C CA  . THR A 1 71  ? -7.148  6.826   8.266   1.00 45.23 ? 70  THR A CA  1 
ATOM   555  C C   . THR A 1 71  ? -5.800  6.913   7.558   1.00 44.30 ? 70  THR A C   1 
ATOM   556  O O   . THR A 1 71  ? -5.401  7.988   7.093   1.00 44.10 ? 70  THR A O   1 
ATOM   557  C CB  . THR A 1 71  ? -6.969  6.983   9.777   1.00 46.49 ? 70  THR A CB  1 
ATOM   558  O OG1 . THR A 1 71  ? -6.187  5.895   10.284  1.00 49.03 ? 70  THR A OG1 1 
ATOM   559  C CG2 . THR A 1 71  ? -8.322  6.998   10.476  1.00 39.84 ? 70  THR A CG2 1 
ATOM   560  N N   . LEU A 1 72  ? -5.087  5.788   7.459   1.00 41.91 ? 71  LEU A N   1 
ATOM   561  C CA  . LEU A 1 72  ? -3.799  5.784   6.772   1.00 39.46 ? 71  LEU A CA  1 
ATOM   562  C C   . LEU A 1 72  ? -3.967  6.021   5.277   1.00 39.93 ? 71  LEU A C   1 
ATOM   563  O O   . LEU A 1 72  ? -3.187  6.763   4.667   1.00 40.61 ? 71  LEU A O   1 
ATOM   564  C CB  . LEU A 1 72  ? -3.071  4.467   7.025   1.00 42.32 ? 71  LEU A CB  1 
ATOM   565  C CG  . LEU A 1 72  ? -2.416  4.290   8.396   1.00 41.65 ? 71  LEU A CG  1 
ATOM   566  C CD1 . LEU A 1 72  ? -1.958  2.852   8.580   1.00 40.66 ? 71  LEU A CD1 1 
ATOM   567  C CD2 . LEU A 1 72  ? -1.252  5.253   8.563   1.00 42.65 ? 71  LEU A CD2 1 
ATOM   568  N N   . ALA A 1 73  ? -4.976  5.397   4.667   1.00 41.29 ? 72  ALA A N   1 
ATOM   569  C CA  . ALA A 1 73  ? -5.230  5.604   3.246   1.00 41.20 ? 72  ALA A CA  1 
ATOM   570  C C   . ALA A 1 73  ? -5.670  7.034   2.974   1.00 43.15 ? 72  ALA A C   1 
ATOM   571  O O   . ALA A 1 73  ? -5.313  7.616   1.942   1.00 46.58 ? 72  ALA A O   1 
ATOM   572  C CB  . ALA A 1 73  ? -6.280  4.609   2.750   1.00 37.19 ? 72  ALA A CB  1 
ATOM   573  N N   . LYS A 1 74  ? -6.440  7.624   3.893   1.00 41.13 ? 73  LYS A N   1 
ATOM   574  C CA  . LYS A 1 74  ? -6.811  9.028   3.752   1.00 46.14 ? 73  LYS A CA  1 
ATOM   575  C C   . LYS A 1 74  ? -5.593  9.935   3.875   1.00 42.34 ? 73  LYS A C   1 
ATOM   576  O O   . LYS A 1 74  ? -5.457  10.906  3.123   1.00 43.98 ? 73  LYS A O   1 
ATOM   577  C CB  . LYS A 1 74  ? -7.868  9.399   4.795   1.00 44.18 ? 73  LYS A CB  1 
ATOM   578  C CG  . LYS A 1 74  ? -8.223  10.879  4.832   1.00 53.98 ? 73  LYS A CG  1 
ATOM   579  C CD  . LYS A 1 74  ? -7.694  11.553  6.092   1.00 57.26 ? 73  LYS A CD  1 
ATOM   580  C CE  . LYS A 1 74  ? -8.548  12.753  6.477   1.00 59.20 ? 73  LYS A CE  1 
ATOM   581  N NZ  . LYS A 1 74  ? -7.938  13.548  7.580   1.00 57.70 ? 73  LYS A NZ  1 
ATOM   582  N N   . ALA A 1 75  ? -4.692  9.628   4.810   1.00 42.67 ? 74  ALA A N   1 
ATOM   583  C CA  . ALA A 1 75  ? -3.542  10.494  5.044   1.00 43.70 ? 74  ALA A CA  1 
ATOM   584  C C   . ALA A 1 75  ? -2.505  10.353  3.935   1.00 42.89 ? 74  ALA A C   1 
ATOM   585  O O   . ALA A 1 75  ? -1.997  11.354  3.417   1.00 43.54 ? 74  ALA A O   1 
ATOM   586  C CB  . ALA A 1 75  ? -2.921  10.182  6.406   1.00 45.25 ? 74  ALA A CB  1 
ATOM   587  N N   . ASN A 1 76  ? -2.179  9.117   3.558   1.00 39.71 ? 75  ASN A N   1 
ATOM   588  C CA  . ASN A 1 76  ? -1.127  8.840   2.578   1.00 37.65 ? 75  ASN A CA  1 
ATOM   589  C C   . ASN A 1 76  ? -1.766  8.664   1.207   1.00 39.09 ? 75  ASN A C   1 
ATOM   590  O O   . ASN A 1 76  ? -2.294  7.595   0.887   1.00 32.77 ? 75  ASN A O   1 
ATOM   591  C CB  . ASN A 1 76  ? -0.329  7.603   2.977   1.00 38.20 ? 75  ASN A CB  1 
ATOM   592  C CG  . ASN A 1 76  ? 0.903   7.395   2.111   1.00 34.20 ? 75  ASN A CG  1 
ATOM   593  O OD1 . ASN A 1 76  ? 1.004   7.931   1.008   1.00 30.95 ? 75  ASN A OD1 1 
ATOM   594  N ND2 . ASN A 1 76  ? 1.846   6.602   2.608   1.00 34.26 ? 75  ASN A ND2 1 
ATOM   595  N N   . LYS A 1 77  ? -1.691  9.711   0.384   1.00 33.79 ? 76  LYS A N   1 
ATOM   596  C CA  . LYS A 1 77  ? -2.142  9.661   -1.000  1.00 35.18 ? 76  LYS A CA  1 
ATOM   597  C C   . LYS A 1 77  ? -0.976  9.652   -1.984  1.00 35.12 ? 76  LYS A C   1 
ATOM   598  O O   . LYS A 1 77  ? -1.152  10.012  -3.152  1.00 35.44 ? 76  LYS A O   1 
ATOM   599  C CB  . LYS A 1 77  ? -3.078  10.832  -1.295  1.00 39.60 ? 76  LYS A CB  1 
ATOM   600  C CG  . LYS A 1 77  ? -4.350  10.833  -0.459  1.00 41.01 ? 76  LYS A CG  1 
ATOM   601  C CD  . LYS A 1 77  ? -5.254  11.995  -0.834  1.00 44.70 ? 76  LYS A CD  1 
ATOM   602  C CE  . LYS A 1 77  ? -4.991  13.202  0.051   1.00 47.26 ? 76  LYS A CE  1 
ATOM   603  N NZ  . LYS A 1 77  ? -5.715  13.094  1.348   1.00 50.79 ? 76  LYS A NZ  1 
ATOM   604  N N   . SER A 1 78  ? 0.211   9.244   -1.535  1.00 30.41 ? 77  SER A N   1 
ATOM   605  C CA  . SER A 1 78  ? 1.403   9.181   -2.385  1.00 31.82 ? 77  SER A CA  1 
ATOM   606  C C   . SER A 1 78  ? 1.564   7.739   -2.853  1.00 29.24 ? 77  SER A C   1 
ATOM   607  O O   . SER A 1 78  ? 2.247   6.934   -2.222  1.00 28.52 ? 77  SER A O   1 
ATOM   608  C CB  . SER A 1 78  ? 2.639   9.663   -1.635  1.00 32.67 ? 77  SER A CB  1 
ATOM   609  O OG  . SER A 1 78  ? 2.415   10.918  -1.018  1.00 36.86 ? 77  SER A OG  1 
ATOM   610  N N   . PHE A 1 79  ? 0.929   7.414   -3.972  1.00 29.49 ? 78  PHE A N   1 
ATOM   611  C CA  . PHE A 1 79  ? 0.974   6.053   -4.483  1.00 30.05 ? 78  PHE A CA  1 
ATOM   612  C C   . PHE A 1 79  ? 2.308   5.778   -5.161  1.00 30.00 ? 78  PHE A C   1 
ATOM   613  O O   . PHE A 1 79  ? 2.919   6.663   -5.767  1.00 29.53 ? 78  PHE A O   1 
ATOM   614  C CB  . PHE A 1 79  ? -0.172  5.810   -5.469  1.00 30.48 ? 78  PHE A CB  1 
ATOM   615  C CG  . PHE A 1 79  ? -1.531  5.812   -4.831  1.00 35.46 ? 78  PHE A CG  1 
ATOM   616  C CD1 . PHE A 1 79  ? -2.132  4.627   -4.447  1.00 32.87 ? 78  PHE A CD1 1 
ATOM   617  C CD2 . PHE A 1 79  ? -2.207  7.001   -4.615  1.00 36.22 ? 78  PHE A CD2 1 
ATOM   618  C CE1 . PHE A 1 79  ? -3.388  4.625   -3.859  1.00 35.11 ? 78  PHE A CE1 1 
ATOM   619  C CE2 . PHE A 1 79  ? -3.459  7.006   -4.024  1.00 38.34 ? 78  PHE A CE2 1 
ATOM   620  C CZ  . PHE A 1 79  ? -4.049  5.816   -3.647  1.00 34.22 ? 78  PHE A CZ  1 
ATOM   621  N N   . LYS A 1 80  ? 2.766   4.534   -5.041  1.00 28.34 ? 79  LYS A N   1 
ATOM   622  C CA  . LYS A 1 80  ? 3.926   4.094   -5.798  1.00 28.23 ? 79  LYS A CA  1 
ATOM   623  C C   . LYS A 1 80  ? 3.576   4.028   -7.277  1.00 31.40 ? 79  LYS A C   1 
ATOM   624  O O   . LYS A 1 80  ? 2.411   3.877   -7.654  1.00 28.42 ? 79  LYS A O   1 
ATOM   625  C CB  . LYS A 1 80  ? 4.404   2.720   -5.326  1.00 30.35 ? 79  LYS A CB  1 
ATOM   626  C CG  . LYS A 1 80  ? 5.016   2.673   -3.941  1.00 33.46 ? 79  LYS A CG  1 
ATOM   627  C CD  . LYS A 1 80  ? 5.425   1.245   -3.602  1.00 32.89 ? 79  LYS A CD  1 
ATOM   628  C CE  . LYS A 1 80  ? 5.792   1.086   -2.139  1.00 34.71 ? 79  LYS A CE  1 
ATOM   629  N NZ  . LYS A 1 80  ? 5.865   -0.358  -1.775  1.00 37.65 ? 79  LYS A NZ  1 
ATOM   630  N N   . ILE A 1 81  ? 4.598   4.140   -8.118  1.00 23.36 ? 80  ILE A N   1 
ATOM   631  C CA  . ILE A 1 81  ? 4.421   4.025   -9.561  1.00 30.16 ? 80  ILE A CA  1 
ATOM   632  C C   . ILE A 1 81  ? 4.527   2.555   -9.938  1.00 25.99 ? 80  ILE A C   1 
ATOM   633  O O   . ILE A 1 81  ? 5.554   1.914   -9.688  1.00 25.51 ? 80  ILE A O   1 
ATOM   634  C CB  . ILE A 1 81  ? 5.455   4.866   -10.323 1.00 28.57 ? 80  ILE A CB  1 
ATOM   635  C CG1 . ILE A 1 81  ? 5.351   6.333   -9.911  1.00 30.09 ? 80  ILE A CG1 1 
ATOM   636  C CG2 . ILE A 1 81  ? 5.249   4.723   -11.828 1.00 27.07 ? 80  ILE A CG2 1 
ATOM   637  C CD1 . ILE A 1 81  ? 6.182   7.274   -10.776 1.00 37.59 ? 80  ILE A CD1 1 
ATOM   638  N N   . GLU A 1 82  ? 3.461   2.015   -10.525 1.00 24.97 ? 81  GLU A N   1 
ATOM   639  C CA  . GLU A 1 82  ? 3.496   0.642   -11.006 1.00 28.89 ? 81  GLU A CA  1 
ATOM   640  C C   . GLU A 1 82  ? 4.490   0.518   -12.150 1.00 26.65 ? 81  GLU A C   1 
ATOM   641  O O   . GLU A 1 82  ? 4.529   1.361   -13.053 1.00 24.77 ? 81  GLU A O   1 
ATOM   642  C CB  . GLU A 1 82  ? 2.112   0.197   -11.472 1.00 32.58 ? 81  GLU A CB  1 
ATOM   643  C CG  . GLU A 1 82  ? 1.047   0.229   -10.398 1.00 38.09 ? 81  GLU A CG  1 
ATOM   644  C CD  . GLU A 1 82  ? -0.350  0.327   -10.981 1.00 44.38 ? 81  GLU A CD  1 
ATOM   645  O OE1 . GLU A 1 82  ? -0.785  1.453   -11.304 1.00 48.16 ? 81  GLU A OE1 1 
ATOM   646  O OE2 . GLU A 1 82  ? -1.006  -0.726  -11.123 1.00 49.61 ? 81  GLU A OE2 1 
ATOM   647  N N   . LYS A 1 83  ? 5.301   -0.541  -12.105 1.00 26.27 ? 82  LYS A N   1 
ATOM   648  C CA  . LYS A 1 83  ? 6.304   -0.741  -13.143 1.00 26.57 ? 82  LYS A CA  1 
ATOM   649  C C   . LYS A 1 83  ? 5.659   -1.105  -14.471 1.00 27.58 ? 82  LYS A C   1 
ATOM   650  O O   . LYS A 1 83  ? 6.129   -0.679  -15.532 1.00 25.31 ? 82  LYS A O   1 
ATOM   651  C CB  . LYS A 1 83  ? 7.305   -1.822  -12.716 1.00 29.78 ? 82  LYS A CB  1 
ATOM   652  C CG  . LYS A 1 83  ? 8.469   -2.009  -13.689 1.00 31.30 ? 82  LYS A CG  1 
ATOM   653  C CD  . LYS A 1 83  ? 9.558   -2.915  -13.118 1.00 33.10 ? 82  LYS A CD  1 
ATOM   654  C CE  . LYS A 1 83  ? 10.091  -2.412  -11.784 1.00 38.74 ? 82  LYS A CE  1 
ATOM   655  N NZ  . LYS A 1 83  ? 10.632  -1.026  -11.851 1.00 47.23 ? 82  LYS A NZ  1 
ATOM   656  N N   . PHE A 1 84  ? 4.574   -1.878  -14.434 1.00 24.42 ? 83  PHE A N   1 
ATOM   657  C CA  . PHE A 1 84  ? 3.898   -2.319  -15.643 1.00 26.62 ? 83  PHE A CA  1 
ATOM   658  C C   . PHE A 1 84  ? 2.412   -2.004  -15.561 1.00 29.25 ? 83  PHE A C   1 
ATOM   659  O O   . PHE A 1 84  ? 1.823   -1.953  -14.478 1.00 32.19 ? 83  PHE A O   1 
ATOM   660  C CB  . PHE A 1 84  ? 4.091   -3.826  -15.880 1.00 28.17 ? 83  PHE A CB  1 
ATOM   661  C CG  . PHE A 1 84  ? 5.516   -4.268  -15.803 1.00 28.47 ? 83  PHE A CG  1 
ATOM   662  C CD1 . PHE A 1 84  ? 6.364   -4.106  -16.886 1.00 31.00 ? 83  PHE A CD1 1 
ATOM   663  C CD2 . PHE A 1 84  ? 6.016   -4.826  -14.639 1.00 26.44 ? 83  PHE A CD2 1 
ATOM   664  C CE1 . PHE A 1 84  ? 7.682   -4.505  -16.809 1.00 28.87 ? 83  PHE A CE1 1 
ATOM   665  C CE2 . PHE A 1 84  ? 7.330   -5.225  -14.557 1.00 29.01 ? 83  PHE A CE2 1 
ATOM   666  C CZ  . PHE A 1 84  ? 8.167   -5.054  -15.639 1.00 29.09 ? 83  PHE A CZ  1 
ATOM   667  N N   . ARG A 1 85  ? 1.818   -1.777  -16.729 1.00 26.87 ? 84  ARG A N   1 
ATOM   668  C CA  . ARG A 1 85  ? 0.375   -1.694  -16.872 1.00 31.69 ? 84  ARG A CA  1 
ATOM   669  C C   . ARG A 1 85  ? -0.042  -2.557  -18.052 1.00 35.17 ? 84  ARG A C   1 
ATOM   670  O O   . ARG A 1 85  ? 0.733   -2.768  -18.983 1.00 30.86 ? 84  ARG A O   1 
ATOM   671  C CB  . ARG A 1 85  ? -0.095  -0.253  -17.077 1.00 31.37 ? 84  ARG A CB  1 
ATOM   672  C CG  . ARG A 1 85  ? -0.016  0.586   -15.817 1.00 37.42 ? 84  ARG A CG  1 
ATOM   673  C CD  . ARG A 1 85  ? -0.729  1.911   -15.981 1.00 35.65 ? 84  ARG A CD  1 
ATOM   674  N NE  . ARG A 1 85  ? -0.692  2.691   -14.748 1.00 35.73 ? 84  ARG A NE  1 
ATOM   675  C CZ  . ARG A 1 85  ? -1.089  3.956   -14.658 1.00 43.27 ? 84  ARG A CZ  1 
ATOM   676  N NH1 . ARG A 1 85  ? -1.551  4.584   -15.731 1.00 37.58 ? 84  ARG A NH1 1 
ATOM   677  N NH2 . ARG A 1 85  ? -1.023  4.594   -13.496 1.00 42.99 ? 84  ARG A NH2 1 
ATOM   678  N N   . CYS A 1 86  ? -1.265  -3.072  -18.005 1.00 32.55 ? 85  CYS A N   1 
ATOM   679  C CA  . CYS A 1 86  ? -1.768  -3.928  -19.071 1.00 34.89 ? 85  CYS A CA  1 
ATOM   680  C C   . CYS A 1 86  ? -3.130  -3.426  -19.521 1.00 38.65 ? 85  CYS A C   1 
ATOM   681  O O   . CYS A 1 86  ? -3.995  -3.140  -18.687 1.00 36.81 ? 85  CYS A O   1 
ATOM   682  C CB  . CYS A 1 86  ? -1.858  -5.391  -18.612 1.00 34.84 ? 85  CYS A CB  1 
ATOM   683  S SG  . CYS A 1 86  ? -2.758  -6.505  -19.737 1.00 38.46 ? 85  CYS A SG  1 
ATOM   684  N N   . SER A 1 87  ? -3.307  -3.297  -20.834 1.00 33.62 ? 86  SER A N   1 
ATOM   685  C CA  . SER A 1 87  ? -4.617  -3.044  -21.424 1.00 39.24 ? 86  SER A CA  1 
ATOM   686  C C   . SER A 1 87  ? -5.146  -4.383  -21.935 1.00 41.13 ? 86  SER A C   1 
ATOM   687  O O   . SER A 1 87  ? -4.574  -4.978  -22.863 1.00 39.41 ? 86  SER A O   1 
ATOM   688  C CB  . SER A 1 87  ? -4.531  -1.989  -22.527 1.00 42.51 ? 86  SER A CB  1 
ATOM   689  O OG  . SER A 1 87  ? -4.505  -2.574  -23.817 1.00 51.51 ? 86  SER A OG  1 
ATOM   690  N N   . HIS A 1 88  ? -6.209  -4.878  -21.292 1.00 41.20 ? 87  HIS A N   1 
ATOM   691  C CA  . HIS A 1 88  ? -6.707  -6.215  -21.590 1.00 41.93 ? 87  HIS A CA  1 
ATOM   692  C C   . HIS A 1 88  ? -7.520  -6.252  -22.873 1.00 45.18 ? 87  HIS A C   1 
ATOM   693  O O   . HIS A 1 88  ? -7.607  -7.307  -23.511 1.00 45.15 ? 87  HIS A O   1 
ATOM   694  C CB  . HIS A 1 88  ? -7.555  -6.736  -20.432 1.00 42.54 ? 87  HIS A CB  1 
ATOM   695  C CG  . HIS A 1 88  ? -6.794  -6.891  -19.151 1.00 43.90 ? 87  HIS A CG  1 
ATOM   696  N ND1 . HIS A 1 88  ? -6.505  -5.821  -18.333 1.00 44.75 ? 87  HIS A ND1 1 
ATOM   697  C CD2 . HIS A 1 88  ? -6.269  -7.982  -18.545 1.00 44.81 ? 87  HIS A CD2 1 
ATOM   698  C CE1 . HIS A 1 88  ? -5.827  -6.245  -17.281 1.00 43.36 ? 87  HIS A CE1 1 
ATOM   699  N NE2 . HIS A 1 88  ? -5.674  -7.552  -17.383 1.00 45.27 ? 87  HIS A NE2 1 
ATOM   700  N N   . GLY A 1 89  ? -8.118  -5.126  -23.264 1.00 40.58 ? 88  GLY A N   1 
ATOM   701  C CA  . GLY A 1 89  ? -8.851  -5.089  -24.517 1.00 43.91 ? 88  GLY A CA  1 
ATOM   702  C C   . GLY A 1 89  ? -7.948  -5.095  -25.735 1.00 50.66 ? 88  GLY A C   1 
ATOM   703  O O   . GLY A 1 89  ? -8.330  -5.607  -26.791 1.00 56.20 ? 88  GLY A O   1 
ATOM   704  N N   . TYR A 1 90  ? -6.750  -4.524  -25.615 1.00 47.63 ? 89  TYR A N   1 
ATOM   705  C CA  . TYR A 1 90  ? -5.788  -4.534  -26.707 1.00 48.05 ? 89  TYR A CA  1 
ATOM   706  C C   . TYR A 1 90  ? -4.730  -5.617  -26.560 1.00 48.31 ? 89  TYR A C   1 
ATOM   707  O O   . TYR A 1 90  ? -3.900  -5.771  -27.464 1.00 48.18 ? 89  TYR A O   1 
ATOM   708  C CB  . TYR A 1 90  ? -5.092  -3.172  -26.821 1.00 48.58 ? 89  TYR A CB  1 
ATOM   709  C CG  . TYR A 1 90  ? -5.990  -2.067  -27.321 1.00 53.97 ? 89  TYR A CG  1 
ATOM   710  C CD1 . TYR A 1 90  ? -6.799  -2.257  -28.433 1.00 56.00 ? 89  TYR A CD1 1 
ATOM   711  C CD2 . TYR A 1 90  ? -6.033  -0.837  -26.679 1.00 53.00 ? 89  TYR A CD2 1 
ATOM   712  C CE1 . TYR A 1 90  ? -7.623  -1.250  -28.895 1.00 55.15 ? 89  TYR A CE1 1 
ATOM   713  C CE2 . TYR A 1 90  ? -6.854  0.176   -27.134 1.00 59.46 ? 89  TYR A CE2 1 
ATOM   714  C CZ  . TYR A 1 90  ? -7.647  -0.037  -28.243 1.00 58.03 ? 89  TYR A CZ  1 
ATOM   715  O OH  . TYR A 1 90  ? -8.468  0.966   -28.702 1.00 63.59 ? 89  TYR A OH  1 
ATOM   716  N N   . ASN A 1 91  ? -4.714  -6.333  -25.432 1.00 43.17 ? 90  ASN A N   1 
ATOM   717  C CA  . ASN A 1 91  ? -3.693  -7.380  -25.149 1.00 39.53 ? 90  ASN A CA  1 
ATOM   718  C C   . ASN A 1 91  ? -2.266  -6.813  -25.205 1.00 43.28 ? 90  ASN A C   1 
ATOM   719  O O   . ASN A 1 91  ? -1.436  -7.374  -25.885 1.00 38.48 ? 90  ASN A O   1 
ATOM   720  C CB  . ASN A 1 91  ? -3.795  -8.518  -26.146 1.00 42.13 ? 90  ASN A CB  1 
ATOM   721  C CG  . ASN A 1 91  ? -3.185  -9.769  -25.584 1.00 46.23 ? 90  ASN A CG  1 
ATOM   722  O OD1 . ASN A 1 91  ? -3.393  -10.093 -24.435 1.00 47.31 ? 90  ASN A OD1 1 
ATOM   723  N ND2 . ASN A 1 91  ? -2.460  -10.487 -26.406 1.00 51.82 ? 90  ASN A ND2 1 
ATOM   724  N N   . GLU A 1 92  ? -2.043  -5.683  -24.547 1.00 39.98 ? 91  GLU A N   1 
ATOM   725  C CA  . GLU A 1 92  ? -0.739  -4.999  -24.607 1.00 38.92 ? 91  GLU A CA  1 
ATOM   726  C C   . GLU A 1 92  ? -0.215  -4.725  -23.217 1.00 36.88 ? 91  GLU A C   1 
ATOM   727  O O   . GLU A 1 92  ? -0.988  -4.420  -22.345 1.00 33.26 ? 91  GLU A O   1 
ATOM   728  C CB  . GLU A 1 92  ? -0.896  -3.649  -25.279 1.00 39.83 ? 91  GLU A CB  1 
ATOM   729  C CG  . GLU A 1 92  ? -1.031  -3.777  -26.760 1.00 46.39 ? 91  GLU A CG  1 
ATOM   730  C CD  . GLU A 1 92  ? -1.093  -2.464  -27.494 1.00 50.49 ? 91  GLU A CD  1 
ATOM   731  O OE1 . GLU A 1 92  ? -1.340  -1.461  -26.865 1.00 51.73 ? 91  GLU A OE1 1 
ATOM   732  O OE2 . GLU A 1 92  ? -0.886  -2.475  -28.693 1.00 59.27 ? 91  GLU A OE2 1 
ATOM   733  N N   . ILE A 1 93  ? 1.087   -4.829  -23.069 1.00 31.11 ? 92  ILE A N   1 
ATOM   734  C CA  . ILE A 1 93  ? 1.725   -4.526  -21.776 1.00 27.78 ? 92  ILE A CA  1 
ATOM   735  C C   . ILE A 1 93  ? 2.640   -3.310  -21.953 1.00 34.55 ? 92  ILE A C   1 
ATOM   736  O O   . ILE A 1 93  ? 3.401   -3.262  -22.904 1.00 30.88 ? 92  ILE A O   1 
ATOM   737  C CB  . ILE A 1 93  ? 2.448   -5.752  -21.225 1.00 32.36 ? 92  ILE A CB  1 
ATOM   738  C CG1 . ILE A 1 93  ? 1.463   -6.884  -20.946 1.00 32.90 ? 92  ILE A CG1 1 
ATOM   739  C CG2 . ILE A 1 93  ? 3.226   -5.372  -19.999 1.00 25.86 ? 92  ILE A CG2 1 
ATOM   740  C CD1 . ILE A 1 93  ? 2.103   -8.104  -20.432 1.00 37.58 ? 92  ILE A CD1 1 
ATOM   741  N N   . TYR A 1 94  ? 2.536   -2.381  -21.024 1.00 27.51 ? 93  TYR A N   1 
ATOM   742  C CA  . TYR A 1 94  ? 3.337   -1.154  -21.056 1.00 28.34 ? 93  TYR A CA  1 
ATOM   743  C C   . TYR A 1 94  ? 4.241   -1.102  -19.835 1.00 29.25 ? 93  TYR A C   1 
ATOM   744  O O   . TYR A 1 94  ? 3.927   -1.641  -18.799 1.00 28.69 ? 93  TYR A O   1 
ATOM   745  C CB  . TYR A 1 94  ? 2.457   0.084   -21.132 1.00 28.97 ? 93  TYR A CB  1 
ATOM   746  C CG  . TYR A 1 94  ? 1.343   0.027   -22.133 1.00 34.86 ? 93  TYR A CG  1 
ATOM   747  C CD1 . TYR A 1 94  ? 1.489   0.525   -23.407 1.00 38.52 ? 93  TYR A CD1 1 
ATOM   748  C CD2 . TYR A 1 94  ? 0.125   -0.495  -21.784 1.00 35.55 ? 93  TYR A CD2 1 
ATOM   749  C CE1 . TYR A 1 94  ? 0.468   0.463   -24.332 1.00 41.26 ? 93  TYR A CE1 1 
ATOM   750  C CE2 . TYR A 1 94  ? -0.926  -0.521  -22.674 1.00 43.94 ? 93  TYR A CE2 1 
ATOM   751  C CZ  . TYR A 1 94  ? -0.748  -0.060  -23.958 1.00 45.40 ? 93  TYR A CZ  1 
ATOM   752  O OH  . TYR A 1 94  ? -1.797  -0.091  -24.810 1.00 51.25 ? 93  TYR A OH  1 
ATOM   753  N N   . LYS A 1 95  ? 5.378   -0.471  -20.030 1.00 24.42 ? 94  LYS A N   1 
ATOM   754  C CA  . LYS A 1 95  ? 6.383   -0.351  -18.960 1.00 21.24 ? 94  LYS A CA  1 
ATOM   755  C C   . LYS A 1 95  ? 6.666   1.120   -18.686 1.00 25.59 ? 94  LYS A C   1 
ATOM   756  O O   . LYS A 1 95  ? 6.815   1.862   -19.615 1.00 25.20 ? 94  LYS A O   1 
ATOM   757  C CB  . LYS A 1 95  ? 7.645   -1.126  -19.313 1.00 25.47 ? 94  LYS A CB  1 
ATOM   758  C CG  . LYS A 1 95  ? 8.603   -1.256  -18.155 1.00 24.09 ? 94  LYS A CG  1 
ATOM   759  C CD  . LYS A 1 95  ? 9.741   -2.145  -18.456 1.00 32.49 ? 94  LYS A CD  1 
ATOM   760  C CE  . LYS A 1 95  ? 10.667  -2.262  -17.275 1.00 38.13 ? 94  LYS A CE  1 
ATOM   761  N NZ  . LYS A 1 95  ? 11.927  -2.937  -17.640 1.00 43.67 ? 94  LYS A NZ  1 
ATOM   762  N N   . TYR A 1 96  ? 6.708   1.487   -17.418 1.00 22.95 ? 95  TYR A N   1 
ATOM   763  C CA  . TYR A 1 96  ? 6.941   2.883   -17.087 1.00 25.22 ? 95  TYR A CA  1 
ATOM   764  C C   . TYR A 1 96  ? 8.378   3.258   -17.409 1.00 26.85 ? 95  TYR A C   1 
ATOM   765  O O   . TYR A 1 96  ? 9.309   2.515   -17.090 1.00 23.81 ? 95  TYR A O   1 
ATOM   766  C CB  . TYR A 1 96  ? 6.647   3.147   -15.615 1.00 24.02 ? 95  TYR A CB  1 
ATOM   767  C CG  . TYR A 1 96  ? 6.837   4.590   -15.225 1.00 26.92 ? 95  TYR A CG  1 
ATOM   768  C CD1 . TYR A 1 96  ? 5.896   5.548   -15.585 1.00 25.86 ? 95  TYR A CD1 1 
ATOM   769  C CD2 . TYR A 1 96  ? 7.953   5.000   -14.501 1.00 29.17 ? 95  TYR A CD2 1 
ATOM   770  C CE1 . TYR A 1 96  ? 6.055   6.871   -15.237 1.00 28.08 ? 95  TYR A CE1 1 
ATOM   771  C CE2 . TYR A 1 96  ? 8.120   6.333   -14.147 1.00 27.40 ? 95  TYR A CE2 1 
ATOM   772  C CZ  . TYR A 1 96  ? 7.166   7.259   -14.518 1.00 30.05 ? 95  TYR A CZ  1 
ATOM   773  O OH  . TYR A 1 96  ? 7.318   8.583   -14.173 1.00 31.77 ? 95  TYR A OH  1 
ATOM   774  N N   . SER A 1 97  ? 8.558   4.410   -18.045 1.00 28.64 ? 96  SER A N   1 
ATOM   775  C CA  . SER A 1 97  ? 9.891   4.908   -18.362 1.00 29.22 ? 96  SER A CA  1 
ATOM   776  C C   . SER A 1 97  ? 10.171  6.155   -17.537 1.00 28.80 ? 96  SER A C   1 
ATOM   777  O O   . SER A 1 97  ? 9.499   7.180   -17.734 1.00 25.79 ? 96  SER A O   1 
ATOM   778  C CB  . SER A 1 97  ? 10.012  5.215   -19.856 1.00 31.43 ? 96  SER A CB  1 
ATOM   779  O OG  . SER A 1 97  ? 11.152  6.019   -20.127 1.00 34.42 ? 96  SER A OG  1 
ATOM   780  N N   . PRO A 1 98  ? 11.129  6.120   -16.600 1.00 29.88 ? 97  PRO A N   1 
ATOM   781  C CA  . PRO A 1 98  ? 11.507  7.356   -15.886 1.00 34.08 ? 97  PRO A CA  1 
ATOM   782  C C   . PRO A 1 98  ? 11.945  8.471   -16.811 1.00 30.60 ? 97  PRO A C   1 
ATOM   783  O O   . PRO A 1 98  ? 11.766  9.651   -16.483 1.00 36.95 ? 97  PRO A O   1 
ATOM   784  C CB  . PRO A 1 98  ? 12.677  6.909   -14.995 1.00 32.95 ? 97  PRO A CB  1 
ATOM   785  C CG  . PRO A 1 98  ? 12.554  5.414   -14.891 1.00 37.25 ? 97  PRO A CG  1 
ATOM   786  C CD  . PRO A 1 98  ? 11.956  4.968   -16.199 1.00 32.47 ? 97  PRO A CD  1 
ATOM   787  N N   . ASP A 1 99  ? 12.549  8.127   -17.945 1.00 34.02 ? 98  ASP A N   1 
ATOM   788  C CA  . ASP A 1 99  ? 13.095  9.123   -18.852 1.00 33.67 ? 98  ASP A CA  1 
ATOM   789  C C   . ASP A 1 99  ? 12.021  9.794   -19.691 1.00 37.87 ? 98  ASP A C   1 
ATOM   790  O O   . ASP A 1 99  ? 12.310  10.781  -20.373 1.00 41.64 ? 98  ASP A O   1 
ATOM   791  C CB  . ASP A 1 99  ? 14.146  8.491   -19.764 1.00 37.43 ? 98  ASP A CB  1 
ATOM   792  C CG  . ASP A 1 99  ? 15.416  8.109   -19.017 1.00 40.65 ? 98  ASP A CG  1 
ATOM   793  O OD1 . ASP A 1 99  ? 15.666  8.665   -17.926 1.00 38.67 ? 98  ASP A OD1 1 
ATOM   794  O OD2 . ASP A 1 99  ? 16.170  7.255   -19.529 1.00 47.15 ? 98  ASP A OD2 1 
ATOM   795  N N   . HIS A 1 100 ? 10.802  9.281   -19.665 1.00 32.09 ? 99  HIS A N   1 
ATOM   796  C CA  . HIS A 1 100 ? 9.688   9.925   -20.328 1.00 31.00 ? 99  HIS A CA  1 
ATOM   797  C C   . HIS A 1 100 ? 8.557   10.262  -19.380 1.00 30.74 ? 99  HIS A C   1 
ATOM   798  O O   . HIS A 1 100 ? 7.622   10.963  -19.788 1.00 32.13 ? 99  HIS A O   1 
ATOM   799  C CB  . HIS A 1 100 ? 9.168   9.040   -21.468 1.00 31.59 ? 99  HIS A CB  1 
ATOM   800  C CG  . HIS A 1 100 ? 10.179  8.818   -22.548 1.00 34.69 ? 99  HIS A CG  1 
ATOM   801  N ND1 . HIS A 1 100 ? 11.084  7.779   -22.518 1.00 37.34 ? 99  HIS A ND1 1 
ATOM   802  C CD2 . HIS A 1 100 ? 10.453  9.526   -23.668 1.00 34.49 ? 99  HIS A CD2 1 
ATOM   803  C CE1 . HIS A 1 100 ? 11.860  7.844   -23.585 1.00 34.24 ? 99  HIS A CE1 1 
ATOM   804  N NE2 . HIS A 1 100 ? 11.499  8.896   -24.298 1.00 40.07 ? 99  HIS A NE2 1 
ATOM   805  N N   . GLU A 1 101 ? 8.631   9.810   -18.125 1.00 25.35 ? 100 GLU A N   1 
ATOM   806  C CA  . GLU A 1 101 ? 7.552   9.975   -17.155 1.00 27.85 ? 100 GLU A CA  1 
ATOM   807  C C   . GLU A 1 101 ? 6.222   9.550   -17.764 1.00 27.91 ? 100 GLU A C   1 
ATOM   808  O O   . GLU A 1 101 ? 5.195   10.214  -17.614 1.00 25.82 ? 100 GLU A O   1 
ATOM   809  C CB  . GLU A 1 101 ? 7.509   11.409  -16.626 1.00 32.26 ? 100 GLU A CB  1 
ATOM   810  C CG  . GLU A 1 101 ? 8.773   11.775  -15.861 1.00 33.89 ? 100 GLU A CG  1 
ATOM   811  C CD  . GLU A 1 101 ? 8.829   13.235  -15.458 1.00 39.50 ? 100 GLU A CD  1 
ATOM   812  O OE1 . GLU A 1 101 ? 8.809   14.106  -16.356 1.00 30.28 ? 100 GLU A OE1 1 
ATOM   813  O OE2 . GLU A 1 101 ? 8.898   13.507  -14.241 1.00 42.81 ? 100 GLU A OE2 1 
ATOM   814  N N   . ALA A 1 102 ? 6.254   8.422   -18.472 1.00 27.73 ? 101 ALA A N   1 
ATOM   815  C CA  . ALA A 1 102 ? 5.085   7.907   -19.166 1.00 28.06 ? 101 ALA A CA  1 
ATOM   816  C C   . ALA A 1 102 ? 5.245   6.407   -19.346 1.00 27.62 ? 101 ALA A C   1 
ATOM   817  O O   . ALA A 1 102 ? 6.342   5.855   -19.207 1.00 26.51 ? 101 ALA A O   1 
ATOM   818  C CB  . ALA A 1 102 ? 4.884   8.594   -20.522 1.00 30.44 ? 101 ALA A CB  1 
ATOM   819  N N   . TYR A 1 103 ? 4.131   5.757   -19.655 1.00 25.33 ? 102 TYR A N   1 
ATOM   820  C CA  . TYR A 1 103 ? 4.119   4.323   -19.912 1.00 27.73 ? 102 TYR A CA  1 
ATOM   821  C C   . TYR A 1 103 ? 4.310   4.090   -21.403 1.00 31.17 ? 102 TYR A C   1 
ATOM   822  O O   . TYR A 1 103 ? 3.557   4.627   -22.224 1.00 37.41 ? 102 TYR A O   1 
ATOM   823  C CB  . TYR A 1 103 ? 2.815   3.697   -19.424 1.00 23.13 ? 102 TYR A CB  1 
ATOM   824  C CG  . TYR A 1 103 ? 2.754   3.552   -17.927 1.00 23.70 ? 102 TYR A CG  1 
ATOM   825  C CD1 . TYR A 1 103 ? 3.206   2.393   -17.302 1.00 27.00 ? 102 TYR A CD1 1 
ATOM   826  C CD2 . TYR A 1 103 ? 2.256   4.575   -17.134 1.00 24.01 ? 102 TYR A CD2 1 
ATOM   827  C CE1 . TYR A 1 103 ? 3.152   2.256   -15.925 1.00 26.09 ? 102 TYR A CE1 1 
ATOM   828  C CE2 . TYR A 1 103 ? 2.197   4.448   -15.757 1.00 28.73 ? 102 TYR A CE2 1 
ATOM   829  C CZ  . TYR A 1 103 ? 2.649   3.289   -15.159 1.00 27.70 ? 102 TYR A CZ  1 
ATOM   830  O OH  . TYR A 1 103 ? 2.593   3.167   -13.790 1.00 26.25 ? 102 TYR A OH  1 
ATOM   831  N N   . LEU A 1 104 ? 5.316   3.301   -21.752 1.00 25.56 ? 103 LEU A N   1 
ATOM   832  C CA  . LEU A 1 104 ? 5.629   3.008   -23.139 1.00 25.71 ? 103 LEU A CA  1 
ATOM   833  C C   . LEU A 1 104 ? 5.273   1.562   -23.442 1.00 27.59 ? 103 LEU A C   1 
ATOM   834  O O   . LEU A 1 104 ? 5.381   0.690   -22.575 1.00 29.10 ? 103 LEU A O   1 
ATOM   835  C CB  . LEU A 1 104 ? 7.109   3.262   -23.434 1.00 30.88 ? 103 LEU A CB  1 
ATOM   836  C CG  . LEU A 1 104 ? 7.577   4.695   -23.174 1.00 36.84 ? 103 LEU A CG  1 
ATOM   837  C CD1 . LEU A 1 104 ? 9.083   4.808   -23.332 1.00 37.97 ? 103 LEU A CD1 1 
ATOM   838  C CD2 . LEU A 1 104 ? 6.866   5.658   -24.107 1.00 37.50 ? 103 LEU A CD2 1 
ATOM   839  N N   . PHE A 1 105 ? 4.837   1.319   -24.676 1.00 28.95 ? 104 PHE A N   1 
ATOM   840  C CA  . PHE A 1 105 ? 4.576   -0.046  -25.112 1.00 32.18 ? 104 PHE A CA  1 
ATOM   841  C C   . PHE A 1 105 ? 5.798   -0.911  -24.844 1.00 30.61 ? 104 PHE A C   1 
ATOM   842  O O   . PHE A 1 105 ? 6.925   -0.546  -25.190 1.00 27.65 ? 104 PHE A O   1 
ATOM   843  C CB  . PHE A 1 105 ? 4.218   -0.081  -26.599 1.00 33.25 ? 104 PHE A CB  1 
ATOM   844  C CG  . PHE A 1 105 ? 4.072   -1.474  -27.155 1.00 37.37 ? 104 PHE A CG  1 
ATOM   845  C CD1 . PHE A 1 105 ? 2.856   -2.132  -27.101 1.00 36.84 ? 104 PHE A CD1 1 
ATOM   846  C CD2 . PHE A 1 105 ? 5.155   -2.127  -27.727 1.00 37.52 ? 104 PHE A CD2 1 
ATOM   847  C CE1 . PHE A 1 105 ? 2.719   -3.412  -27.606 1.00 38.67 ? 104 PHE A CE1 1 
ATOM   848  C CE2 . PHE A 1 105 ? 5.027   -3.410  -28.229 1.00 39.26 ? 104 PHE A CE2 1 
ATOM   849  C CZ  . PHE A 1 105 ? 3.807   -4.052  -28.171 1.00 38.67 ? 104 PHE A CZ  1 
ATOM   850  N N   . TYR A 1 106 ? 5.573   -2.053  -24.200 1.00 30.69 ? 105 TYR A N   1 
ATOM   851  C CA  . TYR A 1 106 ? 6.651   -2.974  -23.882 1.00 29.07 ? 105 TYR A CA  1 
ATOM   852  C C   . TYR A 1 106 ? 6.500   -4.288  -24.634 1.00 32.71 ? 105 TYR A C   1 
ATOM   853  O O   . TYR A 1 106 ? 7.378   -4.651  -25.420 1.00 28.85 ? 105 TYR A O   1 
ATOM   854  C CB  . TYR A 1 106 ? 6.713   -3.211  -22.369 1.00 29.12 ? 105 TYR A CB  1 
ATOM   855  C CG  . TYR A 1 106 ? 7.879   -4.073  -21.943 1.00 32.28 ? 105 TYR A CG  1 
ATOM   856  C CD1 . TYR A 1 106 ? 9.189   -3.614  -22.050 1.00 34.03 ? 105 TYR A CD1 1 
ATOM   857  C CD2 . TYR A 1 106 ? 7.672   -5.348  -21.443 1.00 33.04 ? 105 TYR A CD2 1 
ATOM   858  C CE1 . TYR A 1 106 ? 10.258  -4.407  -21.664 1.00 32.93 ? 105 TYR A CE1 1 
ATOM   859  C CE2 . TYR A 1 106 ? 8.729   -6.144  -21.054 1.00 35.74 ? 105 TYR A CE2 1 
ATOM   860  C CZ  . TYR A 1 106 ? 10.019  -5.671  -21.164 1.00 36.59 ? 105 TYR A CZ  1 
ATOM   861  O OH  . TYR A 1 106 ? 11.070  -6.470  -20.776 1.00 35.38 ? 105 TYR A OH  1 
ATOM   862  N N   . CYS A 1 107 ? 5.394   -5.000  -24.440 1.00 28.36 ? 106 CYS A N   1 
ATOM   863  C CA  . CYS A 1 107 ? 5.224   -6.295  -25.086 1.00 34.68 ? 106 CYS A CA  1 
ATOM   864  C C   . CYS A 1 107 ? 3.739   -6.584  -25.274 1.00 36.91 ? 106 CYS A C   1 
ATOM   865  O O   . CYS A 1 107 ? 2.873   -5.805  -24.873 1.00 36.95 ? 106 CYS A O   1 
ATOM   866  C CB  . CYS A 1 107 ? 5.941   -7.393  -24.288 1.00 34.44 ? 106 CYS A CB  1 
ATOM   867  S SG  . CYS A 1 107 ? 5.120   -7.902  -22.769 1.00 36.40 ? 106 CYS A SG  1 
ATOM   868  N N   . LYS A 1 108 ? 3.455   -7.681  -25.961 1.00 37.88 ? 107 LYS A N   1 
ATOM   869  C CA  . LYS A 1 108 ? 2.099   -8.192  -26.095 1.00 41.78 ? 107 LYS A CA  1 
ATOM   870  C C   . LYS A 1 108 ? 1.864   -9.258  -25.035 1.00 38.15 ? 107 LYS A C   1 
ATOM   871  O O   . LYS A 1 108 ? 2.773   -10.011 -24.675 1.00 41.32 ? 107 LYS A O   1 
ATOM   872  C CB  . LYS A 1 108 ? 1.860   -8.775  -27.493 1.00 42.41 ? 107 LYS A CB  1 
ATOM   873  C CG  . LYS A 1 108 ? 1.871   -7.739  -28.601 1.00 43.72 ? 107 LYS A CG  1 
ATOM   874  C CD  . LYS A 1 108 ? 0.750   -6.726  -28.413 1.00 46.55 ? 107 LYS A CD  1 
ATOM   875  C CE  . LYS A 1 108 ? -0.577  -7.254  -28.938 1.00 49.17 ? 107 LYS A CE  1 
ATOM   876  N NZ  . LYS A 1 108 ? -0.707  -7.097  -30.415 1.00 50.83 ? 107 LYS A NZ  1 
ATOM   877  N N   . GLY A 1 109 ? 0.648   -9.303  -24.519 1.00 40.88 ? 108 GLY A N   1 
ATOM   878  C CA  . GLY A 1 109 ? 0.292   -10.289 -23.517 1.00 37.40 ? 108 GLY A CA  1 
ATOM   879  C C   . GLY A 1 109 ? -0.801  -9.771  -22.611 1.00 41.25 ? 108 GLY A C   1 
ATOM   880  O O   . GLY A 1 109 ? -1.153  -8.593  -22.622 1.00 44.37 ? 108 GLY A O   1 
ATOM   881  N N   . GLY A 1 110 ? -1.345  -10.689 -21.817 1.00 37.98 ? 109 GLY A N   1 
ATOM   882  C CA  . GLY A 1 110 ? -2.412  -10.366 -20.894 1.00 35.75 ? 109 GLY A CA  1 
ATOM   883  C C   . GLY A 1 110 ? -1.985  -10.455 -19.446 1.00 36.57 ? 109 GLY A C   1 
ATOM   884  O O   . GLY A 1 110 ? -0.820  -10.201 -19.117 1.00 35.08 ? 109 GLY A O   1 
ATOM   885  N N   . GLN A 1 111 ? -2.919  -10.831 -18.568 1.00 35.32 ? 110 GLN A N   1 
ATOM   886  C CA  . GLN A 1 111 ? -2.623  -10.857 -17.140 1.00 37.76 ? 110 GLN A CA  1 
ATOM   887  C C   . GLN A 1 111 ? -1.529  -11.863 -16.801 1.00 35.21 ? 110 GLN A C   1 
ATOM   888  O O   . GLN A 1 111 ? -0.753  -11.635 -15.867 1.00 38.43 ? 110 GLN A O   1 
ATOM   889  C CB  . GLN A 1 111 ? -3.895  -11.163 -16.344 1.00 38.89 ? 110 GLN A CB  1 
ATOM   890  C CG  . GLN A 1 111 ? -3.722  -11.062 -14.833 1.00 40.75 ? 110 GLN A CG  1 
ATOM   891  C CD  . GLN A 1 111 ? -3.592  -9.626  -14.351 1.00 36.59 ? 110 GLN A CD  1 
ATOM   892  O OE1 . GLN A 1 111 ? -3.985  -8.689  -15.043 1.00 45.48 ? 110 GLN A OE1 1 
ATOM   893  N NE2 . GLN A 1 111 ? -3.040  -9.450  -13.155 1.00 41.35 ? 110 GLN A NE2 1 
ATOM   894  N N   . GLY A 1 112 ? -1.446  -12.972 -17.536 1.00 40.91 ? 111 GLY A N   1 
ATOM   895  C CA  . GLY A 1 112 ? -0.418  -13.959 -17.240 1.00 36.86 ? 111 GLY A CA  1 
ATOM   896  C C   . GLY A 1 112 ? 0.981   -13.440 -17.520 1.00 36.06 ? 111 GLY A C   1 
ATOM   897  O O   . GLY A 1 112 ? 1.888   -13.568 -16.687 1.00 33.99 ? 111 GLY A O   1 
ATOM   898  N N   . GLN A 1 113 ? 1.176   -12.846 -18.700 1.00 39.72 ? 112 GLN A N   1 
ATOM   899  C CA  . GLN A 1 113 ? 2.462   -12.234 -19.013 1.00 39.80 ? 112 GLN A CA  1 
ATOM   900  C C   . GLN A 1 113 ? 2.768   -11.096 -18.050 1.00 33.30 ? 112 GLN A C   1 
ATOM   901  O O   . GLN A 1 113 ? 3.916   -10.922 -17.625 1.00 32.09 ? 112 GLN A O   1 
ATOM   902  C CB  . GLN A 1 113 ? 2.473   -11.741 -20.459 1.00 39.98 ? 112 GLN A CB  1 
ATOM   903  C CG  . GLN A 1 113 ? 3.771   -11.067 -20.886 1.00 41.73 ? 112 GLN A CG  1 
ATOM   904  C CD  . GLN A 1 113 ? 4.808   -12.053 -21.387 1.00 45.43 ? 112 GLN A CD  1 
ATOM   905  O OE1 . GLN A 1 113 ? 5.218   -12.966 -20.668 1.00 48.92 ? 112 GLN A OE1 1 
ATOM   906  N NE2 . GLN A 1 113 ? 5.238   -11.875 -22.632 1.00 49.34 ? 112 GLN A NE2 1 
ATOM   907  N N   . LEU A 1 114 ? 1.750   -10.314 -17.684 1.00 33.11 ? 113 LEU A N   1 
ATOM   908  C CA  . LEU A 1 114 ? 1.948   -9.239  -16.717 1.00 31.06 ? 113 LEU A CA  1 
ATOM   909  C C   . LEU A 1 114 ? 2.460   -9.784  -15.390 1.00 32.65 ? 113 LEU A C   1 
ATOM   910  O O   . LEU A 1 114 ? 3.407   -9.243  -14.810 1.00 28.64 ? 113 LEU A O   1 
ATOM   911  C CB  . LEU A 1 114 ? 0.641   -8.469  -16.513 1.00 32.68 ? 113 LEU A CB  1 
ATOM   912  C CG  . LEU A 1 114 ? 0.672   -7.374  -15.445 1.00 30.51 ? 113 LEU A CG  1 
ATOM   913  C CD1 . LEU A 1 114 ? 1.512   -6.209  -15.926 1.00 33.00 ? 113 LEU A CD1 1 
ATOM   914  C CD2 . LEU A 1 114 ? -0.737  -6.910  -15.087 1.00 33.77 ? 113 LEU A CD2 1 
ATOM   915  N N   . ASN A 1 115 ? 1.851   -10.868 -14.899 1.00 34.98 ? 114 ASN A N   1 
ATOM   916  C CA  . ASN A 1 115 ? 2.272   -11.432 -13.621 1.00 31.18 ? 114 ASN A CA  1 
ATOM   917  C C   . ASN A 1 115 ? 3.673   -12.016 -13.713 1.00 29.77 ? 114 ASN A C   1 
ATOM   918  O O   . ASN A 1 115 ? 4.458   -11.918 -12.762 1.00 31.03 ? 114 ASN A O   1 
ATOM   919  C CB  . ASN A 1 115 ? 1.280   -12.498 -13.159 1.00 37.60 ? 114 ASN A CB  1 
ATOM   920  C CG  . ASN A 1 115 ? 0.007   -11.904 -12.593 1.00 39.82 ? 114 ASN A CG  1 
ATOM   921  O OD1 . ASN A 1 115 ? 0.026   -10.837 -11.970 1.00 43.40 ? 114 ASN A OD1 1 
ATOM   922  N ND2 . ASN A 1 115 ? -1.105  -12.599 -12.790 1.00 39.07 ? 114 ASN A ND2 1 
ATOM   923  N N   . LYS A 1 116 ? 4.002   -12.611 -14.842 1.00 32.76 ? 115 LYS A N   1 
ATOM   924  C CA  . LYS A 1 116 ? 5.366   -13.149 -15.022 1.00 35.14 ? 115 LYS A CA  1 
ATOM   925  C C   . LYS A 1 116 ? 6.365   -11.993 -14.984 1.00 34.88 ? 115 LYS A C   1 
ATOM   926  O O   . LYS A 1 116 ? 7.298   -12.084 -14.263 1.00 31.34 ? 115 LYS A O   1 
ATOM   927  C CB  . LYS A 1 116 ? 5.466   -13.875 -16.360 1.00 40.16 ? 115 LYS A CB  1 
ATOM   928  C CG  . LYS A 1 116 ? 6.858   -14.382 -16.704 1.00 46.36 ? 115 LYS A CG  1 
ATOM   929  C CD  . LYS A 1 116 ? 6.965   -15.060 -18.068 1.00 51.24 ? 115 LYS A CD  1 
ATOM   930  C CE  . LYS A 1 116 ? 8.258   -14.732 -18.786 1.00 51.34 ? 115 LYS A CE  1 
ATOM   931  N NZ  . LYS A 1 116 ? 8.678   -13.319 -18.570 1.00 46.40 ? 115 LYS A NZ  1 
ATOM   932  N N   . LEU A 1 117 ? 6.078   -10.904 -15.670 1.00 30.99 ? 116 LEU A N   1 
ATOM   933  C CA  . LEU A 1 117 ? 6.975   -9.726  -15.686 1.00 30.50 ? 116 LEU A CA  1 
ATOM   934  C C   . LEU A 1 117 ? 7.103   -9.157  -14.280 1.00 31.57 ? 116 LEU A C   1 
ATOM   935  O O   . LEU A 1 117 ? 8.170   -8.753  -13.926 1.00 31.97 ? 116 LEU A O   1 
ATOM   936  C CB  . LEU A 1 117 ? 6.457   -8.682  -16.672 1.00 30.00 ? 116 LEU A CB  1 
ATOM   937  C CG  . LEU A 1 117 ? 6.721   -9.020  -18.130 1.00 30.00 ? 116 LEU A CG  1 
ATOM   938  C CD1 . LEU A 1 117 ? 6.002   -8.077  -19.045 1.00 30.00 ? 116 LEU A CD1 1 
ATOM   939  C CD2 . LEU A 1 117 ? 8.205   -9.021  -18.433 1.00 30.00 ? 116 LEU A CD2 1 
ATOM   940  N N   . ILE A 1 118 ? 6.018   -9.115  -13.530 1.00 27.05 ? 117 ILE A N   1 
ATOM   941  C CA  . ILE A 1 118 ? 6.052   -8.589  -12.139 1.00 27.47 ? 117 ILE A CA  1 
ATOM   942  C C   . ILE A 1 118 ? 6.935   -9.496  -11.279 1.00 34.05 ? 117 ILE A C   1 
ATOM   943  O O   . ILE A 1 118 ? 7.731   -8.994  -10.514 1.00 29.98 ? 117 ILE A O   1 
ATOM   944  C CB  . ILE A 1 118 ? 4.631   -8.436  -11.571 1.00 31.56 ? 117 ILE A CB  1 
ATOM   945  C CG1 . ILE A 1 118 ? 3.845   -7.337  -12.283 1.00 31.64 ? 117 ILE A CG1 1 
ATOM   946  C CG2 . ILE A 1 118 ? 4.656   -8.239  -10.077 1.00 33.28 ? 117 ILE A CG2 1 
ATOM   947  C CD1 . ILE A 1 118 ? 2.539   -7.012  -11.651 1.00 33.14 ? 117 ILE A CD1 1 
ATOM   948  N N   . ALA A 1 119 ? 6.790   -10.804 -11.444 1.00 33.04 ? 118 ALA A N   1 
ATOM   949  C CA  . ALA A 1 119 ? 7.621   -11.693 -10.639 1.00 36.14 ? 118 ALA A CA  1 
ATOM   950  C C   . ALA A 1 119 ? 9.094   -11.545 -10.992 1.00 35.55 ? 118 ALA A C   1 
ATOM   951  O O   . ALA A 1 119 ? 9.958   -11.667 -10.117 1.00 37.22 ? 118 ALA A O   1 
ATOM   952  C CB  . ALA A 1 119 ? 7.173   -13.144 -10.816 1.00 30.05 ? 118 ALA A CB  1 
ATOM   953  N N   . GLU A 1 120 ? 9.400   -11.261 -12.258 1.00 36.86 ? 119 GLU A N   1 
ATOM   954  C CA  . GLU A 1 120 ? 10.789  -11.161 -12.689 1.00 34.92 ? 119 GLU A CA  1 
ATOM   955  C C   . GLU A 1 120 ? 11.410  -9.783  -12.481 1.00 40.75 ? 119 GLU A C   1 
ATOM   956  O O   . GLU A 1 120 ? 12.640  -9.687  -12.372 1.00 37.43 ? 119 GLU A O   1 
ATOM   957  C CB  . GLU A 1 120 ? 10.907  -11.554 -14.164 1.00 36.14 ? 119 GLU A CB  1 
ATOM   958  C CG  . GLU A 1 120 ? 10.905  -13.058 -14.380 1.00 41.15 ? 119 GLU A CG  1 
ATOM   959  C CD  . GLU A 1 120 ? 10.464  -13.453 -15.773 1.00 46.28 ? 119 GLU A CD  1 
ATOM   960  O OE1 . GLU A 1 120 ? 10.076  -14.626 -15.963 1.00 48.50 ? 119 GLU A OE1 1 
ATOM   961  O OE2 . GLU A 1 120 ? 10.509  -12.595 -16.680 1.00 48.71 ? 119 GLU A OE2 1 
ATOM   962  N N   . ASN A 1 121 ? 10.609  -8.717  -12.420 1.00 35.43 ? 120 ASN A N   1 
ATOM   963  C CA  . ASN A 1 121 ? 11.144  -7.365  -12.319 1.00 37.28 ? 120 ASN A CA  1 
ATOM   964  C C   . ASN A 1 121 ? 10.608  -6.559  -11.147 1.00 39.23 ? 120 ASN A C   1 
ATOM   965  O O   . ASN A 1 121 ? 11.147  -5.481  -10.875 1.00 36.27 ? 120 ASN A O   1 
ATOM   966  C CB  . ASN A 1 121 ? 10.865  -6.573  -13.606 1.00 33.38 ? 120 ASN A CB  1 
ATOM   967  C CG  . ASN A 1 121 ? 11.425  -7.246  -14.835 1.00 38.19 ? 120 ASN A CG  1 
ATOM   968  O OD1 . ASN A 1 121 ? 12.511  -6.906  -15.303 1.00 43.22 ? 120 ASN A OD1 1 
ATOM   969  N ND2 . ASN A 1 121 ? 10.684  -8.204  -15.372 1.00 34.16 ? 120 ASN A ND2 1 
ATOM   970  N N   . GLY A 1 122 ? 9.578   -7.023  -10.463 1.00 32.33 ? 121 GLY A N   1 
ATOM   971  C CA  . GLY A 1 122 ? 9.000   -6.236  -9.394  1.00 32.76 ? 121 GLY A CA  1 
ATOM   972  C C   . GLY A 1 122 ? 7.755   -5.495  -9.845  1.00 32.44 ? 121 GLY A C   1 
ATOM   973  O O   . GLY A 1 122 ? 7.583   -5.157  -11.023 1.00 32.88 ? 121 GLY A O   1 
ATOM   974  N N   . ARG A 1 123 ? 6.862   -5.237  -8.890  1.00 28.12 ? 122 ARG A N   1 
ATOM   975  C CA  . ARG A 1 123 ? 5.605   -4.567  -9.199  1.00 35.01 ? 122 ARG A CA  1 
ATOM   976  C C   . ARG A 1 123 ? 5.761   -3.056  -9.289  1.00 25.30 ? 122 ARG A C   1 
ATOM   977  O O   . ARG A 1 123 ? 5.087   -2.413  -10.102 1.00 25.42 ? 122 ARG A O   1 
ATOM   978  C CB  . ARG A 1 123 ? 4.559   -4.914  -8.139  1.00 33.72 ? 122 ARG A CB  1 
ATOM   979  C CG  . ARG A 1 123 ? 3.181   -4.363  -8.436  1.00 33.62 ? 122 ARG A CG  1 
ATOM   980  C CD  . ARG A 1 123 ? 2.191   -4.716  -7.331  1.00 37.82 ? 122 ARG A CD  1 
ATOM   981  N NE  . ARG A 1 123 ? 0.974   -3.914  -7.443  1.00 37.11 ? 122 ARG A NE  1 
ATOM   982  C CZ  . ARG A 1 123 ? 0.058   -3.797  -6.486  1.00 36.68 ? 122 ARG A CZ  1 
ATOM   983  N NH1 . ARG A 1 123 ? 0.210   -4.431  -5.332  1.00 31.74 ? 122 ARG A NH1 1 
ATOM   984  N NH2 . ARG A 1 123 ? -1.011  -3.039  -6.687  1.00 34.57 ? 122 ARG A NH2 1 
ATOM   985  N N   . PHE A 1 124 ? 6.631   -2.476  -8.471  1.00 29.14 ? 123 PHE A N   1 
ATOM   986  C CA  . PHE A 1 124 ? 6.717   -1.034  -8.329  1.00 26.66 ? 123 PHE A CA  1 
ATOM   987  C C   . PHE A 1 124 ? 8.102   -0.532  -8.696  1.00 36.10 ? 123 PHE A C   1 
ATOM   988  O O   . PHE A 1 124 ? 9.074   -1.289  -8.780  1.00 28.17 ? 123 PHE A O   1 
ATOM   989  C CB  . PHE A 1 124 ? 6.386   -0.595  -6.901  1.00 30.01 ? 123 PHE A CB  1 
ATOM   990  C CG  . PHE A 1 124 ? 4.987   -0.897  -6.491  1.00 30.07 ? 123 PHE A CG  1 
ATOM   991  C CD1 . PHE A 1 124 ? 3.925   -0.199  -7.042  1.00 30.56 ? 123 PHE A CD1 1 
ATOM   992  C CD2 . PHE A 1 124 ? 4.730   -1.878  -5.550  1.00 34.58 ? 123 PHE A CD2 1 
ATOM   993  C CE1 . PHE A 1 124 ? 2.628   -0.473  -6.659  1.00 32.06 ? 123 PHE A CE1 1 
ATOM   994  C CE2 . PHE A 1 124 ? 3.442   -2.161  -5.165  1.00 32.12 ? 123 PHE A CE2 1 
ATOM   995  C CZ  . PHE A 1 124 ? 2.386   -1.458  -5.720  1.00 30.84 ? 123 PHE A CZ  1 
ATOM   996  N N   . MET A 1 125 ? 8.172   0.780   -8.878  1.00 31.89 ? 124 MET A N   1 
ATOM   997  C CA  . MET A 1 125 ? 9.402   1.436   -9.269  1.00 38.01 ? 124 MET A CA  1 
ATOM   998  C C   . MET A 1 125 ? 10.404  1.514   -8.123  1.00 40.96 ? 124 MET A C   1 
ATOM   999  O O   . MET A 1 125 ? 10.039  1.382   -6.958  1.00 44.24 ? 124 MET A O   1 
ATOM   1000 C CB  . MET A 1 125 ? 9.111   2.840   -9.784  1.00 33.81 ? 124 MET A CB  1 
ATOM   1001 C CG  . MET A 1 125 ? 8.662   2.882   -11.236 1.00 30.95 ? 124 MET A CG  1 
ATOM   1002 S SD  . MET A 1 125 ? 9.824   2.049   -12.307 1.00 38.68 ? 124 MET A SD  1 
ATOM   1003 C CE  . MET A 1 125 ? 8.773   1.452   -13.586 1.00 29.44 ? 124 MET A CE  1 
HETATM 1004 O O   . HOH B 2 .   ? -4.565  -1.647  -5.908  1.00 34.14 ? 201 HOH A O   1 
HETATM 1005 O O   . HOH B 2 .   ? 12.377  0.632   -11.319 1.00 48.08 ? 202 HOH A O   1 
HETATM 1006 O O   . HOH B 2 .   ? 2.421   -5.926  -4.032  1.00 39.28 ? 203 HOH A O   1 
HETATM 1007 O O   . HOH B 2 .   ? 6.083   1.965   1.388   1.00 40.50 ? 204 HOH A O   1 
HETATM 1008 O O   . HOH B 2 .   ? 13.338  -5.413  -20.602 1.00 39.25 ? 205 HOH A O   1 
HETATM 1009 O O   . HOH B 2 .   ? 10.929  -6.196  -18.267 1.00 43.99 ? 206 HOH A O   1 
HETATM 1010 O O   . HOH B 2 .   ? -2.157  3.975   -18.128 1.00 63.17 ? 207 HOH A O   1 
HETATM 1011 O O   . HOH B 2 .   ? 11.247  0.680   -4.820  1.00 48.43 ? 208 HOH A O   1 
HETATM 1012 O O   . HOH B 2 .   ? -3.110  -7.578  -0.629  1.00 38.55 ? 209 HOH A O   1 
HETATM 1013 O O   . HOH B 2 .   ? 3.509   -3.200  -12.038 1.00 30.06 ? 210 HOH A O   1 
HETATM 1014 O O   . HOH B 2 .   ? -0.458  -13.078 -21.202 1.00 41.58 ? 211 HOH A O   1 
HETATM 1015 O O   . HOH B 2 .   ? 2.771   -8.574  18.357  1.00 61.23 ? 212 HOH A O   1 
HETATM 1016 O O   . HOH B 2 .   ? 4.845   -1.910  6.106   1.00 46.17 ? 213 HOH A O   1 
HETATM 1017 O O   . HOH B 2 .   ? 13.831  -7.462  -17.577 1.00 47.63 ? 214 HOH A O   1 
HETATM 1018 O O   . HOH B 2 .   ? 9.169   -0.204  -26.726 1.00 29.86 ? 215 HOH A O   1 
HETATM 1019 O O   . HOH B 2 .   ? -5.208  7.566   -0.808  1.00 36.77 ? 216 HOH A O   1 
HETATM 1020 O O   . HOH B 2 .   ? 2.968   -5.211  4.073   1.00 41.76 ? 217 HOH A O   1 
HETATM 1021 O O   . HOH B 2 .   ? 1.837   7.312   -19.515 1.00 32.32 ? 218 HOH A O   1 
HETATM 1022 O O   . HOH B 2 .   ? -5.190  0.913   -1.577  1.00 25.18 ? 219 HOH A O   1 
HETATM 1023 O O   . HOH B 2 .   ? 0.306   2.482   -6.412  1.00 31.24 ? 220 HOH A O   1 
HETATM 1024 O O   . HOH B 2 .   ? -1.366  -6.518  -2.114  1.00 35.59 ? 221 HOH A O   1 
HETATM 1025 O O   . HOH B 2 .   ? 13.251  -4.171  -15.320 1.00 42.90 ? 222 HOH A O   1 
HETATM 1026 O O   . HOH B 2 .   ? 11.135  5.338   6.938   1.00 59.85 ? 223 HOH A O   1 
HETATM 1027 O O   . HOH B 2 .   ? 0.234   12.099  0.407   1.00 43.15 ? 224 HOH A O   1 
HETATM 1028 O O   . HOH B 2 .   ? -2.426  -13.617 -20.200 1.00 46.49 ? 225 HOH A O   1 
HETATM 1029 O O   . HOH B 2 .   ? 13.762  5.527   -18.492 1.00 39.78 ? 226 HOH A O   1 
HETATM 1030 O O   . HOH B 2 .   ? 3.237   -11.987 -10.088 1.00 38.23 ? 227 HOH A O   1 
HETATM 1031 O O   . HOH B 2 .   ? 10.039  13.614  -18.986 1.00 33.83 ? 228 HOH A O   1 
HETATM 1032 O O   . HOH B 2 .   ? -2.665  -2.628  -15.419 1.00 41.87 ? 229 HOH A O   1 
HETATM 1033 O O   . HOH B 2 .   ? 1.093   3.782   -11.243 1.00 42.99 ? 230 HOH A O   1 
HETATM 1034 O O   . HOH B 2 .   ? 4.057   14.091  5.054   1.00 60.14 ? 231 HOH A O   1 
HETATM 1035 O O   . HOH B 2 .   ? 7.279   -6.680  -6.172  1.00 54.70 ? 232 HOH A O   1 
HETATM 1036 O O   . HOH B 2 .   ? 0.620   9.610   -6.188  1.00 38.40 ? 233 HOH A O   1 
HETATM 1037 O O   . HOH B 2 .   ? -3.769  -5.420  -14.584 1.00 35.01 ? 234 HOH A O   1 
HETATM 1038 O O   . HOH B 2 .   ? 15.535  -10.475 -9.931  1.00 41.25 ? 235 HOH A O   1 
HETATM 1039 O O   . HOH B 2 .   ? 9.107   -1.290  -3.880  1.00 49.55 ? 236 HOH A O   1 
HETATM 1040 O O   . HOH B 2 .   ? -18.767 -3.776  5.915   1.00 58.75 ? 237 HOH A O   1 
HETATM 1041 O O   . HOH B 2 .   ? 4.949   -5.934  -4.302  1.00 49.50 ? 238 HOH A O   1 
HETATM 1042 O O   . HOH B 2 .   ? 2.195   6.538   -11.107 1.00 42.74 ? 239 HOH A O   1 
HETATM 1043 O O   . HOH B 2 .   ? 4.427   -7.534  20.274  1.00 64.45 ? 240 HOH A O   1 
# 
